data_6EHI
#
_entry.id   6EHI
#
_cell.length_a   61.350
_cell.length_b   71.370
_cell.length_c   110.470
_cell.angle_alpha   81.360
_cell.angle_beta   74.300
_cell.angle_gamma   82.330
#
_symmetry.space_group_name_H-M   'P 1'
#
loop_
_entity.id
_entity.type
_entity.pdbx_description
1 polymer 'Nuclease NucT'
2 non-polymer 'ACETATE ION'
3 non-polymer GLYCEROL
4 non-polymer 'CHLORIDE ION'
5 water water
#
_entity_poly.entity_id   1
_entity_poly.type   'polypeptide(L)'
_entity_poly.pdbx_seq_one_letter_code
;GISEFKNSLFVLPYEQRDALNSLISGISSARESVKIAIYSFTHRDIARAIKSVASRGIKVQIIYDYESNHNNKQSTIGYL
DKYPNTKVCLLKGLKAKNGNYYGIMNQKVAIIDDKIVFLGSANWSKNAFENNYEVLLKTDDTETILKAKSYYQKMLESCV
GF
;
_entity_poly.pdbx_strand_id   A,B,C,D,E,F,G,H,I,J,K,L
#
loop_
_chem_comp.id
_chem_comp.type
_chem_comp.name
_chem_comp.formula
ACT non-polymer 'ACETATE ION' 'C2 H3 O2 -1'
CL non-polymer 'CHLORIDE ION' 'Cl -1'
GOL non-polymer GLYCEROL 'C3 H8 O3'
#
# COMPACT_ATOMS: atom_id res chain seq x y z
N GLU A 4 1.84 19.48 17.72
CA GLU A 4 1.17 19.24 16.40
C GLU A 4 1.05 20.48 15.48
N PHE A 5 1.28 20.23 14.20
CA PHE A 5 1.28 21.29 13.22
C PHE A 5 1.18 20.71 11.90
N LYS A 6 1.03 21.57 10.92
CA LYS A 6 0.90 21.16 9.58
C LYS A 6 1.87 22.01 8.80
N ASN A 7 2.82 21.35 8.16
CA ASN A 7 3.66 21.95 7.13
C ASN A 7 2.99 21.77 5.80
N SER A 8 2.80 22.84 5.08
CA SER A 8 2.46 22.74 3.68
C SER A 8 3.58 23.21 2.78
N LEU A 9 4.20 22.26 2.09
CA LEU A 9 5.26 22.57 1.10
C LEU A 9 4.74 22.69 -0.30
N PHE A 10 5.13 23.77 -0.96
CA PHE A 10 4.91 23.90 -2.36
C PHE A 10 6.25 23.94 -3.10
N VAL A 11 6.35 23.11 -4.14
CA VAL A 11 7.56 23.06 -4.91
C VAL A 11 7.22 23.69 -6.26
N LEU A 12 7.90 24.78 -6.56
CA LEU A 12 7.70 25.51 -7.78
C LEU A 12 8.74 25.11 -8.84
N PRO A 13 8.40 25.12 -10.15
CA PRO A 13 7.16 25.65 -10.72
C PRO A 13 5.95 24.70 -10.69
N TYR A 14 6.20 23.43 -10.39
CA TYR A 14 5.12 22.42 -10.43
C TYR A 14 3.82 22.86 -9.76
N GLU A 15 3.94 23.46 -8.56
CA GLU A 15 2.87 23.87 -7.78
C GLU A 15 2.83 25.44 -7.64
N GLN A 16 3.21 26.14 -8.71
CA GLN A 16 3.34 27.64 -8.65
C GLN A 16 1.99 28.29 -8.45
N ARG A 17 0.92 27.78 -9.06
CA ARG A 17 -0.42 28.44 -8.90
C ARG A 17 -0.98 28.19 -7.54
N ASP A 18 -0.86 26.97 -7.04
CA ASP A 18 -1.28 26.63 -5.67
C ASP A 18 -0.47 27.43 -4.64
N ALA A 19 0.84 27.61 -4.93
CA ALA A 19 1.72 28.43 -4.06
C ALA A 19 1.25 29.88 -3.96
N LEU A 20 1.03 30.50 -5.13
CA LEU A 20 0.58 31.88 -5.15
C LEU A 20 -0.72 31.99 -4.43
N ASN A 21 -1.66 31.12 -4.79
CA ASN A 21 -3.00 31.18 -4.24
C ASN A 21 -2.95 30.99 -2.72
N SER A 22 -2.08 30.13 -2.17
CA SER A 22 -1.94 29.93 -0.74
C SER A 22 -1.53 31.24 -0.05
N LEU A 23 -0.51 31.85 -0.61
CA LEU A 23 0.08 33.06 -0.04
C LEU A 23 -0.97 34.18 -0.10
N ILE A 24 -1.56 34.38 -1.27
CA ILE A 24 -2.55 35.42 -1.48
C ILE A 24 -3.72 35.22 -0.56
N SER A 25 -4.19 33.99 -0.46
CA SER A 25 -5.28 33.69 0.47
C SER A 25 -4.91 33.91 1.96
N GLY A 26 -3.69 33.56 2.33
CA GLY A 26 -3.21 33.77 3.68
C GLY A 26 -3.22 35.23 4.05
N ILE A 27 -2.80 36.08 3.12
CA ILE A 27 -2.73 37.54 3.39
C ILE A 27 -4.16 38.11 3.44
N SER A 28 -4.93 37.74 2.42
CA SER A 28 -6.28 38.23 2.18
C SER A 28 -7.22 37.93 3.28
N SER A 29 -7.11 36.73 3.86
CA SER A 29 -8.00 36.37 4.93
C SER A 29 -7.50 36.73 6.36
N ALA A 30 -6.36 37.41 6.52
CA ALA A 30 -5.91 37.85 7.84
C ALA A 30 -7.01 38.64 8.55
N ARG A 31 -7.09 38.40 9.82
CA ARG A 31 -8.11 39.03 10.68
C ARG A 31 -7.52 40.09 11.58
N GLU A 32 -6.18 40.09 11.78
CA GLU A 32 -5.48 41.03 12.69
C GLU A 32 -4.27 41.75 12.15
N SER A 33 -3.31 40.96 11.65
CA SER A 33 -2.04 41.54 11.27
C SER A 33 -1.31 40.74 10.21
N VAL A 34 -0.48 41.50 9.48
CA VAL A 34 0.34 40.91 8.43
C VAL A 34 1.70 41.54 8.55
N LYS A 35 2.70 40.68 8.80
CA LYS A 35 4.05 41.08 8.99
C LYS A 35 4.90 40.46 7.92
N ILE A 36 5.63 41.30 7.16
CA ILE A 36 6.33 40.77 5.98
C ILE A 36 7.73 41.29 5.97
N ALA A 37 8.71 40.41 5.70
CA ALA A 37 10.07 40.82 5.35
C ALA A 37 10.38 40.24 4.00
N ILE A 38 10.69 41.08 3.01
CA ILE A 38 10.86 40.62 1.65
C ILE A 38 12.00 41.30 0.98
N TYR A 39 12.86 40.50 0.31
CA TYR A 39 13.98 40.98 -0.46
C TYR A 39 13.51 41.77 -1.66
N SER A 40 12.77 41.10 -2.60
CA SER A 40 12.25 41.76 -3.79
C SER A 40 10.75 41.49 -3.86
N PHE A 41 9.96 42.53 -4.14
CA PHE A 41 8.55 42.44 -4.13
C PHE A 41 8.03 43.37 -5.24
N THR A 42 7.74 42.76 -6.37
CA THR A 42 7.29 43.46 -7.57
C THR A 42 5.92 42.97 -8.06
N HIS A 43 5.43 41.87 -7.52
CA HIS A 43 4.20 41.22 -7.95
C HIS A 43 3.00 42.03 -7.54
N ARG A 44 2.40 42.69 -8.52
CA ARG A 44 1.26 43.58 -8.29
C ARG A 44 -0.02 42.94 -7.72
N ASP A 45 -0.27 41.68 -8.04
CA ASP A 45 -1.43 41.02 -7.48
C ASP A 45 -1.25 40.78 -6.00
N ILE A 46 -0.03 40.47 -5.54
CA ILE A 46 0.15 40.30 -4.11
C ILE A 46 0.01 41.67 -3.39
N ALA A 47 0.52 42.72 -3.98
CA ALA A 47 0.35 44.06 -3.42
C ALA A 47 -1.15 44.42 -3.30
N ARG A 48 -1.91 44.08 -4.34
CA ARG A 48 -3.37 44.40 -4.29
C ARG A 48 -4.00 43.63 -3.16
N ALA A 49 -3.51 42.43 -2.87
CA ALA A 49 -4.04 41.60 -1.80
C ALA A 49 -3.74 42.23 -0.45
N ILE A 50 -2.55 42.80 -0.29
CA ILE A 50 -2.20 43.61 0.87
C ILE A 50 -3.11 44.83 1.05
N LYS A 51 -3.27 45.61 -0.01
CA LYS A 51 -4.21 46.75 -0.01
C LYS A 51 -5.63 46.32 0.42
N SER A 52 -6.05 45.15 -0.08
CA SER A 52 -7.39 44.65 0.15
C SER A 52 -7.59 44.36 1.64
N VAL A 53 -6.61 43.71 2.27
CA VAL A 53 -6.74 43.42 3.65
C VAL A 53 -6.50 44.65 4.56
N ALA A 54 -5.55 45.53 4.23
CA ALA A 54 -5.31 46.80 4.94
C ALA A 54 -6.63 47.62 4.84
N SER A 55 -7.34 47.49 3.74
CA SER A 55 -8.65 48.25 3.60
C SER A 55 -9.73 47.77 4.58
N ARG A 56 -9.52 46.62 5.19
CA ARG A 56 -10.49 46.05 6.13
C ARG A 56 -10.09 46.34 7.57
N GLY A 57 -9.03 47.11 7.78
CA GLY A 57 -8.52 47.53 9.04
C GLY A 57 -7.39 46.71 9.66
N ILE A 58 -6.88 45.72 8.92
CA ILE A 58 -5.73 44.93 9.40
C ILE A 58 -4.46 45.73 9.30
N LYS A 59 -3.60 45.59 10.29
CA LYS A 59 -2.32 46.29 10.33
C LYS A 59 -1.28 45.48 9.53
N VAL A 60 -0.64 46.14 8.57
CA VAL A 60 0.35 45.57 7.73
C VAL A 60 1.68 46.24 7.93
N GLN A 61 2.73 45.46 8.07
CA GLN A 61 4.10 45.97 8.19
C GLN A 61 4.96 45.21 7.15
N ILE A 62 5.74 45.94 6.39
CA ILE A 62 6.58 45.35 5.34
C ILE A 62 7.97 45.88 5.44
N ILE A 63 8.96 45.04 5.76
CA ILE A 63 10.41 45.37 5.70
C ILE A 63 10.94 44.93 4.33
N TYR A 64 11.37 45.87 3.48
CA TYR A 64 12.01 45.59 2.19
C TYR A 64 13.53 45.66 2.26
N ASP A 65 14.26 44.85 1.49
CA ASP A 65 15.70 45.09 1.33
C ASP A 65 16.02 46.55 0.87
N TYR A 66 17.01 47.16 1.52
CA TYR A 66 17.33 48.57 1.27
C TYR A 66 17.85 48.78 -0.15
N GLU A 67 18.88 48.09 -0.54
CA GLU A 67 19.43 48.36 -1.93
C GLU A 67 18.43 48.04 -3.05
N SER A 68 17.63 47.01 -2.87
CA SER A 68 16.73 46.57 -3.91
C SER A 68 15.53 47.49 -4.04
N ASN A 69 15.24 48.30 -3.01
CA ASN A 69 13.92 48.93 -2.93
C ASN A 69 13.92 50.43 -2.71
N HIS A 70 15.09 50.96 -2.35
CA HIS A 70 15.12 52.38 -1.90
C HIS A 70 14.85 53.31 -3.08
N ASN A 71 15.19 52.86 -4.26
CA ASN A 71 14.97 53.65 -5.50
C ASN A 71 14.68 52.75 -6.73
N ASN A 72 13.51 52.14 -6.74
CA ASN A 72 13.20 51.11 -7.71
C ASN A 72 11.76 51.26 -8.04
N LYS A 73 11.47 51.77 -9.26
CA LYS A 73 10.07 52.03 -9.66
C LYS A 73 9.30 50.74 -9.85
N GLN A 74 9.96 49.59 -10.00
CA GLN A 74 9.23 48.33 -10.18
C GLN A 74 8.89 47.76 -8.81
N SER A 75 9.50 48.30 -7.76
CA SER A 75 9.15 47.86 -6.37
C SER A 75 7.80 48.34 -5.98
N THR A 76 7.09 47.52 -5.22
CA THR A 76 5.78 47.87 -4.66
C THR A 76 5.84 48.89 -3.49
N ILE A 77 7.03 49.18 -2.97
CA ILE A 77 7.13 50.04 -1.78
C ILE A 77 6.42 51.39 -1.96
N GLY A 78 6.64 52.01 -3.13
CA GLY A 78 5.98 53.27 -3.44
C GLY A 78 4.47 53.18 -3.53
N TYR A 79 3.99 52.08 -4.07
CA TYR A 79 2.56 51.80 -4.27
C TYR A 79 1.91 51.58 -2.90
N LEU A 80 2.64 51.05 -1.91
CA LEU A 80 2.07 50.72 -0.64
C LEU A 80 2.39 51.69 0.48
N ASP A 81 3.37 52.54 0.27
CA ASP A 81 3.92 53.38 1.34
C ASP A 81 2.93 54.12 2.29
N LYS A 82 2.12 54.96 1.72
CA LYS A 82 1.20 55.74 2.54
C LYS A 82 -0.21 55.13 2.61
N TYR A 83 -0.35 53.85 2.27
CA TYR A 83 -1.63 53.18 2.34
C TYR A 83 -2.11 53.07 3.77
N PRO A 84 -3.41 53.25 4.01
CA PRO A 84 -3.95 53.07 5.36
C PRO A 84 -3.54 51.75 6.02
N ASN A 85 -3.20 51.84 7.29
CA ASN A 85 -2.82 50.72 8.17
C ASN A 85 -1.53 50.04 7.70
N THR A 86 -0.80 50.66 6.78
CA THR A 86 0.43 50.01 6.16
C THR A 86 1.69 50.80 6.50
N LYS A 87 2.64 50.11 7.12
CA LYS A 87 3.96 50.62 7.51
C LYS A 87 4.93 49.95 6.56
N VAL A 88 5.68 50.72 5.80
CA VAL A 88 6.79 50.15 4.96
C VAL A 88 8.09 50.74 5.41
N CYS A 89 9.19 49.97 5.34
CA CYS A 89 10.47 50.47 5.69
C CYS A 89 11.60 49.65 4.97
N LEU A 90 12.84 50.02 5.15
CA LEU A 90 13.97 49.47 4.41
C LEU A 90 15.00 48.97 5.37
N LEU A 91 15.70 47.88 5.03
CA LEU A 91 16.69 47.33 5.85
C LEU A 91 17.87 46.79 5.10
N LYS A 92 19.07 47.29 5.39
CA LYS A 92 20.30 46.70 4.85
C LYS A 92 20.89 45.71 5.87
N GLY A 93 21.69 44.77 5.37
CA GLY A 93 22.37 43.83 6.22
C GLY A 93 23.54 44.46 6.94
N LEU A 94 24.37 43.58 7.50
CA LEU A 94 25.53 43.93 8.36
C LEU A 94 26.74 44.28 7.53
N LYS A 95 27.65 45.07 8.11
CA LYS A 95 28.92 45.29 7.43
C LYS A 95 29.83 44.02 7.41
N ALA A 96 30.38 43.76 6.24
CA ALA A 96 31.19 42.58 6.03
C ALA A 96 32.46 42.72 6.88
N LYS A 97 32.92 41.60 7.48
CA LYS A 97 34.09 41.67 8.42
C LYS A 97 35.34 42.16 7.70
N ASN A 98 35.51 41.79 6.43
CA ASN A 98 36.77 42.13 5.74
C ASN A 98 36.51 42.96 4.47
N GLY A 99 35.35 43.60 4.38
CA GLY A 99 34.98 44.34 3.18
C GLY A 99 34.30 45.64 3.53
N ASN A 100 34.29 46.55 2.57
CA ASN A 100 33.59 47.79 2.73
C ASN A 100 32.24 47.73 2.02
N TYR A 101 31.46 46.72 2.34
CA TYR A 101 30.12 46.61 1.84
C TYR A 101 29.22 46.05 2.94
N TYR A 102 27.91 46.23 2.73
CA TYR A 102 26.93 45.64 3.66
C TYR A 102 26.14 44.46 2.99
N GLY A 103 25.66 43.57 3.87
CA GLY A 103 24.73 42.53 3.49
C GLY A 103 23.39 43.05 3.00
N ILE A 104 22.53 42.07 2.70
CA ILE A 104 21.24 42.30 2.23
C ILE A 104 20.19 41.73 3.21
N MET A 105 18.94 42.22 3.09
CA MET A 105 17.85 41.66 3.85
C MET A 105 17.17 40.65 2.85
N ASN A 106 17.65 39.43 2.88
CA ASN A 106 17.20 38.41 1.90
C ASN A 106 16.07 37.55 2.34
N GLN A 107 15.45 37.74 3.49
CA GLN A 107 14.29 37.00 3.84
C GLN A 107 13.09 37.14 2.90
N LYS A 108 12.26 36.07 2.78
CA LYS A 108 10.97 36.18 2.06
C LYS A 108 9.98 35.50 3.03
N VAL A 109 9.38 36.33 3.90
CA VAL A 109 8.68 35.82 5.05
C VAL A 109 7.39 36.58 5.19
N ALA A 110 6.29 35.86 5.41
CA ALA A 110 5.04 36.52 5.78
C ALA A 110 4.46 35.85 7.07
N ILE A 111 4.22 36.65 8.10
CA ILE A 111 3.59 36.16 9.33
C ILE A 111 2.14 36.69 9.38
N ILE A 112 1.19 35.80 9.48
CA ILE A 112 -0.20 36.18 9.41
C ILE A 112 -0.83 35.97 10.80
N ASP A 113 -1.38 37.04 11.38
CA ASP A 113 -2.00 36.96 12.72
C ASP A 113 -0.97 36.23 13.66
N ASP A 114 -1.44 35.29 14.48
CA ASP A 114 -0.43 34.44 15.23
C ASP A 114 -0.55 33.04 14.69
N LYS A 115 -1.00 32.93 13.45
CA LYS A 115 -1.46 31.66 12.98
C LYS A 115 -0.68 31.05 11.88
N ILE A 116 -0.05 31.84 11.02
CA ILE A 116 0.62 31.22 9.87
C ILE A 116 1.95 31.93 9.60
N VAL A 117 2.98 31.15 9.27
CA VAL A 117 4.18 31.74 8.68
C VAL A 117 4.47 31.07 7.35
N PHE A 118 4.79 31.93 6.36
CA PHE A 118 5.23 31.54 5.00
C PHE A 118 6.66 31.88 4.87
N LEU A 119 7.45 30.88 4.53
CA LEU A 119 8.85 31.16 4.25
C LEU A 119 9.40 30.29 3.12
N GLY A 120 10.63 30.48 2.68
CA GLY A 120 11.10 29.74 1.51
C GLY A 120 12.00 30.63 0.64
N SER A 121 12.12 30.26 -0.63
CA SER A 121 13.11 30.86 -1.53
C SER A 121 12.55 31.92 -2.40
N ALA A 122 11.23 32.03 -2.48
CA ALA A 122 10.64 32.78 -3.58
C ALA A 122 10.53 34.30 -3.21
N ASN A 123 11.14 35.13 -4.05
CA ASN A 123 10.85 36.54 -4.05
C ASN A 123 9.46 36.75 -4.57
N TRP A 124 8.87 37.88 -4.24
CA TRP A 124 7.44 38.16 -4.55
C TRP A 124 7.41 38.89 -5.88
N SER A 125 7.61 38.09 -6.91
CA SER A 125 7.72 38.55 -8.33
C SER A 125 6.96 37.57 -9.22
N LYS A 126 6.49 38.06 -10.37
CA LYS A 126 5.97 37.14 -11.35
C LYS A 126 7.06 36.10 -11.69
N ASN A 127 8.33 36.50 -11.77
CA ASN A 127 9.45 35.61 -12.14
C ASN A 127 9.48 34.41 -11.28
N ALA A 128 9.35 34.63 -9.99
CA ALA A 128 9.34 33.52 -9.02
C ALA A 128 8.10 32.57 -9.12
N PHE A 129 6.92 33.12 -9.36
CA PHE A 129 5.71 32.41 -9.38
C PHE A 129 5.34 31.87 -10.79
N GLU A 130 6.18 32.17 -11.77
CA GLU A 130 5.88 31.71 -13.16
C GLU A 130 6.99 30.92 -13.76
N ASN A 131 8.25 31.29 -13.55
CA ASN A 131 9.37 30.74 -14.29
C ASN A 131 10.44 29.95 -13.48
N ASN A 132 10.44 30.07 -12.15
CA ASN A 132 11.57 29.61 -11.37
C ASN A 132 11.28 28.35 -10.67
N TYR A 133 12.36 27.62 -10.39
CA TYR A 133 12.29 26.57 -9.32
C TYR A 133 12.40 27.35 -8.00
N GLU A 134 11.50 27.02 -7.10
CA GLU A 134 11.49 27.67 -5.79
C GLU A 134 10.92 26.69 -4.86
N VAL A 135 10.99 27.01 -3.59
CA VAL A 135 10.15 26.38 -2.61
C VAL A 135 9.42 27.41 -1.78
N LEU A 136 8.20 27.07 -1.37
CA LEU A 136 7.41 27.94 -0.48
C LEU A 136 6.83 27.03 0.60
N LEU A 137 7.10 27.32 1.86
CA LEU A 137 6.58 26.55 2.99
C LEU A 137 5.63 27.36 3.83
N LYS A 138 4.44 26.84 4.03
CA LYS A 138 3.45 27.36 4.98
C LYS A 138 3.43 26.48 6.21
N THR A 139 3.52 27.11 7.36
CA THR A 139 3.34 26.39 8.62
C THR A 139 2.50 27.12 9.60
N ASP A 140 1.77 26.34 10.42
CA ASP A 140 1.07 26.87 11.61
C ASP A 140 1.74 26.47 12.93
N ASP A 141 3.00 26.03 12.88
CA ASP A 141 3.70 25.63 14.04
C ASP A 141 3.93 26.82 14.95
N THR A 142 3.43 26.72 16.19
CA THR A 142 3.32 27.94 16.98
C THR A 142 4.73 28.35 17.50
N GLU A 143 5.63 27.41 17.77
CA GLU A 143 6.99 27.76 18.15
C GLU A 143 7.68 28.52 17.05
N THR A 144 7.53 28.05 15.80
CA THR A 144 8.11 28.79 14.63
C THR A 144 7.49 30.18 14.49
N ILE A 145 6.17 30.27 14.59
CA ILE A 145 5.47 31.55 14.50
C ILE A 145 5.96 32.50 15.58
N LEU A 146 6.01 32.08 16.85
CA LEU A 146 6.47 32.97 17.97
C LEU A 146 7.89 33.42 17.76
N LYS A 147 8.77 32.52 17.32
CA LYS A 147 10.09 32.93 17.11
C LYS A 147 10.15 33.96 15.90
N ALA A 148 9.46 33.68 14.82
CA ALA A 148 9.50 34.59 13.69
C ALA A 148 8.98 35.97 14.10
N LYS A 149 7.91 36.00 14.94
CA LYS A 149 7.40 37.28 15.48
C LYS A 149 8.42 38.01 16.34
N SER A 150 9.17 37.27 17.19
CA SER A 150 10.10 37.92 18.06
C SER A 150 11.24 38.62 17.35
N TYR A 151 11.79 37.90 16.35
CA TYR A 151 12.88 38.49 15.65
C TYR A 151 12.36 39.49 14.66
N TYR A 152 11.14 39.34 14.20
CA TYR A 152 10.55 40.33 13.30
C TYR A 152 10.55 41.74 13.99
N GLN A 153 10.10 41.77 15.20
CA GLN A 153 10.15 43.01 16.03
C GLN A 153 11.50 43.61 16.19
N LYS A 154 12.52 42.77 16.36
CA LYS A 154 13.90 43.24 16.40
C LYS A 154 14.34 43.83 15.05
N MET A 155 13.98 43.12 13.95
CA MET A 155 14.21 43.67 12.64
C MET A 155 13.55 45.05 12.46
N LEU A 156 12.33 45.17 12.89
CA LEU A 156 11.55 46.38 12.70
C LEU A 156 12.20 47.56 13.38
N GLU A 157 12.87 47.30 14.49
CA GLU A 157 13.64 48.39 15.19
C GLU A 157 14.91 48.84 14.53
N SER A 158 15.47 48.02 13.62
CA SER A 158 16.60 48.44 12.81
C SER A 158 16.28 49.03 11.44
N CYS A 159 15.04 48.88 10.93
CA CYS A 159 14.68 49.36 9.59
CA CYS A 159 14.66 49.39 9.60
C CYS A 159 14.42 50.86 9.57
N VAL A 160 14.64 51.43 8.41
CA VAL A 160 14.59 52.89 8.25
C VAL A 160 13.54 53.30 7.30
N GLY A 161 13.08 54.55 7.44
CA GLY A 161 11.94 55.02 6.61
C GLY A 161 12.17 55.02 5.12
N PHE A 162 11.06 54.92 4.37
CA PHE A 162 11.15 54.99 2.96
C PHE A 162 11.01 56.46 2.62
N PHE B 5 7.05 15.26 15.44
CA PHE B 5 7.88 16.12 14.48
C PHE B 5 8.21 17.50 15.00
N LYS B 6 9.33 18.05 14.49
CA LYS B 6 9.94 19.27 14.98
C LYS B 6 10.31 20.16 13.75
N ASN B 7 9.98 21.45 13.83
CA ASN B 7 10.54 22.47 12.96
C ASN B 7 11.52 23.27 13.80
N SER B 8 12.67 23.61 13.27
CA SER B 8 13.67 24.41 13.94
C SER B 8 13.97 25.59 13.00
N LEU B 9 13.43 26.73 13.38
CA LEU B 9 13.68 27.97 12.66
C LEU B 9 14.90 28.66 13.15
N PHE B 10 15.74 29.17 12.23
CA PHE B 10 16.88 30.00 12.57
C PHE B 10 16.71 31.30 11.85
N VAL B 11 16.71 32.40 12.61
CA VAL B 11 16.58 33.70 11.97
C VAL B 11 18.00 34.31 11.97
N LEU B 12 18.53 34.60 10.79
CA LEU B 12 19.82 35.25 10.62
C LEU B 12 19.67 36.77 10.46
N PRO B 13 20.60 37.57 11.01
CA PRO B 13 21.95 37.14 11.42
C PRO B 13 22.06 36.68 12.87
N TYR B 14 20.99 36.96 13.60
CA TYR B 14 20.88 36.69 15.04
C TYR B 14 21.36 35.30 15.41
N GLU B 15 20.90 34.32 14.63
CA GLU B 15 21.23 32.90 14.85
C GLU B 15 22.19 32.31 13.77
N GLN B 16 23.03 33.12 13.16
CA GLN B 16 23.82 32.68 11.96
C GLN B 16 24.87 31.56 12.23
N ARG B 17 25.51 31.66 13.39
CA ARG B 17 26.44 30.61 13.90
C ARG B 17 25.68 29.29 14.10
N ASP B 18 24.53 29.32 14.78
CA ASP B 18 23.77 28.11 15.04
CA ASP B 18 23.76 28.12 15.05
C ASP B 18 23.21 27.52 13.77
N ALA B 19 22.79 28.41 12.86
CA ALA B 19 22.23 27.96 11.58
C ALA B 19 23.29 27.20 10.74
N LEU B 20 24.48 27.77 10.63
CA LEU B 20 25.55 27.14 9.84
C LEU B 20 25.93 25.84 10.49
N ASN B 21 26.06 25.87 11.80
CA ASN B 21 26.39 24.63 12.55
C ASN B 21 25.35 23.56 12.31
N SER B 22 24.04 23.92 12.28
CA SER B 22 22.99 22.97 12.09
C SER B 22 23.05 22.36 10.69
N LEU B 23 23.27 23.19 9.68
CA LEU B 23 23.35 22.71 8.30
C LEU B 23 24.58 21.81 8.12
N ILE B 24 25.72 22.23 8.68
CA ILE B 24 26.99 21.45 8.53
C ILE B 24 26.83 20.13 9.26
N SER B 25 26.27 20.11 10.49
CA SER B 25 26.03 18.86 11.23
C SER B 25 25.05 17.92 10.56
N GLY B 26 24.01 18.49 9.93
CA GLY B 26 23.08 17.66 9.18
C GLY B 26 23.72 16.99 7.94
N ILE B 27 24.55 17.71 7.23
CA ILE B 27 25.22 17.14 6.03
C ILE B 27 26.24 16.10 6.55
N SER B 28 26.97 16.49 7.57
CA SER B 28 28.16 15.64 8.00
C SER B 28 27.67 14.36 8.60
N SER B 29 26.49 14.34 9.23
CA SER B 29 25.96 13.09 9.87
C SER B 29 25.05 12.24 9.01
N ALA B 30 24.96 12.56 7.71
CA ALA B 30 24.23 11.73 6.79
C ALA B 30 24.75 10.30 6.80
N ARG B 31 23.83 9.38 6.69
CA ARG B 31 24.16 7.92 6.64
C ARG B 31 24.07 7.31 5.24
N GLU B 32 23.18 7.85 4.41
CA GLU B 32 22.92 7.33 3.06
C GLU B 32 23.08 8.35 1.92
N SER B 33 22.35 9.48 2.01
CA SER B 33 22.24 10.36 0.88
C SER B 33 22.19 11.82 1.33
N VAL B 34 22.73 12.70 0.49
CA VAL B 34 22.49 14.10 0.63
C VAL B 34 22.05 14.60 -0.75
N LYS B 35 20.89 15.25 -0.82
CA LYS B 35 20.35 15.77 -2.06
C LYS B 35 20.15 17.29 -1.86
N ILE B 36 20.80 18.06 -2.71
CA ILE B 36 20.86 19.50 -2.54
C ILE B 36 20.42 20.13 -3.86
N ALA B 37 19.70 21.23 -3.71
CA ALA B 37 19.34 22.12 -4.81
C ALA B 37 19.72 23.51 -4.29
N ILE B 38 20.55 24.19 -5.05
CA ILE B 38 21.10 25.45 -4.53
C ILE B 38 21.31 26.42 -5.65
N TYR B 39 20.89 27.67 -5.39
CA TYR B 39 21.07 28.71 -6.42
C TYR B 39 22.56 29.12 -6.51
N SER B 40 23.12 29.56 -5.36
CA SER B 40 24.52 29.98 -5.18
C SER B 40 25.14 29.25 -4.08
N PHE B 41 26.33 28.76 -4.34
CA PHE B 41 27.02 27.91 -3.40
C PHE B 41 28.51 28.15 -3.56
N THR B 42 28.99 29.13 -2.76
CA THR B 42 30.39 29.55 -2.76
C THR B 42 31.13 29.17 -1.47
N HIS B 43 30.41 28.75 -0.40
CA HIS B 43 30.91 28.65 0.99
C HIS B 43 31.77 27.45 1.23
N ARG B 44 32.99 27.68 1.68
CA ARG B 44 33.98 26.63 1.71
C ARG B 44 33.95 25.71 2.91
N ASP B 45 33.49 26.13 4.11
CA ASP B 45 33.20 25.20 5.18
C ASP B 45 32.11 24.18 4.76
N ILE B 46 31.06 24.61 4.03
CA ILE B 46 29.96 23.69 3.67
C ILE B 46 30.42 22.67 2.60
N ALA B 47 31.18 23.14 1.60
CA ALA B 47 31.78 22.23 0.60
C ALA B 47 32.73 21.19 1.22
N ARG B 48 33.36 21.53 2.34
CA ARG B 48 34.20 20.55 3.10
C ARG B 48 33.40 19.54 3.97
N ALA B 49 32.22 19.94 4.47
CA ALA B 49 31.34 18.99 5.10
C ALA B 49 30.81 17.98 4.04
N ILE B 50 30.52 18.51 2.85
CA ILE B 50 30.10 17.61 1.74
C ILE B 50 31.22 16.66 1.42
N LYS B 51 32.39 17.21 1.24
CA LYS B 51 33.57 16.41 0.84
C LYS B 51 33.84 15.36 1.86
N SER B 52 33.63 15.70 3.13
CA SER B 52 33.83 14.76 4.25
C SER B 52 32.81 13.59 4.32
N VAL B 53 31.55 13.92 4.11
CA VAL B 53 30.58 12.85 4.14
C VAL B 53 30.59 11.95 2.87
N ALA B 54 30.88 12.52 1.71
CA ALA B 54 31.10 11.73 0.46
C ALA B 54 32.27 10.78 0.68
N SER B 55 33.27 11.20 1.42
CA SER B 55 34.42 10.24 1.68
C SER B 55 34.07 9.11 2.62
N ARG B 56 33.00 9.24 3.39
CA ARG B 56 32.45 8.11 4.14
C ARG B 56 31.51 7.17 3.30
N GLY B 57 31.30 7.47 2.02
CA GLY B 57 30.56 6.59 1.18
C GLY B 57 29.12 7.05 0.94
N ILE B 58 28.77 8.21 1.46
CA ILE B 58 27.40 8.74 1.26
C ILE B 58 27.23 9.33 -0.15
N LYS B 59 26.10 9.01 -0.81
CA LYS B 59 25.80 9.60 -2.12
C LYS B 59 25.30 11.02 -2.04
N VAL B 60 26.00 11.91 -2.72
CA VAL B 60 25.65 13.32 -2.75
C VAL B 60 25.26 13.71 -4.18
N GLN B 61 24.15 14.43 -4.28
CA GLN B 61 23.74 15.02 -5.55
CA GLN B 61 23.69 15.01 -5.53
C GLN B 61 23.50 16.49 -5.29
N ILE B 62 23.92 17.30 -6.23
CA ILE B 62 23.82 18.76 -6.10
C ILE B 62 23.37 19.27 -7.43
N ILE B 63 22.25 20.00 -7.40
CA ILE B 63 21.69 20.72 -8.48
C ILE B 63 22.02 22.16 -8.25
N TYR B 64 22.70 22.78 -9.22
CA TYR B 64 23.06 24.17 -9.17
C TYR B 64 22.31 24.93 -10.26
N ASP B 65 22.00 26.19 -10.00
CA ASP B 65 21.43 27.05 -11.02
C ASP B 65 22.34 27.14 -12.21
N TYR B 66 21.77 26.95 -13.41
CA TYR B 66 22.64 26.90 -14.63
C TYR B 66 23.32 28.24 -14.94
N GLU B 67 22.52 29.27 -15.08
CA GLU B 67 23.11 30.56 -15.55
C GLU B 67 24.22 31.07 -14.61
N SER B 68 24.04 30.83 -13.32
CA SER B 68 24.92 31.41 -12.36
C SER B 68 26.08 30.50 -11.94
N ASN B 69 26.08 29.24 -12.36
CA ASN B 69 27.15 28.31 -12.04
C ASN B 69 27.82 27.58 -13.23
N HIS B 70 27.35 27.76 -14.46
CA HIS B 70 27.94 26.96 -15.58
C HIS B 70 29.37 27.40 -15.93
N ASN B 71 29.65 28.69 -15.78
CA ASN B 71 30.99 29.24 -15.94
C ASN B 71 31.26 30.30 -14.87
N ASN B 72 31.52 29.91 -13.64
CA ASN B 72 31.60 30.88 -12.50
C ASN B 72 32.69 30.38 -11.60
N LYS B 73 33.81 31.11 -11.54
CA LYS B 73 34.98 30.61 -10.81
C LYS B 73 34.76 30.60 -9.30
N GLN B 74 33.82 31.40 -8.78
CA GLN B 74 33.58 31.31 -7.31
C GLN B 74 32.66 30.16 -6.91
N SER B 75 32.04 29.48 -7.86
CA SER B 75 31.12 28.36 -7.48
C SER B 75 31.92 27.15 -7.08
N THR B 76 31.41 26.42 -6.11
CA THR B 76 31.97 25.19 -5.69
C THR B 76 31.79 24.03 -6.73
N ILE B 77 31.03 24.26 -7.77
CA ILE B 77 30.65 23.18 -8.73
C ILE B 77 31.94 22.53 -9.33
N GLY B 78 32.93 23.36 -9.69
CA GLY B 78 34.21 22.87 -10.23
C GLY B 78 34.93 22.05 -9.19
N TYR B 79 34.94 22.60 -7.98
CA TYR B 79 35.59 22.02 -6.82
C TYR B 79 34.98 20.61 -6.47
N LEU B 80 33.65 20.47 -6.51
CA LEU B 80 32.98 19.20 -6.20
C LEU B 80 32.68 18.22 -7.37
N ASP B 81 32.83 18.67 -8.60
CA ASP B 81 32.45 17.87 -9.78
C ASP B 81 33.18 16.51 -9.80
N LYS B 82 34.44 16.55 -9.45
CA LYS B 82 35.25 15.36 -9.60
C LYS B 82 35.12 14.38 -8.45
N TYR B 83 34.37 14.74 -7.42
CA TYR B 83 34.59 14.13 -6.14
C TYR B 83 33.88 12.82 -6.04
N PRO B 84 34.52 11.82 -5.37
CA PRO B 84 33.83 10.53 -5.24
C PRO B 84 32.46 10.66 -4.54
N ASN B 85 31.54 9.85 -5.05
CA ASN B 85 30.15 9.74 -4.63
C ASN B 85 29.39 11.09 -4.79
N THR B 86 29.84 11.95 -5.68
CA THR B 86 29.30 13.31 -5.75
C THR B 86 28.96 13.60 -7.22
N LYS B 87 27.68 13.87 -7.48
CA LYS B 87 27.14 14.15 -8.80
C LYS B 87 26.62 15.56 -8.77
N VAL B 88 27.14 16.39 -9.65
CA VAL B 88 26.69 17.75 -9.74
C VAL B 88 26.13 17.93 -11.08
N CYS B 89 25.09 18.73 -11.11
CA CYS B 89 24.50 19.15 -12.37
C CYS B 89 23.95 20.54 -12.33
N LEU B 90 23.58 21.05 -13.52
CA LEU B 90 23.04 22.38 -13.73
C LEU B 90 21.62 22.36 -14.19
N LEU B 91 20.81 23.23 -13.65
CA LEU B 91 19.37 23.38 -14.03
C LEU B 91 18.97 24.77 -14.34
N LYS B 92 18.38 24.98 -15.52
CA LYS B 92 17.75 26.24 -15.88
C LYS B 92 16.33 26.15 -15.42
N GLY B 93 15.76 27.29 -15.09
CA GLY B 93 14.34 27.43 -14.89
C GLY B 93 13.55 27.25 -16.19
N LEU B 94 12.26 27.53 -16.12
CA LEU B 94 11.34 27.32 -17.24
C LEU B 94 11.41 28.48 -18.23
N LYS B 95 11.06 28.22 -19.49
CA LYS B 95 10.86 29.28 -20.49
C LYS B 95 9.87 30.30 -19.95
N ALA B 96 10.23 31.59 -19.98
CA ALA B 96 9.39 32.63 -19.45
C ALA B 96 8.12 32.85 -20.26
N LYS B 97 7.17 33.56 -19.64
CA LYS B 97 6.01 34.14 -20.34
C LYS B 97 6.26 35.59 -20.75
N ASN B 98 7.11 36.29 -20.00
CA ASN B 98 7.48 37.65 -20.38
C ASN B 98 8.33 37.61 -21.66
N GLY B 99 9.61 37.30 -21.55
CA GLY B 99 10.58 37.47 -22.61
C GLY B 99 11.05 36.14 -23.10
N ASN B 100 12.14 36.17 -23.87
CA ASN B 100 12.79 34.95 -24.41
C ASN B 100 13.79 34.36 -23.41
N TYR B 101 13.62 34.72 -22.12
CA TYR B 101 14.54 34.32 -21.05
C TYR B 101 14.00 33.08 -20.33
N TYR B 102 14.90 32.33 -19.72
CA TYR B 102 14.53 31.23 -18.84
C TYR B 102 14.64 31.69 -17.38
N GLY B 103 13.75 31.16 -16.57
CA GLY B 103 13.89 31.32 -15.14
C GLY B 103 15.13 30.75 -14.52
N ILE B 104 15.15 30.83 -13.21
CA ILE B 104 16.33 30.47 -12.50
C ILE B 104 15.96 29.29 -11.58
N MET B 105 16.97 28.56 -11.19
CA MET B 105 16.83 27.56 -10.14
C MET B 105 17.21 28.24 -8.83
N ASN B 106 16.21 28.70 -8.09
CA ASN B 106 16.47 29.58 -6.94
C ASN B 106 16.27 28.85 -5.62
N GLN B 107 16.00 27.54 -5.65
CA GLN B 107 15.83 26.84 -4.41
C GLN B 107 17.16 26.85 -3.57
N LYS B 108 17.05 26.71 -2.27
CA LYS B 108 18.16 26.52 -1.33
C LYS B 108 17.70 25.41 -0.39
N VAL B 109 17.91 24.17 -0.84
CA VAL B 109 17.30 23.01 -0.18
C VAL B 109 18.32 21.90 -0.03
N ALA B 110 18.31 21.29 1.15
CA ALA B 110 19.15 20.09 1.38
C ALA B 110 18.30 19.06 1.98
N ILE B 111 18.32 17.85 1.41
CA ILE B 111 17.56 16.73 1.99
C ILE B 111 18.52 15.63 2.47
N ILE B 112 18.44 15.26 3.76
CA ILE B 112 19.45 14.38 4.33
C ILE B 112 18.75 13.05 4.58
N ASP B 113 19.26 11.97 4.00
CA ASP B 113 18.67 10.67 4.17
C ASP B 113 17.15 10.73 3.89
N ASP B 114 16.36 10.05 4.70
CA ASP B 114 14.88 10.25 4.70
C ASP B 114 14.42 11.00 5.91
N LYS B 115 15.32 11.83 6.48
CA LYS B 115 15.24 12.23 7.85
C LYS B 115 15.10 13.74 8.06
N ILE B 116 15.69 14.54 7.19
CA ILE B 116 15.74 15.97 7.46
C ILE B 116 15.68 16.72 6.14
N VAL B 117 14.94 17.84 6.15
CA VAL B 117 15.00 18.81 5.06
CA VAL B 117 15.03 18.78 5.06
C VAL B 117 15.29 20.19 5.59
N PHE B 118 16.23 20.85 4.91
CA PHE B 118 16.59 22.25 5.23
C PHE B 118 16.12 23.09 4.04
N LEU B 119 15.45 24.20 4.31
CA LEU B 119 15.01 25.13 3.28
C LEU B 119 14.94 26.52 3.86
N GLY B 120 14.79 27.47 3.01
CA GLY B 120 14.70 28.85 3.49
C GLY B 120 15.27 29.80 2.45
N SER B 121 15.74 30.95 2.95
CA SER B 121 16.20 32.00 2.02
C SER B 121 17.69 32.05 1.78
N ALA B 122 18.48 31.28 2.47
CA ALA B 122 19.91 31.46 2.45
C ALA B 122 20.60 30.77 1.32
N ASN B 123 21.21 31.53 0.39
CA ASN B 123 22.26 30.92 -0.43
C ASN B 123 23.46 30.42 0.43
N TRP B 124 24.31 29.53 -0.11
CA TRP B 124 25.39 28.90 0.66
C TRP B 124 26.67 29.66 0.47
N SER B 125 26.71 30.84 1.11
CA SER B 125 27.78 31.83 0.91
C SER B 125 28.15 32.40 2.30
N LYS B 126 29.41 32.85 2.43
CA LYS B 126 29.78 33.62 3.59
C LYS B 126 28.85 34.84 3.76
N ASN B 127 28.45 35.46 2.69
CA ASN B 127 27.50 36.58 2.89
C ASN B 127 26.23 36.22 3.63
N ALA B 128 25.58 35.17 3.21
CA ALA B 128 24.41 34.70 3.86
C ALA B 128 24.63 34.35 5.33
N PHE B 129 25.71 33.67 5.68
CA PHE B 129 25.86 33.23 7.03
C PHE B 129 26.65 34.26 7.90
N GLU B 130 27.08 35.35 7.32
CA GLU B 130 27.71 36.42 8.11
C GLU B 130 27.06 37.75 8.04
N ASN B 131 26.56 38.18 6.86
CA ASN B 131 26.11 39.55 6.70
C ASN B 131 24.64 39.81 6.48
N ASN B 132 23.91 38.77 6.09
CA ASN B 132 22.53 38.95 5.64
C ASN B 132 21.48 38.65 6.68
N TYR B 133 20.31 39.24 6.54
CA TYR B 133 19.11 38.75 7.13
C TYR B 133 18.62 37.53 6.25
N GLU B 134 18.24 36.45 6.90
CA GLU B 134 17.86 35.20 6.20
C GLU B 134 17.03 34.44 7.15
N VAL B 135 16.37 33.38 6.63
CA VAL B 135 15.74 32.40 7.45
C VAL B 135 16.15 31.02 6.96
N LEU B 136 16.43 30.13 7.88
CA LEU B 136 16.74 28.69 7.58
C LEU B 136 15.81 27.87 8.43
N LEU B 137 15.02 27.01 7.81
CA LEU B 137 14.20 26.08 8.50
C LEU B 137 14.72 24.63 8.32
N LYS B 138 14.91 23.92 9.44
CA LYS B 138 15.20 22.47 9.47
C LYS B 138 13.96 21.76 9.93
N THR B 139 13.53 20.74 9.23
CA THR B 139 12.34 19.97 9.63
C THR B 139 12.58 18.45 9.48
N ASP B 140 12.05 17.68 10.44
CA ASP B 140 11.97 16.22 10.31
C ASP B 140 10.61 15.74 9.89
N ASP B 141 9.71 16.61 9.46
CA ASP B 141 8.34 16.24 9.15
C ASP B 141 8.26 15.30 7.96
N THR B 142 7.69 14.11 8.14
CA THR B 142 7.83 13.12 7.08
C THR B 142 7.14 13.49 5.79
N GLU B 143 5.96 14.12 5.86
CA GLU B 143 5.24 14.46 4.65
C GLU B 143 6.02 15.50 3.81
N THR B 144 6.59 16.48 4.53
CA THR B 144 7.52 17.47 3.95
C THR B 144 8.68 16.78 3.23
N ILE B 145 9.31 15.83 3.91
CA ILE B 145 10.47 15.16 3.35
C ILE B 145 10.08 14.35 2.11
N LEU B 146 8.99 13.64 2.22
CA LEU B 146 8.55 12.79 1.11
C LEU B 146 8.26 13.64 -0.12
N LYS B 147 7.59 14.76 0.06
CA LYS B 147 7.26 15.60 -1.09
C LYS B 147 8.54 16.19 -1.67
N ALA B 148 9.42 16.71 -0.81
CA ALA B 148 10.66 17.25 -1.32
C ALA B 148 11.43 16.20 -2.11
N LYS B 149 11.52 14.97 -1.59
CA LYS B 149 12.31 13.87 -2.30
C LYS B 149 11.68 13.55 -3.69
N SER B 150 10.36 13.64 -3.73
CA SER B 150 9.64 13.28 -4.96
C SER B 150 9.89 14.31 -6.05
N TYR B 151 9.80 15.61 -5.67
CA TYR B 151 10.03 16.65 -6.64
C TYR B 151 11.53 16.78 -7.03
N TYR B 152 12.42 16.46 -6.11
CA TYR B 152 13.87 16.52 -6.37
C TYR B 152 14.15 15.56 -7.58
N GLN B 153 13.62 14.37 -7.48
CA GLN B 153 13.77 13.40 -8.62
C GLN B 153 13.22 14.00 -9.92
N LYS B 154 12.10 14.69 -9.84
CA LYS B 154 11.50 15.27 -10.96
C LYS B 154 12.43 16.29 -11.52
N MET B 155 12.88 17.24 -10.69
CA MET B 155 13.90 18.19 -11.13
C MET B 155 15.10 17.66 -11.78
N LEU B 156 15.60 16.53 -11.27
CA LEU B 156 16.79 15.94 -11.84
C LEU B 156 16.66 15.60 -13.33
N GLU B 157 15.41 15.44 -13.76
CA GLU B 157 15.00 15.28 -15.18
C GLU B 157 15.63 16.19 -16.16
N SER B 158 15.68 17.44 -15.72
CA SER B 158 15.88 18.57 -16.61
C SER B 158 17.27 19.11 -16.37
N CYS B 159 18.05 18.44 -15.51
CA CYS B 159 19.40 18.86 -15.06
CA CYS B 159 19.39 18.90 -15.17
CA CYS B 159 19.35 18.95 -15.16
C CYS B 159 20.40 18.34 -16.09
N VAL B 160 21.48 19.09 -16.29
CA VAL B 160 22.56 18.74 -17.24
C VAL B 160 24.00 18.74 -16.66
N GLY B 161 24.91 17.97 -17.30
CA GLY B 161 26.32 17.88 -16.88
C GLY B 161 27.08 19.20 -16.73
N PHE B 162 27.96 19.23 -15.72
CA PHE B 162 29.00 20.22 -15.65
C PHE B 162 30.22 19.78 -16.47
N GLU C 4 24.12 41.17 23.40
CA GLU C 4 24.60 40.99 24.81
C GLU C 4 23.55 40.28 25.62
N PHE C 5 23.89 39.05 25.94
CA PHE C 5 23.10 38.22 26.81
C PHE C 5 23.95 37.89 28.02
N LYS C 6 23.29 37.72 29.17
CA LYS C 6 23.92 37.40 30.40
C LYS C 6 23.18 36.24 31.10
N ASN C 7 23.92 35.21 31.51
CA ASN C 7 23.42 34.30 32.59
C ASN C 7 23.89 34.76 34.00
N SER C 8 23.02 34.76 35.00
CA SER C 8 23.39 35.05 36.37
C SER C 8 23.03 33.84 37.21
N LEU C 9 24.07 33.09 37.60
CA LEU C 9 23.94 31.94 38.47
C LEU C 9 23.98 32.41 39.88
N PHE C 10 23.05 31.91 40.72
CA PHE C 10 23.14 32.01 42.16
C PHE C 10 23.23 30.59 42.71
N VAL C 11 24.26 30.30 43.53
CA VAL C 11 24.31 29.11 44.29
C VAL C 11 23.87 29.29 45.72
N LEU C 12 22.89 28.51 46.12
CA LEU C 12 22.34 28.63 47.41
C LEU C 12 22.94 27.49 48.21
N PRO C 13 23.27 27.70 49.51
CA PRO C 13 22.77 28.80 50.35
C PRO C 13 23.60 30.02 50.40
N TYR C 14 24.79 29.95 49.77
CA TYR C 14 25.81 30.99 49.81
C TYR C 14 25.23 32.32 49.34
N GLU C 15 24.43 32.25 48.28
CA GLU C 15 23.84 33.41 47.75
C GLU C 15 22.30 33.45 47.81
N GLN C 16 21.75 32.89 48.89
CA GLN C 16 20.29 32.80 49.10
C GLN C 16 19.61 34.14 49.14
N ARG C 17 20.18 35.14 49.83
CA ARG C 17 19.53 36.42 49.89
C ARG C 17 19.53 37.14 48.56
N ASP C 18 20.66 37.17 47.90
CA ASP C 18 20.83 37.75 46.57
C ASP C 18 19.86 37.04 45.55
N ALA C 19 19.81 35.72 45.63
CA ALA C 19 18.87 34.94 44.81
C ALA C 19 17.38 35.32 44.98
N LEU C 20 16.88 35.24 46.21
CA LEU C 20 15.57 35.71 46.49
C LEU C 20 15.32 37.12 45.99
N ASN C 21 16.27 38.04 46.20
CA ASN C 21 16.05 39.42 45.78
CA ASN C 21 16.06 39.42 45.78
C ASN C 21 15.99 39.55 44.27
N SER C 22 16.75 38.73 43.59
CA SER C 22 16.80 38.80 42.13
C SER C 22 15.42 38.35 41.62
N LEU C 23 14.94 37.22 42.14
CA LEU C 23 13.61 36.73 41.74
C LEU C 23 12.45 37.72 42.07
N ILE C 24 12.49 38.26 43.30
CA ILE C 24 11.44 39.19 43.75
C ILE C 24 11.46 40.46 42.89
N SER C 25 12.64 40.96 42.58
CA SER C 25 12.83 42.20 41.80
C SER C 25 12.45 41.98 40.31
N GLY C 26 12.74 40.79 39.81
CA GLY C 26 12.33 40.44 38.49
C GLY C 26 10.81 40.46 38.36
N ILE C 27 10.14 39.89 39.36
CA ILE C 27 8.71 39.82 39.35
C ILE C 27 8.18 41.24 39.58
N SER C 28 8.76 41.96 40.52
CA SER C 28 8.21 43.30 40.95
C SER C 28 8.25 44.36 39.90
N SER C 29 9.18 44.26 38.98
CA SER C 29 9.46 45.28 38.00
C SER C 29 8.96 44.88 36.63
N ALA C 30 8.21 43.75 36.52
CA ALA C 30 7.54 43.36 35.29
C ALA C 30 6.62 44.47 34.84
N ARG C 31 6.63 44.69 33.54
CA ARG C 31 5.82 45.71 32.89
C ARG C 31 4.65 45.17 32.07
N GLU C 32 4.62 43.87 31.70
CA GLU C 32 3.59 43.31 30.79
C GLU C 32 3.04 42.03 31.32
N SER C 33 3.95 41.05 31.57
CA SER C 33 3.50 39.73 31.94
C SER C 33 4.48 38.93 32.90
N VAL C 34 3.87 38.05 33.69
CA VAL C 34 4.63 37.09 34.51
C VAL C 34 4.00 35.74 34.31
N LYS C 35 4.80 34.75 33.91
CA LYS C 35 4.33 33.44 33.67
C LYS C 35 5.15 32.54 34.49
N ILE C 36 4.49 31.82 35.40
CA ILE C 36 5.19 30.95 36.38
C ILE C 36 4.77 29.52 36.21
N ALA C 37 5.73 28.56 36.35
CA ALA C 37 5.34 27.22 36.56
C ALA C 37 6.06 26.73 37.79
N ILE C 38 5.36 26.27 38.80
CA ILE C 38 6.03 26.02 40.09
C ILE C 38 5.43 24.80 40.74
N TYR C 39 6.28 23.88 41.19
CA TYR C 39 5.90 22.69 41.92
C TYR C 39 5.35 22.99 43.32
N SER C 40 6.12 23.69 44.12
CA SER C 40 5.75 23.99 45.52
C SER C 40 6.00 25.46 45.70
N PHE C 41 5.00 26.20 46.19
CA PHE C 41 5.10 27.65 46.33
C PHE C 41 4.34 27.99 47.58
N THR C 42 5.09 28.10 48.66
CA THR C 42 4.58 28.44 49.99
C THR C 42 5.09 29.76 50.50
N HIS C 43 6.01 30.43 49.80
CA HIS C 43 6.75 31.59 50.32
C HIS C 43 5.90 32.85 50.14
N ARG C 44 5.41 33.41 51.25
CA ARG C 44 4.43 34.48 51.21
C ARG C 44 5.01 35.80 50.68
N ASP C 45 6.29 36.10 50.95
CA ASP C 45 6.94 37.26 50.37
C ASP C 45 6.94 37.22 48.86
N ILE C 46 7.08 36.00 48.26
CA ILE C 46 7.12 36.01 46.84
C ILE C 46 5.67 36.21 46.35
N ALA C 47 4.72 35.64 47.00
CA ALA C 47 3.31 35.84 46.62
C ALA C 47 2.87 37.32 46.80
N ARG C 48 3.42 37.99 47.80
CA ARG C 48 3.12 39.41 47.94
C ARG C 48 3.63 40.22 46.82
N ALA C 49 4.81 39.91 46.34
CA ALA C 49 5.42 40.51 45.17
C ALA C 49 4.56 40.37 43.92
N ILE C 50 4.04 39.15 43.72
CA ILE C 50 3.10 38.87 42.65
C ILE C 50 1.86 39.77 42.77
N LYS C 51 1.24 39.74 43.92
CA LYS C 51 0.09 40.63 44.17
C LYS C 51 0.44 42.08 43.88
N SER C 52 1.63 42.53 44.24
CA SER C 52 2.03 43.94 43.96
C SER C 52 2.12 44.29 42.51
N VAL C 53 2.67 43.38 41.70
CA VAL C 53 2.78 43.65 40.29
C VAL C 53 1.39 43.46 39.63
N ALA C 54 0.58 42.50 40.07
CA ALA C 54 -0.75 42.31 39.49
C ALA C 54 -1.61 43.59 39.79
N SER C 55 -1.39 44.19 40.95
CA SER C 55 -2.08 45.45 41.33
CA SER C 55 -2.05 45.47 41.33
C SER C 55 -1.70 46.63 40.44
N ARG C 56 -0.57 46.56 39.75
CA ARG C 56 -0.22 47.57 38.71
C ARG C 56 -0.73 47.28 37.33
N GLY C 57 -1.47 46.18 37.15
CA GLY C 57 -2.13 45.79 35.90
C GLY C 57 -1.44 44.76 35.04
N ILE C 58 -0.32 44.22 35.51
CA ILE C 58 0.42 43.19 34.81
C ILE C 58 -0.31 41.88 34.94
N LYS C 59 -0.31 41.10 33.87
CA LYS C 59 -1.05 39.85 33.85
C LYS C 59 -0.12 38.77 34.36
N VAL C 60 -0.59 38.05 35.35
CA VAL C 60 0.18 36.98 36.01
C VAL C 60 -0.50 35.66 35.77
N GLN C 61 0.24 34.62 35.38
CA GLN C 61 -0.30 33.28 35.17
CA GLN C 61 -0.33 33.26 35.18
C GLN C 61 0.56 32.33 36.00
N ILE C 62 -0.07 31.48 36.77
CA ILE C 62 0.68 30.52 37.59
C ILE C 62 0.19 29.12 37.41
N ILE C 63 1.07 28.23 36.91
CA ILE C 63 0.83 26.81 36.87
C ILE C 63 1.43 26.11 38.08
N TYR C 64 0.61 25.59 38.97
CA TYR C 64 1.05 24.80 40.15
C TYR C 64 0.98 23.28 39.90
N ASP C 65 1.89 22.51 40.47
CA ASP C 65 1.69 21.08 40.53
C ASP C 65 0.31 20.71 41.25
N TYR C 66 -0.35 19.76 40.58
CA TYR C 66 -1.71 19.30 40.99
C TYR C 66 -1.73 18.66 42.38
N GLU C 67 -0.86 17.69 42.55
CA GLU C 67 -0.83 16.95 43.81
C GLU C 67 -0.40 17.80 45.02
N SER C 68 0.54 18.72 44.84
CA SER C 68 1.06 19.60 45.90
C SER C 68 0.17 20.73 46.24
N ASN C 69 -0.75 21.08 45.33
CA ASN C 69 -1.48 22.35 45.47
C ASN C 69 -3.00 22.26 45.41
N HIS C 70 -3.59 21.17 44.95
CA HIS C 70 -5.06 21.13 44.85
C HIS C 70 -5.76 21.30 46.21
N ASN C 71 -5.16 20.79 47.29
CA ASN C 71 -5.75 20.90 48.63
C ASN C 71 -4.62 21.03 49.67
N ASN C 72 -4.05 22.23 49.77
CA ASN C 72 -2.86 22.48 50.59
C ASN C 72 -2.92 23.84 51.19
N LYS C 73 -3.18 23.90 52.51
CA LYS C 73 -3.31 25.17 53.23
C LYS C 73 -2.02 26.06 53.25
N GLN C 74 -0.86 25.42 53.04
CA GLN C 74 0.44 26.11 52.99
C GLN C 74 0.65 26.75 51.58
N SER C 75 0.05 26.16 50.56
CA SER C 75 0.14 26.69 49.19
C SER C 75 -0.43 28.09 49.04
N THR C 76 0.30 28.94 48.31
CA THR C 76 -0.15 30.26 47.95
C THR C 76 -1.32 30.25 46.95
N ILE C 77 -1.72 29.09 46.42
CA ILE C 77 -2.69 29.09 45.30
C ILE C 77 -4.03 29.73 45.77
N GLY C 78 -4.42 29.33 47.00
CA GLY C 78 -5.63 29.86 47.67
C GLY C 78 -5.61 31.36 47.86
N TYR C 79 -4.53 31.85 48.45
CA TYR C 79 -4.21 33.28 48.57
C TYR C 79 -4.22 34.08 47.21
N LEU C 80 -3.77 33.48 46.07
CA LEU C 80 -3.67 34.21 44.77
C LEU C 80 -4.83 33.98 43.81
N ASP C 81 -5.66 33.01 44.09
CA ASP C 81 -6.61 32.57 43.09
C ASP C 81 -7.58 33.71 42.67
N LYS C 82 -8.10 34.45 43.60
CA LYS C 82 -9.15 35.35 43.10
C LYS C 82 -8.60 36.76 43.02
N TYR C 83 -7.29 36.91 42.84
CA TYR C 83 -6.72 38.21 42.84
C TYR C 83 -6.81 38.75 41.41
N PRO C 84 -7.08 40.03 41.27
CA PRO C 84 -7.14 40.60 39.93
C PRO C 84 -5.88 40.37 39.13
N ASN C 85 -6.10 40.13 37.84
CA ASN C 85 -5.12 39.93 36.80
C ASN C 85 -4.28 38.70 37.01
N THR C 86 -4.72 37.83 37.92
CA THR C 86 -3.93 36.60 38.33
C THR C 86 -4.77 35.37 37.99
N LYS C 87 -4.20 34.51 37.16
CA LYS C 87 -4.78 33.26 36.80
C LYS C 87 -3.90 32.12 37.32
N VAL C 88 -4.49 31.31 38.19
CA VAL C 88 -3.87 30.14 38.79
C VAL C 88 -4.55 28.85 38.24
N CYS C 89 -3.79 27.82 38.04
CA CYS C 89 -4.31 26.58 37.60
C CYS C 89 -3.42 25.42 38.14
N LEU C 90 -3.86 24.21 37.91
CA LEU C 90 -3.18 22.99 38.35
C LEU C 90 -2.77 22.09 37.21
N LEU C 91 -1.60 21.43 37.29
CA LEU C 91 -1.20 20.50 36.25
C LEU C 91 -0.60 19.30 36.83
N LYS C 92 -1.03 18.11 36.39
CA LYS C 92 -0.35 16.92 36.78
C LYS C 92 0.48 16.41 35.57
N GLY C 93 1.50 15.59 35.86
CA GLY C 93 2.37 14.98 34.87
C GLY C 93 1.70 13.80 34.13
N LEU C 94 2.48 13.15 33.30
CA LEU C 94 2.04 12.07 32.42
C LEU C 94 1.76 10.79 33.19
N LYS C 95 0.80 10.01 32.66
CA LYS C 95 0.55 8.71 33.25
C LYS C 95 1.80 7.85 33.08
N ALA C 96 2.22 7.13 34.13
CA ALA C 96 3.39 6.27 34.00
C ALA C 96 3.07 5.06 33.04
N LYS C 97 4.10 4.55 32.39
CA LYS C 97 3.94 3.54 31.35
C LYS C 97 3.47 2.25 31.95
N ASN C 98 4.21 1.78 32.95
CA ASN C 98 3.98 0.48 33.60
C ASN C 98 3.61 0.82 35.04
N GLY C 99 2.53 1.58 35.17
CA GLY C 99 2.24 2.23 36.42
C GLY C 99 0.79 2.65 36.50
N ASN C 100 0.29 2.60 37.72
CA ASN C 100 -0.94 3.25 38.00
C ASN C 100 -0.59 4.43 38.88
N TYR C 101 0.15 5.37 38.27
CA TYR C 101 0.39 6.68 38.83
C TYR C 101 0.75 7.71 37.72
N TYR C 102 0.57 8.98 38.11
CA TYR C 102 0.94 10.13 37.30
C TYR C 102 2.23 10.82 37.83
N GLY C 103 3.00 11.37 36.90
CA GLY C 103 4.09 12.25 37.23
C GLY C 103 3.61 13.55 37.85
N ILE C 104 4.64 14.39 38.05
CA ILE C 104 4.47 15.63 38.71
C ILE C 104 4.86 16.79 37.78
N MET C 105 4.44 17.99 38.17
CA MET C 105 4.80 19.22 37.42
C MET C 105 5.95 19.77 38.35
N ASN C 106 7.15 19.43 37.98
CA ASN C 106 8.29 19.73 38.89
C ASN C 106 9.04 21.01 38.54
N GLN C 107 8.63 21.74 37.51
CA GLN C 107 9.38 22.95 37.11
C GLN C 107 9.31 24.01 38.18
N LYS C 108 10.41 24.80 38.22
CA LYS C 108 10.48 26.06 38.99
C LYS C 108 10.96 27.15 38.05
N VAL C 109 9.99 27.84 37.41
CA VAL C 109 10.25 28.65 36.23
C VAL C 109 9.44 29.91 36.40
N ALA C 110 10.06 31.04 36.16
CA ALA C 110 9.32 32.33 36.03
C ALA C 110 9.80 32.98 34.74
N ILE C 111 8.87 33.44 33.93
CA ILE C 111 9.22 34.19 32.63
C ILE C 111 8.65 35.59 32.83
N ILE C 112 9.47 36.59 32.72
CA ILE C 112 9.08 37.99 32.95
C ILE C 112 9.08 38.71 31.61
N ASP C 113 7.92 39.22 31.23
CA ASP C 113 7.77 39.97 30.01
C ASP C 113 8.32 39.12 28.83
N ASP C 114 9.04 39.70 27.90
CA ASP C 114 9.76 38.83 26.91
C ASP C 114 11.27 38.95 27.15
N LYS C 115 11.63 39.06 28.43
CA LYS C 115 12.87 39.72 28.77
C LYS C 115 13.77 38.88 29.67
N ILE C 116 13.16 38.09 30.58
CA ILE C 116 13.94 37.36 31.58
C ILE C 116 13.34 35.98 31.85
N VAL C 117 14.18 34.95 32.02
CA VAL C 117 13.68 33.69 32.55
C VAL C 117 14.49 33.28 33.77
N PHE C 118 13.80 32.84 34.80
CA PHE C 118 14.41 32.24 36.03
C PHE C 118 14.15 30.75 36.01
N LEU C 119 15.19 29.94 36.24
CA LEU C 119 14.94 28.54 36.35
C LEU C 119 15.95 27.95 37.29
N GLY C 120 15.82 26.69 37.65
CA GLY C 120 16.75 26.10 38.68
C GLY C 120 16.09 24.98 39.49
N SER C 121 16.67 24.72 40.66
CA SER C 121 16.19 23.65 41.52
C SER C 121 15.33 24.13 42.60
N ALA C 122 15.23 25.44 42.83
CA ALA C 122 14.59 25.90 44.07
C ALA C 122 13.08 26.04 43.95
N ASN C 123 12.36 25.30 44.77
CA ASN C 123 10.94 25.57 45.06
C ASN C 123 10.83 26.88 45.79
N TRP C 124 9.62 27.42 45.73
CA TRP C 124 9.40 28.78 46.20
C TRP C 124 8.91 28.66 47.64
N SER C 125 9.89 28.45 48.51
CA SER C 125 9.64 28.10 49.93
C SER C 125 10.74 28.71 50.74
N LYS C 126 10.42 28.99 52.02
CA LYS C 126 11.40 29.52 52.90
C LYS C 126 12.51 28.48 53.05
N ASN C 127 12.18 27.19 53.10
CA ASN C 127 13.21 26.15 53.18
C ASN C 127 14.22 26.25 52.07
N ALA C 128 13.74 26.39 50.84
CA ALA C 128 14.65 26.50 49.70
C ALA C 128 15.55 27.68 49.79
N PHE C 129 15.00 28.82 50.21
CA PHE C 129 15.74 30.06 50.28
C PHE C 129 16.52 30.32 51.59
N GLU C 130 16.39 29.40 52.55
CA GLU C 130 17.05 29.48 53.84
C GLU C 130 17.95 28.33 54.20
N ASN C 131 17.51 27.11 53.94
CA ASN C 131 18.22 25.89 54.40
C ASN C 131 18.82 24.99 53.38
N ASN C 132 18.51 25.19 52.08
CA ASN C 132 18.86 24.17 51.12
C ASN C 132 20.05 24.54 50.32
N TYR C 133 20.70 23.53 49.75
CA TYR C 133 21.58 23.75 48.61
C TYR C 133 20.66 23.81 47.38
N GLU C 134 20.84 24.78 46.48
CA GLU C 134 19.97 24.95 45.33
C GLU C 134 20.82 25.68 44.31
N VAL C 135 20.33 25.76 43.09
CA VAL C 135 20.78 26.73 42.15
C VAL C 135 19.57 27.51 41.58
N LEU C 136 19.80 28.78 41.25
CA LEU C 136 18.81 29.64 40.56
C LEU C 136 19.54 30.37 39.46
N LEU C 137 19.10 30.22 38.22
CA LEU C 137 19.76 30.95 37.16
C LEU C 137 18.74 31.98 36.59
N LYS C 138 19.22 33.21 36.39
CA LYS C 138 18.48 34.26 35.71
C LYS C 138 19.21 34.44 34.39
N THR C 139 18.45 34.45 33.31
CA THR C 139 19.04 34.78 32.02
C THR C 139 18.14 35.71 31.20
N ASP C 140 18.78 36.49 30.33
CA ASP C 140 18.05 37.27 29.36
C ASP C 140 18.28 36.77 27.92
N ASP C 141 18.89 35.60 27.78
CA ASP C 141 19.14 35.01 26.44
C ASP C 141 17.85 34.79 25.66
N THR C 142 17.72 35.43 24.49
CA THR C 142 16.45 35.36 23.74
CA THR C 142 16.46 35.38 23.75
C THR C 142 16.03 33.94 23.42
N GLU C 143 16.96 33.10 22.93
CA GLU C 143 16.51 31.77 22.47
C GLU C 143 16.01 30.96 23.69
N THR C 144 16.61 31.21 24.86
CA THR C 144 16.14 30.53 26.12
C THR C 144 14.70 31.00 26.44
N ILE C 145 14.49 32.31 26.41
CA ILE C 145 13.16 32.91 26.69
C ILE C 145 12.09 32.40 25.67
N LEU C 146 12.41 32.45 24.40
CA LEU C 146 11.48 31.94 23.40
C LEU C 146 11.09 30.52 23.57
N LYS C 147 12.08 29.64 23.88
CA LYS C 147 11.77 28.26 24.06
C LYS C 147 10.85 28.08 25.29
N ALA C 148 11.18 28.80 26.36
CA ALA C 148 10.43 28.64 27.60
C ALA C 148 8.99 29.11 27.35
N LYS C 149 8.83 30.19 26.62
CA LYS C 149 7.52 30.79 26.45
C LYS C 149 6.66 29.88 25.57
N SER C 150 7.28 29.24 24.56
CA SER C 150 6.52 28.43 23.63
CA SER C 150 6.53 28.42 23.61
C SER C 150 5.96 27.20 24.32
N TYR C 151 6.80 26.50 25.06
CA TYR C 151 6.31 25.39 25.82
C TYR C 151 5.42 25.82 26.99
N TYR C 152 5.61 27.01 27.58
CA TYR C 152 4.67 27.48 28.59
C TYR C 152 3.23 27.49 28.06
N GLN C 153 3.03 28.02 26.87
CA GLN C 153 1.68 28.00 26.24
C GLN C 153 1.12 26.64 26.06
N LYS C 154 1.95 25.62 25.76
CA LYS C 154 1.42 24.27 25.64
C LYS C 154 1.03 23.76 27.02
N MET C 155 1.91 23.96 27.99
CA MET C 155 1.55 23.60 29.37
C MET C 155 0.23 24.26 29.86
N LEU C 156 0.06 25.53 29.54
CA LEU C 156 -1.09 26.31 29.95
C LEU C 156 -2.38 25.68 29.39
N GLU C 157 -2.34 25.20 28.15
CA GLU C 157 -3.50 24.51 27.55
C GLU C 157 -3.91 23.22 28.22
N SER C 158 -2.97 22.57 28.91
CA SER C 158 -3.26 21.36 29.63
C SER C 158 -3.64 21.55 31.05
N CYS C 159 -3.43 22.72 31.65
CA CYS C 159 -3.77 22.84 33.09
CA CYS C 159 -3.70 22.84 33.10
C CYS C 159 -5.22 22.99 33.32
N VAL C 160 -5.64 22.61 34.50
CA VAL C 160 -7.08 22.65 34.90
C VAL C 160 -7.36 23.64 36.03
N GLY C 161 -8.59 24.11 36.18
CA GLY C 161 -8.86 25.14 37.15
C GLY C 161 -8.66 24.67 38.58
N PHE C 162 -8.49 25.64 39.45
CA PHE C 162 -8.39 25.36 40.84
C PHE C 162 -9.75 25.55 41.55
N SER D 3 27.78 36.28 19.27
CA SER D 3 27.19 35.15 20.07
C SER D 3 28.30 34.51 20.94
N GLU D 4 28.16 34.83 22.10
CA GLU D 4 29.21 34.49 23.11
C GLU D 4 29.10 33.09 23.69
N PHE D 5 27.87 32.64 23.87
CA PHE D 5 27.58 31.35 24.51
C PHE D 5 26.25 30.86 23.99
N LYS D 6 26.06 29.55 24.13
CA LYS D 6 24.84 28.90 23.70
C LYS D 6 24.16 28.24 24.91
N ASN D 7 22.90 28.62 25.14
CA ASN D 7 22.06 27.93 26.07
C ASN D 7 21.22 26.99 25.28
N SER D 8 21.17 25.74 25.71
CA SER D 8 20.20 24.82 25.17
C SER D 8 19.22 24.45 26.29
N LEU D 9 17.98 24.93 26.19
CA LEU D 9 16.92 24.57 27.12
C LEU D 9 16.11 23.44 26.55
N PHE D 10 15.85 22.45 27.41
CA PHE D 10 14.98 21.32 27.13
C PHE D 10 13.78 21.39 28.03
N VAL D 11 12.55 21.37 27.45
CA VAL D 11 11.43 21.34 28.27
C VAL D 11 10.81 19.98 28.27
N LEU D 12 10.77 19.35 29.45
CA LEU D 12 10.19 17.98 29.65
C LEU D 12 8.73 18.07 30.03
N PRO D 13 7.84 17.18 29.63
CA PRO D 13 8.15 15.90 29.01
C PRO D 13 8.40 15.96 27.48
N TYR D 14 8.07 17.11 26.93
CA TYR D 14 8.10 17.29 25.48
C TYR D 14 9.38 16.93 24.86
N GLU D 15 10.48 17.37 25.44
CA GLU D 15 11.83 17.08 24.90
C GLU D 15 12.67 16.21 25.79
N GLN D 16 12.01 15.29 26.46
CA GLN D 16 12.62 14.37 27.44
C GLN D 16 13.71 13.45 26.83
N ARG D 17 13.49 12.93 25.63
CA ARG D 17 14.52 12.09 24.97
C ARG D 17 15.77 12.90 24.54
N ASP D 18 15.56 14.06 23.92
CA ASP D 18 16.67 14.98 23.62
C ASP D 18 17.41 15.39 24.92
N ALA D 19 16.65 15.62 25.99
CA ALA D 19 17.25 16.13 27.22
C ALA D 19 18.18 15.08 27.82
N LEU D 20 17.67 13.86 27.91
CA LEU D 20 18.45 12.71 28.41
C LEU D 20 19.68 12.45 27.51
N ASN D 21 19.49 12.46 26.18
CA ASN D 21 20.65 12.34 25.21
C ASN D 21 21.71 13.42 25.39
N SER D 22 21.30 14.66 25.62
CA SER D 22 22.27 15.75 25.85
C SER D 22 23.12 15.52 27.05
N LEU D 23 22.50 15.10 28.13
CA LEU D 23 23.16 14.90 29.41
C LEU D 23 24.12 13.72 29.35
N ILE D 24 23.63 12.65 28.75
CA ILE D 24 24.46 11.46 28.50
C ILE D 24 25.67 11.75 27.63
N SER D 25 25.45 12.41 26.50
CA SER D 25 26.59 12.80 25.63
C SER D 25 27.62 13.75 26.29
N GLY D 26 27.17 14.69 27.12
CA GLY D 26 28.06 15.62 27.78
C GLY D 26 28.93 14.92 28.78
N ILE D 27 28.33 14.06 29.57
CA ILE D 27 29.09 13.20 30.46
C ILE D 27 30.11 12.35 29.71
N SER D 28 29.65 11.68 28.67
CA SER D 28 30.45 10.68 27.94
C SER D 28 31.64 11.26 27.23
N SER D 29 31.53 12.50 26.73
CA SER D 29 32.63 13.08 25.97
C SER D 29 33.55 14.00 26.76
N ALA D 30 33.42 13.96 28.10
CA ALA D 30 34.35 14.64 29.05
C ALA D 30 35.79 14.15 28.82
N ARG D 31 36.78 15.00 29.06
CA ARG D 31 38.22 14.62 29.02
C ARG D 31 38.95 14.69 30.35
N GLU D 32 38.41 15.37 31.36
CA GLU D 32 39.12 15.58 32.60
C GLU D 32 38.28 15.34 33.84
N SER D 33 37.14 16.03 33.94
CA SER D 33 36.40 15.88 35.16
C SER D 33 34.90 16.01 34.91
N VAL D 34 34.17 15.39 35.82
CA VAL D 34 32.71 15.48 35.86
C VAL D 34 32.45 15.73 37.31
N LYS D 35 31.85 16.91 37.62
CA LYS D 35 31.43 17.20 38.95
C LYS D 35 29.92 17.35 39.04
N ILE D 36 29.32 16.67 40.00
CA ILE D 36 27.85 16.44 40.06
C ILE D 36 27.34 16.64 41.41
N ALA D 37 26.20 17.43 41.51
CA ALA D 37 25.47 17.54 42.72
C ALA D 37 24.05 17.20 42.35
N ILE D 38 23.54 16.21 43.04
CA ILE D 38 22.29 15.52 42.67
C ILE D 38 21.47 15.08 43.85
N TYR D 39 20.19 15.53 43.86
CA TYR D 39 19.31 15.17 44.95
C TYR D 39 18.97 13.69 44.94
N SER D 40 18.44 13.23 43.82
CA SER D 40 17.97 11.81 43.61
C SER D 40 18.55 11.30 42.30
N PHE D 41 19.15 10.10 42.30
CA PHE D 41 19.91 9.63 41.14
C PHE D 41 19.82 8.09 41.03
N THR D 42 18.83 7.67 40.25
CA THR D 42 18.42 6.24 40.11
C THR D 42 18.44 5.72 38.66
N HIS D 43 18.65 6.63 37.70
CA HIS D 43 18.55 6.36 36.27
C HIS D 43 19.72 5.59 35.72
N ARG D 44 19.51 4.41 35.16
CA ARG D 44 20.64 3.57 34.84
C ARG D 44 21.37 3.95 33.56
N ASP D 45 20.71 4.64 32.62
CA ASP D 45 21.40 5.14 31.41
C ASP D 45 22.39 6.21 31.80
N ILE D 46 22.00 7.10 32.74
CA ILE D 46 22.93 8.09 33.20
C ILE D 46 24.09 7.44 33.96
N ALA D 47 23.81 6.54 34.91
CA ALA D 47 24.89 5.79 35.60
C ALA D 47 25.85 5.09 34.62
N ARG D 48 25.34 4.59 33.49
CA ARG D 48 26.21 3.91 32.50
C ARG D 48 27.15 4.86 31.75
N ALA D 49 26.69 6.07 31.44
CA ALA D 49 27.52 7.12 30.88
C ALA D 49 28.68 7.50 31.82
N ILE D 50 28.40 7.54 33.14
CA ILE D 50 29.41 7.92 34.17
C ILE D 50 30.38 6.77 34.23
N LYS D 51 29.85 5.57 34.07
CA LYS D 51 30.72 4.41 34.14
C LYS D 51 31.69 4.35 33.01
N SER D 52 31.20 4.64 31.84
CA SER D 52 32.04 4.71 30.67
C SER D 52 33.12 5.77 30.73
N VAL D 53 32.76 6.99 31.08
CA VAL D 53 33.78 8.04 31.09
C VAL D 53 34.83 7.78 32.21
N ALA D 54 34.40 7.38 33.40
CA ALA D 54 35.31 7.02 34.45
C ALA D 54 36.23 5.84 34.04
N SER D 55 35.71 4.93 33.24
CA SER D 55 36.53 3.81 32.66
C SER D 55 37.57 4.28 31.64
N ARG D 56 37.46 5.50 31.14
CA ARG D 56 38.51 6.09 30.29
C ARG D 56 39.50 7.00 31.05
N GLY D 57 39.42 7.00 32.38
CA GLY D 57 40.31 7.70 33.29
C GLY D 57 39.85 9.06 33.85
N ILE D 58 38.68 9.51 33.42
CA ILE D 58 38.12 10.81 33.85
C ILE D 58 37.68 10.74 35.30
N LYS D 59 38.03 11.75 36.11
CA LYS D 59 37.72 11.70 37.53
C LYS D 59 36.30 12.25 37.71
N VAL D 60 35.48 11.52 38.47
CA VAL D 60 34.10 11.86 38.61
C VAL D 60 33.82 12.07 40.08
N GLN D 61 33.13 13.17 40.37
CA GLN D 61 32.75 13.41 41.74
C GLN D 61 31.24 13.60 41.79
N ILE D 62 30.61 12.99 42.80
CA ILE D 62 29.19 13.06 42.98
C ILE D 62 28.78 13.32 44.39
N ILE D 63 28.16 14.47 44.58
CA ILE D 63 27.56 14.84 45.81
C ILE D 63 26.08 14.53 45.73
N TYR D 64 25.63 13.67 46.65
CA TYR D 64 24.24 13.18 46.77
C TYR D 64 23.57 13.78 47.99
N ASP D 65 22.27 14.07 47.97
CA ASP D 65 21.62 14.49 49.18
C ASP D 65 21.67 13.42 50.31
N TYR D 66 21.99 13.85 51.52
CA TYR D 66 22.29 12.84 52.61
C TYR D 66 21.10 11.92 52.81
N GLU D 67 19.99 12.50 53.25
CA GLU D 67 18.79 11.78 53.64
C GLU D 67 18.21 10.94 52.53
N SER D 68 18.28 11.43 51.29
CA SER D 68 17.74 10.69 50.14
C SER D 68 18.59 9.50 49.65
N ASN D 69 19.89 9.43 50.01
CA ASN D 69 20.82 8.42 49.47
C ASN D 69 21.68 7.68 50.47
N HIS D 70 21.53 7.92 51.76
CA HIS D 70 22.52 7.31 52.72
C HIS D 70 22.29 5.80 52.89
N ASN D 71 21.01 5.42 52.94
CA ASN D 71 20.59 4.05 53.13
C ASN D 71 19.43 3.81 52.15
N ASN D 72 19.77 3.71 50.86
CA ASN D 72 18.76 3.64 49.79
C ASN D 72 19.20 2.71 48.67
N LYS D 73 18.53 1.55 48.64
CA LYS D 73 18.74 0.48 47.64
C LYS D 73 18.63 0.87 46.14
N GLN D 74 17.75 1.82 45.79
CA GLN D 74 17.59 2.20 44.38
C GLN D 74 18.57 3.32 44.00
N SER D 75 19.26 3.94 44.96
CA SER D 75 20.25 4.99 44.63
C SER D 75 21.45 4.37 43.92
N THR D 76 22.02 5.08 42.96
CA THR D 76 23.25 4.66 42.28
C THR D 76 24.53 4.72 43.17
N ILE D 77 24.43 5.36 44.34
CA ILE D 77 25.59 5.70 45.13
C ILE D 77 26.41 4.47 45.60
N GLY D 78 25.76 3.45 46.13
CA GLY D 78 26.47 2.15 46.42
C GLY D 78 27.18 1.58 45.19
N TYR D 79 26.41 1.50 44.10
CA TYR D 79 26.82 1.06 42.73
C TYR D 79 28.04 1.82 42.19
N LEU D 80 28.12 3.13 42.49
CA LEU D 80 29.17 3.99 41.99
C LEU D 80 30.35 4.26 42.90
N ASP D 81 30.16 4.06 44.18
CA ASP D 81 31.17 4.29 45.22
C ASP D 81 32.46 3.53 44.96
N LYS D 82 32.29 2.27 44.59
CA LYS D 82 33.44 1.41 44.39
C LYS D 82 34.09 1.59 43.04
N TYR D 83 33.52 2.40 42.18
CA TYR D 83 33.90 2.42 40.80
C TYR D 83 35.14 3.25 40.71
N PRO D 84 36.09 2.82 39.86
CA PRO D 84 37.34 3.59 39.69
C PRO D 84 37.14 4.99 39.13
N ASN D 85 38.02 5.88 39.58
CA ASN D 85 37.98 7.31 39.29
C ASN D 85 36.72 8.03 39.76
N THR D 86 36.02 7.49 40.74
CA THR D 86 34.69 7.98 41.09
C THR D 86 34.66 8.14 42.56
N LYS D 87 34.36 9.37 42.99
CA LYS D 87 34.19 9.66 44.40
C LYS D 87 32.76 10.13 44.63
N VAL D 88 32.14 9.64 45.68
CA VAL D 88 30.77 9.89 46.02
C VAL D 88 30.74 10.40 47.43
N CYS D 89 29.77 11.24 47.73
CA CYS D 89 29.65 11.73 49.06
C CYS D 89 28.24 12.18 49.28
N LEU D 90 27.89 12.41 50.53
CA LEU D 90 26.56 12.78 50.94
C LEU D 90 26.63 14.21 51.50
N LEU D 91 25.58 14.99 51.39
CA LEU D 91 25.54 16.37 51.90
C LEU D 91 24.14 16.69 52.38
N LYS D 92 23.96 17.02 53.67
CA LYS D 92 22.74 17.64 54.23
C LYS D 92 22.77 19.12 54.04
N GLY D 93 21.57 19.72 54.09
CA GLY D 93 21.47 21.12 54.12
C GLY D 93 21.72 21.64 55.52
N LEU D 94 21.38 22.92 55.67
CA LEU D 94 21.65 23.66 56.86
C LEU D 94 20.55 23.46 57.90
N LYS D 95 20.92 23.72 59.14
CA LYS D 95 19.99 23.71 60.26
C LYS D 95 19.00 24.88 60.08
N ALA D 96 17.72 24.60 60.22
CA ALA D 96 16.72 25.67 60.20
C ALA D 96 16.80 26.56 61.47
N LYS D 97 16.65 27.88 61.34
CA LYS D 97 16.58 28.73 62.54
C LYS D 97 15.30 28.41 63.36
N ASN D 98 14.16 28.32 62.68
CA ASN D 98 12.89 28.06 63.34
C ASN D 98 12.46 26.55 63.33
N GLY D 99 13.42 25.63 63.35
CA GLY D 99 13.07 24.20 63.41
C GLY D 99 14.17 23.23 63.79
N ASN D 100 13.75 22.03 64.26
CA ASN D 100 14.65 20.90 64.52
C ASN D 100 14.67 20.00 63.35
N TYR D 101 15.36 20.49 62.32
CA TYR D 101 15.41 19.84 61.03
C TYR D 101 16.45 20.58 60.17
N TYR D 102 16.98 19.82 59.22
CA TYR D 102 17.98 20.27 58.32
C TYR D 102 17.31 20.37 56.90
N GLY D 103 17.84 21.29 56.12
CA GLY D 103 17.47 21.36 54.71
C GLY D 103 18.13 20.23 53.95
N ILE D 104 17.85 20.22 52.64
CA ILE D 104 18.34 19.24 51.75
C ILE D 104 19.29 19.76 50.73
N MET D 105 19.98 18.81 50.11
CA MET D 105 20.88 19.12 49.06
C MET D 105 20.08 18.92 47.78
N ASN D 106 19.52 19.98 47.24
CA ASN D 106 18.51 19.77 46.16
C ASN D 106 18.95 20.11 44.77
N GLN D 107 20.19 20.46 44.60
CA GLN D 107 20.69 20.80 43.35
C GLN D 107 20.61 19.59 42.37
N LYS D 108 20.55 19.89 41.08
CA LYS D 108 20.69 18.89 40.03
C LYS D 108 21.61 19.49 39.04
N VAL D 109 22.92 19.32 39.28
CA VAL D 109 23.96 20.00 38.56
C VAL D 109 25.06 19.03 38.05
N ALA D 110 25.52 19.27 36.86
CA ALA D 110 26.66 18.51 36.29
C ALA D 110 27.55 19.47 35.54
N ILE D 111 28.87 19.45 35.89
CA ILE D 111 29.84 20.36 35.33
C ILE D 111 30.85 19.48 34.61
N ILE D 112 31.00 19.68 33.31
CA ILE D 112 31.81 18.79 32.45
C ILE D 112 33.07 19.57 32.19
N ASP D 113 34.22 19.04 32.67
CA ASP D 113 35.49 19.70 32.48
C ASP D 113 35.38 21.18 32.91
N ASP D 114 35.78 22.07 32.05
CA ASP D 114 35.51 23.50 32.27
C ASP D 114 34.67 23.98 31.11
N LYS D 115 33.92 23.08 30.48
CA LYS D 115 33.32 23.32 29.18
C LYS D 115 31.80 23.46 29.14
N ILE D 116 31.10 22.70 29.97
CA ILE D 116 29.63 22.61 29.93
C ILE D 116 29.09 22.56 31.34
N VAL D 117 27.94 23.16 31.58
CA VAL D 117 27.26 22.94 32.82
C VAL D 117 25.77 22.63 32.53
N PHE D 118 25.20 21.73 33.34
CA PHE D 118 23.80 21.31 33.18
C PHE D 118 23.16 21.64 34.49
N LEU D 119 21.99 22.32 34.48
CA LEU D 119 21.25 22.57 35.72
C LEU D 119 19.77 22.70 35.36
N GLY D 120 18.92 22.73 36.37
CA GLY D 120 17.49 22.70 36.15
C GLY D 120 16.73 22.01 37.23
N SER D 121 15.53 21.49 36.88
CA SER D 121 14.67 20.93 37.87
C SER D 121 14.67 19.45 38.01
N ALA D 122 15.34 18.78 37.10
CA ALA D 122 15.15 17.33 36.90
C ALA D 122 16.09 16.51 37.80
N ASN D 123 15.51 15.76 38.73
CA ASN D 123 16.24 14.66 39.33
C ASN D 123 16.65 13.61 38.29
N TRP D 124 17.65 12.81 38.66
CA TRP D 124 18.16 11.81 37.76
C TRP D 124 17.50 10.47 37.93
N SER D 125 16.25 10.48 37.53
CA SER D 125 15.33 9.35 37.67
C SER D 125 14.59 9.08 36.39
N LYS D 126 14.08 7.85 36.31
CA LYS D 126 13.09 7.54 35.31
C LYS D 126 11.88 8.44 35.36
N ASN D 127 11.29 8.70 36.55
CA ASN D 127 10.14 9.61 36.65
C ASN D 127 10.42 10.92 36.04
N ALA D 128 11.57 11.49 36.30
CA ALA D 128 11.82 12.82 35.81
C ALA D 128 11.90 12.82 34.27
N PHE D 129 12.51 11.80 33.68
CA PHE D 129 12.77 11.78 32.24
C PHE D 129 11.65 11.09 31.43
N GLU D 130 10.66 10.54 32.11
CA GLU D 130 9.48 9.93 31.40
C GLU D 130 8.15 10.55 31.75
N ASN D 131 7.93 10.92 33.03
CA ASN D 131 6.55 11.32 33.44
C ASN D 131 6.32 12.78 33.85
N ASN D 132 7.42 13.41 34.15
CA ASN D 132 7.30 14.78 34.75
C ASN D 132 7.39 15.94 33.73
N TYR D 133 6.83 17.12 34.16
CA TYR D 133 7.23 18.38 33.60
C TYR D 133 8.54 18.83 34.34
N GLU D 134 9.56 19.20 33.60
CA GLU D 134 10.88 19.55 34.12
C GLU D 134 11.44 20.52 33.14
N VAL D 135 12.52 21.19 33.55
CA VAL D 135 13.39 21.87 32.64
C VAL D 135 14.84 21.46 32.84
N LEU D 136 15.58 21.39 31.75
CA LEU D 136 17.06 21.10 31.86
C LEU D 136 17.75 22.07 30.98
N LEU D 137 18.73 22.78 31.51
CA LEU D 137 19.48 23.74 30.72
C LEU D 137 20.92 23.30 30.63
N LYS D 138 21.37 23.20 29.38
CA LYS D 138 22.82 23.01 29.09
C LYS D 138 23.35 24.34 28.65
N THR D 139 24.54 24.72 29.17
CA THR D 139 25.19 25.95 28.72
C THR D 139 26.71 25.78 28.64
N ASP D 140 27.32 26.47 27.68
CA ASP D 140 28.79 26.56 27.56
C ASP D 140 29.34 27.93 27.99
N ASP D 141 28.52 28.71 28.66
CA ASP D 141 28.90 29.93 29.22
C ASP D 141 29.97 29.76 30.27
N THR D 142 31.21 30.16 29.92
CA THR D 142 32.31 30.11 30.89
C THR D 142 32.08 30.88 32.17
N GLU D 143 31.31 31.97 32.13
CA GLU D 143 31.16 32.72 33.36
C GLU D 143 30.36 31.88 34.37
N THR D 144 29.32 31.23 33.86
CA THR D 144 28.46 30.29 34.68
C THR D 144 29.24 29.07 35.13
N ILE D 145 29.98 28.51 34.20
CA ILE D 145 30.90 27.35 34.50
C ILE D 145 31.87 27.69 35.62
N LEU D 146 32.54 28.85 35.52
CA LEU D 146 33.54 29.22 36.49
C LEU D 146 32.89 29.35 37.86
N LYS D 147 31.74 30.04 37.91
CA LYS D 147 31.12 30.24 39.12
C LYS D 147 30.62 28.92 39.75
N ALA D 148 29.96 28.08 38.94
CA ALA D 148 29.49 26.78 39.43
C ALA D 148 30.70 25.97 40.04
N LYS D 149 31.79 25.95 39.30
CA LYS D 149 32.99 25.21 39.74
C LYS D 149 33.52 25.77 41.05
N SER D 150 33.59 27.06 41.20
CA SER D 150 33.99 27.61 42.49
C SER D 150 33.14 27.20 43.68
N TYR D 151 31.80 27.27 43.58
CA TYR D 151 30.98 26.87 44.71
C TYR D 151 30.94 25.29 44.88
N TYR D 152 31.17 24.56 43.78
CA TYR D 152 31.29 23.07 43.88
C TYR D 152 32.44 22.69 44.79
N GLN D 153 33.53 23.42 44.65
CA GLN D 153 34.72 23.07 45.45
C GLN D 153 34.42 23.44 46.90
N LYS D 154 33.66 24.51 47.10
CA LYS D 154 33.11 24.82 48.40
C LYS D 154 32.25 23.74 49.02
N MET D 155 31.24 23.23 48.28
CA MET D 155 30.33 22.25 48.82
CA MET D 155 30.34 22.24 48.81
C MET D 155 31.06 20.94 49.15
N LEU D 156 32.10 20.63 48.39
CA LEU D 156 32.93 19.48 48.69
C LEU D 156 33.55 19.56 50.06
N GLU D 157 33.79 20.80 50.50
CA GLU D 157 34.21 21.04 51.88
C GLU D 157 33.28 20.42 52.92
N SER D 158 31.99 20.36 52.61
CA SER D 158 30.99 20.05 53.64
C SER D 158 30.42 18.64 53.53
N CYS D 159 30.69 18.01 52.37
CA CYS D 159 30.14 16.69 52.05
CA CYS D 159 30.17 16.68 52.03
C CYS D 159 30.89 15.61 52.83
N VAL D 160 30.22 14.47 52.98
CA VAL D 160 30.66 13.36 53.80
C VAL D 160 30.78 12.05 52.95
N GLY D 161 31.98 11.44 52.91
CA GLY D 161 32.15 10.13 52.27
C GLY D 161 31.04 9.10 52.54
N PHE D 162 30.70 8.31 51.53
CA PHE D 162 29.73 7.21 51.68
C PHE D 162 30.46 6.01 52.32
N GLU E 4 -18.44 -0.43 -15.83
CA GLU E 4 -18.68 0.61 -14.77
C GLU E 4 -19.46 0.17 -13.52
N PHE E 5 -19.42 -1.10 -13.14
CA PHE E 5 -20.23 -1.51 -11.99
C PHE E 5 -19.43 -1.45 -10.73
N LYS E 6 -20.13 -1.34 -9.61
CA LYS E 6 -19.56 -1.44 -8.26
C LYS E 6 -20.36 -2.54 -7.54
N ASN E 7 -19.61 -3.52 -7.01
CA ASN E 7 -20.13 -4.45 -6.03
C ASN E 7 -19.75 -4.01 -4.61
N SER E 8 -20.65 -4.21 -3.65
CA SER E 8 -20.37 -3.97 -2.24
C SER E 8 -20.76 -5.21 -1.51
N LEU E 9 -19.78 -5.96 -1.06
CA LEU E 9 -20.01 -7.18 -0.29
C LEU E 9 -19.93 -6.86 1.19
N PHE E 10 -20.85 -7.44 1.95
CA PHE E 10 -20.85 -7.38 3.38
C PHE E 10 -20.81 -8.80 3.84
N VAL E 11 -19.88 -9.08 4.74
CA VAL E 11 -19.81 -10.33 5.37
C VAL E 11 -20.22 -10.28 6.80
N LEU E 12 -21.25 -11.05 7.12
CA LEU E 12 -21.86 -11.04 8.42
C LEU E 12 -21.39 -12.17 9.22
N PRO E 13 -21.22 -12.01 10.55
CA PRO E 13 -21.67 -10.94 11.41
C PRO E 13 -20.80 -9.72 11.55
N TYR E 14 -19.61 -9.78 10.95
CA TYR E 14 -18.60 -8.77 11.15
C TYR E 14 -19.12 -7.42 10.71
N GLU E 15 -19.82 -7.42 9.54
CA GLU E 15 -20.32 -6.24 9.01
C GLU E 15 -21.89 -6.18 9.05
N GLN E 16 -22.52 -6.80 10.06
CA GLN E 16 -23.98 -6.82 10.18
C GLN E 16 -24.62 -5.46 10.24
N ARG E 17 -24.07 -4.50 10.99
CA ARG E 17 -24.75 -3.22 11.10
C ARG E 17 -24.65 -2.46 9.80
N ASP E 18 -23.47 -2.45 9.19
CA ASP E 18 -23.28 -1.88 7.83
C ASP E 18 -24.19 -2.51 6.78
N ALA E 19 -24.35 -3.79 6.81
CA ALA E 19 -25.25 -4.49 5.81
C ALA E 19 -26.73 -4.13 6.01
N LEU E 20 -27.20 -4.18 7.27
CA LEU E 20 -28.57 -3.81 7.54
C LEU E 20 -28.83 -2.37 7.12
N ASN E 21 -27.91 -1.46 7.46
CA ASN E 21 -28.06 -0.08 7.05
C ASN E 21 -28.04 0.15 5.54
N SER E 22 -27.20 -0.59 4.82
CA SER E 22 -27.18 -0.54 3.35
C SER E 22 -28.54 -0.91 2.75
N LEU E 23 -29.06 -2.05 3.21
CA LEU E 23 -30.33 -2.56 2.72
C LEU E 23 -31.49 -1.55 3.05
N ILE E 24 -31.54 -1.11 4.32
CA ILE E 24 -32.59 -0.22 4.83
C ILE E 24 -32.52 1.11 4.13
N SER E 25 -31.30 1.64 3.97
CA SER E 25 -31.07 2.87 3.16
C SER E 25 -31.47 2.70 1.65
N GLY E 26 -31.12 1.56 1.05
CA GLY E 26 -31.52 1.21 -0.32
C GLY E 26 -33.02 1.26 -0.52
N ILE E 27 -33.74 0.70 0.45
CA ILE E 27 -35.18 0.68 0.40
C ILE E 27 -35.69 2.10 0.67
N SER E 28 -35.23 2.72 1.75
CA SER E 28 -35.85 3.98 2.19
C SER E 28 -35.68 5.07 1.15
N SER E 29 -34.60 5.03 0.39
CA SER E 29 -34.27 6.09 -0.53
C SER E 29 -34.82 5.86 -1.93
N ALA E 30 -35.56 4.77 -2.17
CA ALA E 30 -36.13 4.45 -3.47
C ALA E 30 -37.00 5.66 -3.92
N ARG E 31 -36.95 5.89 -5.22
CA ARG E 31 -37.68 7.00 -5.87
C ARG E 31 -38.87 6.49 -6.65
N GLU E 32 -38.88 5.21 -7.10
CA GLU E 32 -39.92 4.65 -8.01
C GLU E 32 -40.49 3.35 -7.56
N SER E 33 -39.62 2.34 -7.41
CA SER E 33 -40.09 1.01 -7.24
C SER E 33 -39.18 0.16 -6.35
N VAL E 34 -39.80 -0.69 -5.56
CA VAL E 34 -39.06 -1.67 -4.81
C VAL E 34 -39.63 -3.00 -5.16
N LYS E 35 -38.80 -3.92 -5.66
CA LYS E 35 -39.28 -5.26 -5.86
C LYS E 35 -38.49 -6.24 -5.01
N ILE E 36 -39.20 -6.99 -4.17
CA ILE E 36 -38.52 -7.93 -3.20
C ILE E 36 -38.97 -9.34 -3.39
N ALA E 37 -38.06 -10.33 -3.32
CA ALA E 37 -38.48 -11.74 -3.22
C ALA E 37 -37.77 -12.22 -1.96
N ILE E 38 -38.48 -12.67 -0.95
CA ILE E 38 -37.84 -13.04 0.27
C ILE E 38 -38.41 -14.29 0.85
N TYR E 39 -37.52 -15.21 1.26
CA TYR E 39 -37.92 -16.40 2.01
C TYR E 39 -38.57 -16.22 3.32
N SER E 40 -37.87 -15.54 4.25
CA SER E 40 -38.36 -15.39 5.59
C SER E 40 -38.12 -13.94 5.84
N PHE E 41 -39.16 -13.26 6.34
CA PHE E 41 -39.12 -11.80 6.56
C PHE E 41 -39.93 -11.46 7.82
N THR E 42 -39.22 -11.42 8.94
CA THR E 42 -39.79 -11.12 10.24
C THR E 42 -39.24 -9.82 10.86
N HIS E 43 -38.28 -9.14 10.21
CA HIS E 43 -37.53 -8.01 10.84
C HIS E 43 -38.42 -6.76 10.73
N ARG E 44 -38.89 -6.28 11.86
CA ARG E 44 -39.84 -5.14 11.83
C ARG E 44 -39.29 -3.84 11.34
N ASP E 45 -38.00 -3.59 11.61
CA ASP E 45 -37.39 -2.35 11.17
C ASP E 45 -37.31 -2.34 9.67
N ILE E 46 -37.08 -3.51 9.03
CA ILE E 46 -36.99 -3.43 7.60
C ILE E 46 -38.44 -3.15 7.10
N ALA E 47 -39.42 -3.72 7.76
CA ALA E 47 -40.87 -3.60 7.33
C ALA E 47 -41.29 -2.15 7.49
N ARG E 48 -40.88 -1.57 8.61
CA ARG E 48 -41.05 -0.12 8.78
C ARG E 48 -40.46 0.69 7.65
N ALA E 49 -39.25 0.38 7.19
CA ALA E 49 -38.64 1.08 6.08
C ALA E 49 -39.49 0.96 4.83
N ILE E 50 -40.00 -0.22 4.56
CA ILE E 50 -40.88 -0.41 3.42
C ILE E 50 -42.17 0.42 3.56
N LYS E 51 -42.84 0.34 4.72
CA LYS E 51 -44.00 1.22 4.98
C LYS E 51 -43.64 2.69 4.73
N SER E 52 -42.48 3.13 5.24
CA SER E 52 -42.08 4.52 5.04
C SER E 52 -41.95 4.90 3.58
N VAL E 53 -41.32 4.02 2.76
CA VAL E 53 -41.16 4.35 1.35
C VAL E 53 -42.52 4.24 0.56
N ALA E 54 -43.33 3.27 0.90
CA ALA E 54 -44.66 3.11 0.37
C ALA E 54 -45.49 4.43 0.60
N SER E 55 -45.35 4.98 1.82
CA SER E 55 -46.00 6.26 2.28
C SER E 55 -45.61 7.45 1.46
N ARG E 56 -44.46 7.40 0.78
CA ARG E 56 -44.05 8.50 -0.10
C ARG E 56 -44.53 8.29 -1.55
N GLY E 57 -45.25 7.20 -1.83
CA GLY E 57 -45.83 6.96 -3.16
C GLY E 57 -45.12 5.93 -4.03
N ILE E 58 -44.07 5.31 -3.47
CA ILE E 58 -43.30 4.29 -4.13
C ILE E 58 -44.08 2.95 -4.18
N LYS E 59 -44.13 2.32 -5.36
CA LYS E 59 -44.77 1.04 -5.53
C LYS E 59 -43.85 -0.08 -5.04
N VAL E 60 -44.31 -0.80 -4.02
CA VAL E 60 -43.60 -1.93 -3.48
C VAL E 60 -44.28 -3.27 -3.84
N GLN E 61 -43.49 -4.28 -4.28
CA GLN E 61 -44.01 -5.62 -4.54
C GLN E 61 -43.15 -6.57 -3.71
N ILE E 62 -43.78 -7.48 -2.96
CA ILE E 62 -43.05 -8.47 -2.21
C ILE E 62 -43.58 -9.85 -2.51
N ILE E 63 -42.73 -10.80 -2.92
CA ILE E 63 -43.06 -12.23 -3.10
C ILE E 63 -42.46 -12.91 -1.89
N TYR E 64 -43.29 -13.45 -1.03
CA TYR E 64 -42.86 -14.24 0.12
C TYR E 64 -42.88 -15.76 -0.20
N ASP E 65 -41.97 -16.57 0.38
CA ASP E 65 -42.14 -18.02 0.26
C ASP E 65 -43.52 -18.42 0.87
N TYR E 66 -44.21 -19.28 0.16
CA TYR E 66 -45.57 -19.70 0.55
C TYR E 66 -45.56 -20.45 1.93
N GLU E 67 -44.76 -21.49 2.10
CA GLU E 67 -44.87 -22.24 3.39
C GLU E 67 -44.44 -21.49 4.63
N SER E 68 -43.43 -20.66 4.46
CA SER E 68 -42.89 -19.90 5.50
C SER E 68 -43.88 -18.81 5.88
N ASN E 69 -44.73 -18.34 4.94
CA ASN E 69 -45.43 -17.06 5.23
C ASN E 69 -46.96 -17.07 5.07
N HIS E 70 -47.55 -18.08 4.46
CA HIS E 70 -48.99 -18.12 4.23
C HIS E 70 -49.81 -18.11 5.53
N ASN E 71 -49.25 -18.62 6.61
CA ASN E 71 -49.97 -18.66 7.87
C ASN E 71 -49.00 -18.57 9.01
N ASN E 72 -48.40 -17.40 9.20
CA ASN E 72 -47.26 -17.23 10.17
C ASN E 72 -47.34 -15.88 10.88
N LYS E 73 -47.70 -15.83 12.17
CA LYS E 73 -47.84 -14.56 12.84
C LYS E 73 -46.57 -13.72 12.94
N GLN E 74 -45.42 -14.37 12.81
CA GLN E 74 -44.16 -13.66 12.86
C GLN E 74 -43.86 -13.04 11.50
N SER E 75 -44.52 -13.53 10.44
CA SER E 75 -44.20 -12.92 9.14
C SER E 75 -44.72 -11.47 9.13
N THR E 76 -43.96 -10.61 8.41
CA THR E 76 -44.42 -9.27 8.14
C THR E 76 -45.51 -9.19 7.04
N ILE E 77 -45.88 -10.30 6.41
CA ILE E 77 -46.81 -10.22 5.31
C ILE E 77 -48.17 -9.64 5.76
N GLY E 78 -48.58 -10.03 6.96
CA GLY E 78 -49.86 -9.52 7.48
C GLY E 78 -49.84 -8.00 7.72
N TYR E 79 -48.74 -7.54 8.33
CA TYR E 79 -48.42 -6.16 8.65
C TYR E 79 -48.36 -5.33 7.37
N LEU E 80 -47.87 -5.88 6.26
CA LEU E 80 -47.71 -5.12 5.04
C LEU E 80 -48.88 -5.28 4.02
N ASP E 81 -49.69 -6.31 4.14
CA ASP E 81 -50.69 -6.62 3.08
C ASP E 81 -51.77 -5.49 3.06
N LYS E 82 -52.15 -4.97 4.20
CA LYS E 82 -53.10 -3.86 4.19
C LYS E 82 -52.48 -2.46 3.90
N TYR E 83 -51.41 -2.34 3.07
CA TYR E 83 -50.75 -1.06 3.05
C TYR E 83 -50.82 -0.44 1.70
N PRO E 84 -50.99 0.87 1.65
CA PRO E 84 -51.07 1.45 0.34
C PRO E 84 -49.76 1.31 -0.46
N ASN E 85 -49.95 1.15 -1.74
CA ASN E 85 -48.86 1.00 -2.76
C ASN E 85 -48.03 -0.26 -2.55
N THR E 86 -48.49 -1.16 -1.70
CA THR E 86 -47.79 -2.42 -1.37
C THR E 86 -48.58 -3.64 -1.78
N LYS E 87 -48.06 -4.38 -2.74
CA LYS E 87 -48.57 -5.68 -3.16
C LYS E 87 -47.73 -6.81 -2.52
N VAL E 88 -48.37 -7.68 -1.76
CA VAL E 88 -47.69 -8.88 -1.22
C VAL E 88 -48.34 -10.13 -1.78
N CYS E 89 -47.55 -11.16 -2.05
CA CYS E 89 -48.03 -12.46 -2.46
C CYS E 89 -47.12 -13.59 -2.01
N LEU E 90 -47.47 -14.81 -2.35
CA LEU E 90 -46.88 -16.03 -1.83
C LEU E 90 -46.54 -16.92 -3.03
N LEU E 91 -45.38 -17.57 -2.94
CA LEU E 91 -44.86 -18.40 -4.01
C LEU E 91 -44.26 -19.65 -3.48
N LYS E 92 -44.80 -20.80 -3.95
CA LYS E 92 -44.26 -22.15 -3.68
C LYS E 92 -43.30 -22.50 -4.79
N GLY E 93 -42.29 -23.27 -4.41
CA GLY E 93 -41.49 -23.96 -5.33
C GLY E 93 -42.12 -25.05 -6.17
N LEU E 94 -41.28 -25.68 -6.96
CA LEU E 94 -41.73 -26.74 -7.90
C LEU E 94 -41.91 -28.04 -7.19
N LYS E 95 -42.78 -28.94 -7.77
CA LYS E 95 -42.94 -30.26 -7.16
C LYS E 95 -41.69 -31.17 -7.24
N ALA E 96 -41.32 -31.82 -6.14
CA ALA E 96 -40.14 -32.70 -6.11
C ALA E 96 -40.33 -33.90 -7.09
N LYS E 97 -39.28 -34.25 -7.85
CA LYS E 97 -39.28 -35.41 -8.79
C LYS E 97 -39.91 -36.65 -8.19
N ASN E 98 -39.55 -36.96 -6.93
CA ASN E 98 -40.15 -38.08 -6.19
C ASN E 98 -41.68 -37.90 -5.98
N GLY E 99 -42.12 -36.68 -5.67
CA GLY E 99 -43.54 -36.29 -5.73
C GLY E 99 -44.27 -35.99 -4.42
N ASN E 100 -43.57 -36.09 -3.27
CA ASN E 100 -44.24 -35.97 -1.96
C ASN E 100 -44.11 -34.61 -1.26
N TYR E 101 -43.33 -33.68 -1.82
CA TYR E 101 -43.28 -32.28 -1.35
C TYR E 101 -42.99 -31.28 -2.50
N TYR E 102 -43.12 -29.97 -2.19
CA TYR E 102 -42.75 -28.90 -3.12
C TYR E 102 -41.50 -28.15 -2.56
N GLY E 103 -40.77 -27.57 -3.50
CA GLY E 103 -39.70 -26.66 -3.18
C GLY E 103 -40.14 -25.35 -2.54
N ILE E 104 -39.15 -24.56 -2.30
CA ILE E 104 -39.30 -23.22 -1.66
C ILE E 104 -38.89 -22.11 -2.52
N MET E 105 -39.40 -20.90 -2.12
CA MET E 105 -38.98 -19.68 -2.80
C MET E 105 -37.91 -19.17 -1.80
N ASN E 106 -36.65 -19.51 -2.13
CA ASN E 106 -35.55 -19.25 -1.23
C ASN E 106 -34.82 -17.95 -1.49
N GLN E 107 -35.24 -17.16 -2.49
CA GLN E 107 -34.54 -15.91 -2.83
C GLN E 107 -34.60 -14.94 -1.66
N LYS E 108 -33.52 -14.18 -1.54
CA LYS E 108 -33.44 -12.97 -0.67
C LYS E 108 -32.92 -11.87 -1.55
N VAL E 109 -33.85 -11.15 -2.20
CA VAL E 109 -33.51 -10.29 -3.34
C VAL E 109 -34.28 -8.98 -3.22
N ALA E 110 -33.60 -7.85 -3.27
CA ALA E 110 -34.29 -6.56 -3.37
C ALA E 110 -33.78 -5.74 -4.59
N ILE E 111 -34.72 -5.29 -5.43
CA ILE E 111 -34.40 -4.53 -6.64
C ILE E 111 -34.99 -3.17 -6.45
N ILE E 112 -34.16 -2.16 -6.44
CA ILE E 112 -34.56 -0.82 -6.19
C ILE E 112 -34.49 0.01 -7.46
N ASP E 113 -35.62 0.66 -7.79
CA ASP E 113 -35.68 1.60 -8.94
C ASP E 113 -35.03 1.06 -10.20
N ASP E 114 -35.01 -0.24 -10.43
CA ASP E 114 -34.16 -0.79 -11.55
C ASP E 114 -32.69 -0.29 -11.66
N LYS E 115 -32.14 0.23 -10.56
CA LYS E 115 -30.78 0.78 -10.51
C LYS E 115 -29.86 0.07 -9.50
N ILE E 116 -30.43 -0.64 -8.52
CA ILE E 116 -29.60 -1.37 -7.59
C ILE E 116 -30.22 -2.69 -7.22
N VAL E 117 -29.39 -3.74 -6.99
CA VAL E 117 -29.92 -5.01 -6.55
C VAL E 117 -29.11 -5.53 -5.38
N PHE E 118 -29.83 -6.05 -4.38
CA PHE E 118 -29.28 -6.73 -3.22
C PHE E 118 -29.59 -8.20 -3.26
N LEU E 119 -28.57 -9.04 -3.05
CA LEU E 119 -28.78 -10.49 -3.01
C LEU E 119 -27.76 -11.12 -2.11
N GLY E 120 -27.97 -12.37 -1.79
CA GLY E 120 -27.14 -13.02 -0.76
C GLY E 120 -27.82 -14.15 -0.09
N SER E 121 -27.29 -14.47 1.07
CA SER E 121 -27.79 -15.54 1.91
C SER E 121 -28.70 -15.16 3.04
N ALA E 122 -28.90 -13.87 3.28
CA ALA E 122 -29.53 -13.43 4.53
C ALA E 122 -31.02 -13.26 4.45
N ASN E 123 -31.74 -13.96 5.31
CA ASN E 123 -33.15 -13.76 5.49
C ASN E 123 -33.29 -12.49 6.22
N TRP E 124 -34.50 -11.95 6.13
CA TRP E 124 -34.71 -10.63 6.65
C TRP E 124 -35.28 -10.81 8.04
N SER E 125 -34.37 -11.05 8.98
CA SER E 125 -34.71 -11.45 10.35
C SER E 125 -33.66 -10.93 11.32
N LYS E 126 -34.05 -10.82 12.57
CA LYS E 126 -33.11 -10.33 13.60
C LYS E 126 -31.91 -11.28 13.68
N ASN E 127 -32.18 -12.56 13.60
CA ASN E 127 -31.12 -13.54 13.67
C ASN E 127 -30.16 -13.40 12.55
N ALA E 128 -30.65 -13.24 11.33
CA ALA E 128 -29.74 -13.02 10.21
C ALA E 128 -28.75 -11.85 10.43
N PHE E 129 -29.21 -10.77 11.04
CA PHE E 129 -28.52 -9.55 11.12
C PHE E 129 -27.82 -9.35 12.48
N GLU E 130 -28.01 -10.33 13.38
CA GLU E 130 -27.45 -10.28 14.75
C GLU E 130 -26.57 -11.45 15.07
N ASN E 131 -26.96 -12.66 14.67
CA ASN E 131 -26.33 -13.91 15.20
C ASN E 131 -25.68 -14.85 14.18
N ASN E 132 -25.93 -14.65 12.89
CA ASN E 132 -25.57 -15.59 11.85
C ASN E 132 -24.34 -15.11 11.03
N TYR E 133 -23.63 -16.08 10.48
CA TYR E 133 -22.76 -15.81 9.32
C TYR E 133 -23.67 -15.72 8.07
N GLU E 134 -23.46 -14.68 7.24
CA GLU E 134 -24.22 -14.49 6.03
C GLU E 134 -23.34 -13.76 5.08
N VAL E 135 -23.76 -13.60 3.83
CA VAL E 135 -23.23 -12.61 2.96
C VAL E 135 -24.40 -11.77 2.35
N LEU E 136 -24.09 -10.53 2.07
CA LEU E 136 -25.07 -9.62 1.42
C LEU E 136 -24.25 -8.88 0.39
N LEU E 137 -24.73 -8.93 -0.85
CA LEU E 137 -24.11 -8.21 -1.93
C LEU E 137 -25.04 -7.16 -2.51
N LYS E 138 -24.53 -5.96 -2.65
CA LYS E 138 -25.18 -4.87 -3.34
C LYS E 138 -24.42 -4.63 -4.64
N THR E 139 -25.17 -4.49 -5.73
CA THR E 139 -24.58 -4.09 -6.98
C THR E 139 -25.43 -3.17 -7.79
N ASP E 140 -24.72 -2.38 -8.58
CA ASP E 140 -25.42 -1.50 -9.56
C ASP E 140 -25.24 -1.98 -11.01
N ASP E 141 -24.76 -3.21 -11.15
CA ASP E 141 -24.58 -3.80 -12.47
C ASP E 141 -25.89 -4.00 -13.25
N THR E 142 -26.01 -3.29 -14.37
CA THR E 142 -27.22 -3.28 -15.18
C THR E 142 -27.58 -4.67 -15.59
N GLU E 143 -26.66 -5.51 -16.07
CA GLU E 143 -27.15 -6.81 -16.59
C GLU E 143 -27.68 -7.68 -15.46
N THR E 144 -27.06 -7.55 -14.25
CA THR E 144 -27.51 -8.28 -13.08
C THR E 144 -28.88 -7.85 -12.68
N ILE E 145 -29.08 -6.54 -12.64
CA ILE E 145 -30.35 -5.97 -12.19
C ILE E 145 -31.44 -6.40 -13.15
N LEU E 146 -31.22 -6.19 -14.44
CA LEU E 146 -32.36 -6.41 -15.34
C LEU E 146 -32.61 -7.86 -15.63
N LYS E 147 -31.62 -8.72 -15.44
CA LYS E 147 -31.94 -10.11 -15.44
C LYS E 147 -32.80 -10.48 -14.23
N ALA E 148 -32.40 -10.02 -13.04
CA ALA E 148 -33.17 -10.30 -11.82
C ALA E 148 -34.61 -9.77 -11.98
N LYS E 149 -34.72 -8.56 -12.55
CA LYS E 149 -36.01 -7.89 -12.68
C LYS E 149 -36.89 -8.67 -13.62
N SER E 150 -36.31 -9.08 -14.75
CA SER E 150 -37.06 -9.73 -15.82
CA SER E 150 -37.08 -9.65 -15.81
C SER E 150 -37.54 -11.11 -15.38
N TYR E 151 -36.73 -11.86 -14.63
CA TYR E 151 -37.23 -13.10 -14.04
C TYR E 151 -38.23 -12.86 -12.87
N TYR E 152 -38.01 -11.81 -12.10
CA TYR E 152 -38.91 -11.52 -11.01
C TYR E 152 -40.35 -11.32 -11.57
N GLN E 153 -40.41 -10.53 -12.65
CA GLN E 153 -41.74 -10.14 -13.27
C GLN E 153 -42.39 -11.43 -13.77
N LYS E 154 -41.59 -12.40 -14.19
CA LYS E 154 -42.11 -13.73 -14.54
C LYS E 154 -42.63 -14.49 -13.27
N MET E 155 -41.88 -14.41 -12.18
CA MET E 155 -42.24 -15.07 -10.90
C MET E 155 -43.58 -14.50 -10.36
N LEU E 156 -43.85 -13.24 -10.61
CA LEU E 156 -45.10 -12.57 -10.10
C LEU E 156 -46.33 -13.28 -10.68
N GLU E 157 -46.23 -13.76 -11.92
CA GLU E 157 -47.39 -14.48 -12.53
C GLU E 157 -47.76 -15.81 -11.87
N SER E 158 -46.85 -16.44 -11.13
CA SER E 158 -47.15 -17.68 -10.43
C SER E 158 -47.52 -17.48 -8.98
N CYS E 159 -47.29 -16.28 -8.43
CA CYS E 159 -47.55 -16.08 -7.00
CA CYS E 159 -47.59 -16.04 -7.03
C CYS E 159 -49.07 -15.92 -6.80
N VAL E 160 -49.49 -16.20 -5.58
CA VAL E 160 -50.90 -16.21 -5.19
C VAL E 160 -51.12 -15.24 -4.05
N GLY E 161 -52.36 -14.75 -3.92
CA GLY E 161 -52.69 -13.70 -2.92
C GLY E 161 -52.51 -14.15 -1.49
N PHE E 162 -52.34 -13.17 -0.60
CA PHE E 162 -52.14 -13.51 0.80
C PHE E 162 -53.47 -13.79 1.51
N GLU F 4 5.16 -29.75 -5.15
CA GLU F 4 5.48 -28.36 -4.65
C GLU F 4 6.68 -27.72 -5.41
N PHE F 5 6.42 -26.53 -5.89
CA PHE F 5 7.27 -25.83 -6.82
C PHE F 5 7.62 -24.49 -6.16
N LYS F 6 8.72 -23.89 -6.57
CA LYS F 6 9.15 -22.61 -6.04
C LYS F 6 9.60 -21.73 -7.19
N ASN F 7 9.29 -20.45 -7.12
CA ASN F 7 9.91 -19.44 -8.01
C ASN F 7 10.90 -18.66 -7.16
N SER F 8 12.09 -18.38 -7.66
CA SER F 8 13.05 -17.54 -7.01
C SER F 8 13.42 -16.35 -7.88
N LEU F 9 13.03 -15.14 -7.47
CA LEU F 9 13.31 -13.91 -8.23
C LEU F 9 14.52 -13.20 -7.73
N PHE F 10 15.33 -12.68 -8.66
CA PHE F 10 16.43 -11.82 -8.33
C PHE F 10 16.26 -10.50 -9.08
N VAL F 11 16.43 -9.38 -8.38
CA VAL F 11 16.26 -8.13 -9.01
C VAL F 11 17.63 -7.47 -9.04
N LEU F 12 18.14 -7.11 -10.21
CA LEU F 12 19.43 -6.48 -10.39
C LEU F 12 19.26 -4.98 -10.58
N PRO F 13 20.25 -4.15 -10.19
CA PRO F 13 21.58 -4.53 -9.73
C PRO F 13 21.70 -5.03 -8.28
N TYR F 14 20.68 -4.74 -7.50
CA TYR F 14 20.61 -5.04 -6.10
C TYR F 14 21.16 -6.40 -5.74
N GLU F 15 20.69 -7.44 -6.44
CA GLU F 15 21.05 -8.80 -6.15
C GLU F 15 21.86 -9.44 -7.31
N GLN F 16 22.66 -8.64 -7.99
CA GLN F 16 23.40 -9.07 -9.15
C GLN F 16 24.42 -10.19 -8.83
N ARG F 17 25.03 -10.12 -7.66
CA ARG F 17 26.00 -11.18 -7.24
C ARG F 17 25.24 -12.50 -7.03
N ASP F 18 24.13 -12.45 -6.28
CA ASP F 18 23.37 -13.69 -6.03
C ASP F 18 22.81 -14.24 -7.32
N ALA F 19 22.40 -13.35 -8.22
CA ALA F 19 21.77 -13.78 -9.50
C ALA F 19 22.78 -14.54 -10.36
N LEU F 20 23.93 -13.94 -10.52
CA LEU F 20 25.02 -14.58 -11.31
C LEU F 20 25.38 -15.90 -10.67
N ASN F 21 25.53 -15.93 -9.32
CA ASN F 21 25.84 -17.17 -8.56
C ASN F 21 24.77 -18.22 -8.77
N SER F 22 23.51 -17.82 -8.73
CA SER F 22 22.41 -18.75 -9.02
C SER F 22 22.56 -19.37 -10.42
N LEU F 23 22.74 -18.56 -11.47
CA LEU F 23 22.79 -19.11 -12.82
C LEU F 23 24.07 -20.02 -13.03
N ILE F 24 25.21 -19.53 -12.56
CA ILE F 24 26.42 -20.38 -12.74
C ILE F 24 26.29 -21.65 -11.96
N SER F 25 25.74 -21.62 -10.76
CA SER F 25 25.52 -22.83 -9.98
C SER F 25 24.58 -23.80 -10.65
N GLY F 26 23.47 -23.28 -11.14
CA GLY F 26 22.54 -24.09 -11.85
C GLY F 26 23.11 -24.81 -13.06
N ILE F 27 23.89 -24.09 -13.85
CA ILE F 27 24.62 -24.66 -14.98
C ILE F 27 25.63 -25.66 -14.49
N SER F 28 26.40 -25.27 -13.49
CA SER F 28 27.56 -26.09 -13.06
C SER F 28 27.09 -27.36 -12.39
N SER F 29 25.89 -27.34 -11.85
CA SER F 29 25.39 -28.53 -11.17
C SER F 29 24.47 -29.42 -12.04
N ALA F 30 24.33 -29.11 -13.32
CA ALA F 30 23.67 -29.97 -14.26
C ALA F 30 24.32 -31.38 -14.21
N ARG F 31 23.46 -32.37 -14.35
CA ARG F 31 23.78 -33.79 -14.42
C ARG F 31 23.50 -34.45 -15.79
N GLU F 32 22.63 -33.88 -16.63
CA GLU F 32 22.30 -34.48 -17.91
C GLU F 32 22.40 -33.50 -19.08
N SER F 33 21.67 -32.38 -18.99
CA SER F 33 21.59 -31.46 -20.13
C SER F 33 21.45 -30.02 -19.70
N VAL F 34 21.97 -29.15 -20.54
CA VAL F 34 21.72 -27.71 -20.40
C VAL F 34 21.28 -27.21 -21.78
N LYS F 35 20.14 -26.50 -21.80
CA LYS F 35 19.60 -26.02 -23.03
C LYS F 35 19.38 -24.54 -22.87
N ILE F 36 19.97 -23.80 -23.78
CA ILE F 36 20.10 -22.29 -23.72
C ILE F 36 19.67 -21.66 -24.98
N ALA F 37 18.89 -20.59 -24.82
CA ALA F 37 18.58 -19.64 -25.86
C ALA F 37 18.93 -18.28 -25.33
N ILE F 38 19.78 -17.59 -26.09
CA ILE F 38 20.40 -16.34 -25.60
C ILE F 38 20.60 -15.35 -26.69
N TYR F 39 20.19 -14.10 -26.44
CA TYR F 39 20.34 -13.04 -27.44
C TYR F 39 21.82 -12.67 -27.54
N SER F 40 22.41 -12.23 -26.43
CA SER F 40 23.79 -11.69 -26.40
C SER F 40 24.46 -12.46 -25.29
N PHE F 41 25.68 -12.98 -25.50
CA PHE F 41 26.35 -13.85 -24.56
C PHE F 41 27.82 -13.66 -24.77
N THR F 42 28.35 -12.70 -23.99
CA THR F 42 29.77 -12.26 -24.05
C THR F 42 30.47 -12.61 -22.70
N HIS F 43 29.78 -13.08 -21.67
CA HIS F 43 30.34 -13.22 -20.29
C HIS F 43 31.20 -14.42 -20.08
N ARG F 44 32.49 -14.19 -19.84
CA ARG F 44 33.44 -15.29 -19.97
C ARG F 44 33.36 -16.26 -18.81
N ASP F 45 32.99 -15.78 -17.63
CA ASP F 45 32.68 -16.66 -16.50
C ASP F 45 31.52 -17.65 -16.70
N ILE F 46 30.44 -17.23 -17.37
CA ILE F 46 29.34 -18.16 -17.60
C ILE F 46 29.78 -19.18 -18.66
N ALA F 47 30.47 -18.74 -19.72
CA ALA F 47 31.09 -19.69 -20.66
C ALA F 47 32.03 -20.71 -20.02
N ARG F 48 32.81 -20.24 -19.05
CA ARG F 48 33.69 -21.14 -18.24
C ARG F 48 32.89 -22.17 -17.43
N ALA F 49 31.74 -21.79 -16.89
CA ALA F 49 30.87 -22.74 -16.18
C ALA F 49 30.23 -23.76 -17.17
N ILE F 50 29.84 -23.29 -18.35
CA ILE F 50 29.40 -24.23 -19.40
C ILE F 50 30.53 -25.19 -19.78
N LYS F 51 31.71 -24.64 -19.98
CA LYS F 51 32.90 -25.42 -20.31
C LYS F 51 33.15 -26.50 -19.26
N SER F 52 33.07 -26.11 -18.02
CA SER F 52 33.13 -27.03 -16.88
C SER F 52 32.14 -28.20 -16.90
N VAL F 53 30.86 -27.89 -17.06
CA VAL F 53 29.92 -29.00 -17.09
C VAL F 53 29.96 -29.98 -18.31
N ALA F 54 30.19 -29.44 -19.51
CA ALA F 54 30.31 -30.17 -20.74
C ALA F 54 31.48 -31.12 -20.66
N SER F 55 32.57 -30.64 -20.11
CA SER F 55 33.74 -31.53 -19.90
C SER F 55 33.46 -32.68 -18.86
N ARG F 56 32.39 -32.62 -18.04
CA ARG F 56 31.88 -33.82 -17.27
C ARG F 56 30.84 -34.72 -18.07
N GLY F 57 30.70 -34.53 -19.38
CA GLY F 57 29.80 -35.31 -20.22
C GLY F 57 28.36 -34.79 -20.31
N ILE F 58 28.09 -33.56 -19.83
CA ILE F 58 26.71 -33.02 -19.89
C ILE F 58 26.52 -32.45 -21.27
N LYS F 59 25.37 -32.72 -21.89
CA LYS F 59 25.08 -32.22 -23.22
C LYS F 59 24.57 -30.82 -23.15
N VAL F 60 25.25 -29.92 -23.85
CA VAL F 60 24.88 -28.51 -23.87
C VAL F 60 24.52 -28.12 -25.24
N GLN F 61 23.38 -27.45 -25.34
CA GLN F 61 22.89 -26.86 -26.55
CA GLN F 61 22.93 -26.83 -26.58
C GLN F 61 22.69 -25.33 -26.34
N ILE F 62 23.11 -24.56 -27.30
CA ILE F 62 22.96 -23.07 -27.23
C ILE F 62 22.52 -22.55 -28.53
N ILE F 63 21.38 -21.86 -28.49
CA ILE F 63 20.84 -21.10 -29.60
C ILE F 63 21.19 -19.66 -29.31
N TYR F 64 21.87 -19.04 -30.27
CA TYR F 64 22.19 -17.64 -30.26
C TYR F 64 21.51 -16.81 -31.31
N ASP F 65 21.17 -15.53 -31.04
CA ASP F 65 20.61 -14.69 -31.98
C ASP F 65 21.54 -14.57 -33.18
N TYR F 66 20.93 -14.64 -34.34
CA TYR F 66 21.76 -14.68 -35.58
C TYR F 66 22.50 -13.35 -35.76
N GLU F 67 21.78 -12.25 -35.77
CA GLU F 67 22.50 -10.95 -36.04
C GLU F 67 23.60 -10.58 -34.98
N SER F 68 23.32 -10.80 -33.71
CA SER F 68 24.23 -10.55 -32.66
C SER F 68 25.52 -11.39 -32.67
N ASN F 69 25.48 -12.58 -33.27
CA ASN F 69 26.46 -13.59 -33.00
C ASN F 69 27.13 -14.25 -34.22
N HIS F 70 26.68 -13.98 -35.42
CA HIS F 70 27.23 -14.65 -36.61
C HIS F 70 28.69 -14.21 -36.90
N ASN F 71 29.00 -12.94 -36.69
CA ASN F 71 30.37 -12.38 -36.95
C ASN F 71 30.69 -11.35 -35.85
N ASN F 72 30.67 -11.80 -34.60
CA ASN F 72 30.87 -10.93 -33.45
C ASN F 72 31.91 -11.57 -32.60
N LYS F 73 33.07 -10.92 -32.47
CA LYS F 73 34.15 -11.59 -31.74
C LYS F 73 34.10 -11.47 -30.21
N GLN F 74 33.27 -10.59 -29.65
CA GLN F 74 32.97 -10.61 -28.20
C GLN F 74 31.97 -11.76 -27.86
N SER F 75 31.33 -12.36 -28.85
CA SER F 75 30.42 -13.46 -28.58
C SER F 75 31.19 -14.65 -28.19
N THR F 76 30.68 -15.42 -27.24
CA THR F 76 31.20 -16.69 -26.79
C THR F 76 31.04 -17.88 -27.82
N ILE F 77 30.34 -17.61 -28.90
CA ILE F 77 29.89 -18.72 -29.82
C ILE F 77 31.11 -19.40 -30.48
N GLY F 78 32.08 -18.61 -30.93
CA GLY F 78 33.35 -19.14 -31.50
C GLY F 78 34.12 -19.88 -30.45
N TYR F 79 34.18 -19.25 -29.29
CA TYR F 79 34.86 -19.79 -28.13
C TYR F 79 34.28 -21.18 -27.72
N LEU F 80 32.96 -21.41 -27.91
CA LEU F 80 32.22 -22.62 -27.49
C LEU F 80 31.87 -23.65 -28.62
N ASP F 81 31.96 -23.22 -29.87
CA ASP F 81 31.59 -24.06 -31.03
C ASP F 81 32.36 -25.38 -31.04
N LYS F 82 33.64 -25.32 -30.72
CA LYS F 82 34.41 -26.55 -30.89
C LYS F 82 34.41 -27.45 -29.66
N TYR F 83 33.70 -27.04 -28.61
CA TYR F 83 33.90 -27.62 -27.33
C TYR F 83 33.19 -28.92 -27.24
N PRO F 84 33.82 -29.93 -26.59
CA PRO F 84 33.10 -31.22 -26.49
C PRO F 84 31.73 -31.13 -25.80
N ASN F 85 30.84 -32.00 -26.23
CA ASN F 85 29.46 -32.10 -25.74
C ASN F 85 28.72 -30.75 -25.87
N THR F 86 29.06 -29.90 -26.83
CA THR F 86 28.49 -28.53 -26.90
C THR F 86 28.13 -28.27 -28.32
N LYS F 87 26.84 -27.96 -28.56
CA LYS F 87 26.33 -27.64 -29.87
C LYS F 87 25.80 -26.23 -29.78
N VAL F 88 26.14 -25.42 -30.76
CA VAL F 88 25.80 -24.03 -30.84
C VAL F 88 25.22 -23.84 -32.22
N CYS F 89 24.19 -22.99 -32.29
CA CYS F 89 23.64 -22.56 -33.58
C CYS F 89 23.08 -21.19 -33.46
N LEU F 90 22.63 -20.67 -34.62
CA LEU F 90 22.14 -19.34 -34.83
C LEU F 90 20.70 -19.33 -35.26
N LEU F 91 19.93 -18.43 -34.69
CA LEU F 91 18.50 -18.30 -35.03
C LEU F 91 18.14 -16.88 -35.28
N LYS F 92 17.53 -16.65 -36.42
CA LYS F 92 17.00 -15.36 -36.73
C LYS F 92 15.52 -15.34 -36.41
N GLY F 93 14.94 -14.16 -36.14
CA GLY F 93 13.55 -13.98 -35.98
C GLY F 93 12.75 -14.14 -37.27
N LEU F 94 11.45 -13.92 -37.17
CA LEU F 94 10.48 -14.08 -38.30
C LEU F 94 10.61 -12.88 -39.23
N LYS F 95 10.39 -13.13 -40.51
CA LYS F 95 10.10 -12.07 -41.46
C LYS F 95 9.04 -11.12 -40.89
N ALA F 96 9.29 -9.82 -40.89
CA ALA F 96 8.40 -8.83 -40.27
C ALA F 96 6.99 -8.88 -40.85
N LYS F 97 5.99 -8.71 -39.95
CA LYS F 97 4.56 -8.59 -40.35
C LYS F 97 4.46 -7.46 -41.35
N ASN F 98 5.03 -6.32 -40.96
CA ASN F 98 5.14 -5.11 -41.79
C ASN F 98 6.55 -4.53 -41.79
N GLY F 99 7.15 -4.39 -42.98
CA GLY F 99 8.52 -3.87 -43.17
C GLY F 99 9.37 -4.96 -43.81
N ASN F 100 10.59 -4.64 -44.23
CA ASN F 100 11.44 -5.64 -44.94
C ASN F 100 12.62 -6.08 -44.11
N TYR F 101 12.37 -6.42 -42.85
CA TYR F 101 13.42 -6.94 -41.97
C TYR F 101 12.98 -8.25 -41.29
N TYR F 102 13.89 -8.85 -40.55
CA TYR F 102 13.60 -10.00 -39.68
C TYR F 102 13.73 -9.62 -38.20
N GLY F 103 12.99 -10.36 -37.39
CA GLY F 103 13.07 -10.18 -35.95
C GLY F 103 14.32 -10.77 -35.40
N ILE F 104 14.40 -10.82 -34.10
CA ILE F 104 15.58 -11.29 -33.42
C ILE F 104 15.16 -12.40 -32.52
N MET F 105 16.14 -13.15 -32.14
CA MET F 105 15.92 -14.16 -31.12
C MET F 105 16.34 -13.52 -29.79
N ASN F 106 15.33 -13.06 -29.02
CA ASN F 106 15.63 -12.16 -27.88
C ASN F 106 15.47 -12.86 -26.57
N GLN F 107 15.23 -14.15 -26.61
CA GLN F 107 15.06 -14.86 -25.36
C GLN F 107 16.43 -14.87 -24.52
N LYS F 108 16.33 -15.02 -23.19
CA LYS F 108 17.40 -15.29 -22.29
C LYS F 108 16.98 -16.39 -21.37
N VAL F 109 17.16 -17.62 -21.88
CA VAL F 109 16.61 -18.78 -21.24
C VAL F 109 17.65 -19.89 -21.03
N ALA F 110 17.61 -20.52 -19.85
CA ALA F 110 18.42 -21.70 -19.59
C ALA F 110 17.57 -22.78 -18.94
N ILE F 111 17.52 -23.95 -19.59
CA ILE F 111 16.82 -25.12 -19.07
C ILE F 111 17.81 -26.16 -18.59
N ILE F 112 17.75 -26.49 -17.30
CA ILE F 112 18.71 -27.43 -16.73
C ILE F 112 18.06 -28.77 -16.46
N ASP F 113 18.63 -29.85 -17.04
CA ASP F 113 18.15 -31.21 -16.79
C ASP F 113 16.67 -31.34 -16.88
N ASP F 114 16.01 -30.59 -17.74
CA ASP F 114 14.57 -30.70 -17.62
C ASP F 114 13.96 -30.61 -16.13
N LYS F 115 14.65 -29.91 -15.17
CA LYS F 115 14.24 -29.66 -13.76
C LYS F 115 14.24 -28.17 -13.24
N ILE F 116 14.87 -27.29 -14.00
CA ILE F 116 14.95 -25.86 -13.61
C ILE F 116 14.99 -25.09 -14.90
N VAL F 117 14.24 -23.98 -14.90
CA VAL F 117 14.35 -23.03 -15.97
C VAL F 117 14.71 -21.69 -15.38
N PHE F 118 15.59 -20.97 -16.10
CA PHE F 118 15.96 -19.58 -15.77
C PHE F 118 15.43 -18.74 -16.91
N LEU F 119 14.78 -17.62 -16.59
CA LEU F 119 14.32 -16.68 -17.62
C LEU F 119 14.32 -15.27 -17.02
N GLY F 120 14.18 -14.29 -17.87
CA GLY F 120 14.15 -12.88 -17.42
C GLY F 120 14.67 -11.96 -18.45
N SER F 121 15.26 -10.80 -18.02
CA SER F 121 15.60 -9.75 -18.97
C SER F 121 17.10 -9.67 -19.24
N ALA F 122 17.92 -10.41 -18.55
CA ALA F 122 19.36 -10.23 -18.54
C ALA F 122 20.02 -10.99 -19.66
N ASN F 123 20.56 -10.25 -20.62
CA ASN F 123 21.54 -10.85 -21.44
C ASN F 123 22.76 -11.37 -20.63
N TRP F 124 23.52 -12.27 -21.24
CA TRP F 124 24.65 -12.87 -20.53
C TRP F 124 25.94 -12.14 -20.74
N SER F 125 26.08 -11.04 -20.03
CA SER F 125 27.20 -10.11 -20.25
C SER F 125 27.57 -9.53 -18.86
N LYS F 126 28.82 -9.10 -18.78
CA LYS F 126 29.23 -8.26 -17.69
C LYS F 126 28.34 -7.06 -17.46
N ASN F 127 28.00 -6.32 -18.50
CA ASN F 127 27.04 -5.20 -18.38
C ASN F 127 25.80 -5.54 -17.59
N ALA F 128 25.17 -6.64 -17.97
CA ALA F 128 23.96 -7.03 -17.38
C ALA F 128 24.10 -7.40 -15.90
N PHE F 129 25.18 -8.08 -15.52
CA PHE F 129 25.30 -8.55 -14.19
C PHE F 129 26.08 -7.56 -13.32
N GLU F 130 26.54 -6.49 -13.91
CA GLU F 130 27.30 -5.41 -13.14
C GLU F 130 26.65 -4.08 -13.19
N ASN F 131 26.10 -3.64 -14.32
CA ASN F 131 25.62 -2.25 -14.46
C ASN F 131 24.14 -2.01 -14.71
N ASN F 132 23.43 -3.05 -15.03
CA ASN F 132 22.03 -2.85 -15.42
C ASN F 132 21.02 -3.18 -14.36
N TYR F 133 19.82 -2.59 -14.52
CA TYR F 133 18.61 -3.07 -13.92
C TYR F 133 18.07 -4.25 -14.79
N GLU F 134 17.71 -5.31 -14.11
CA GLU F 134 17.31 -6.58 -14.82
C GLU F 134 16.48 -7.36 -13.86
N VAL F 135 15.76 -8.37 -14.36
CA VAL F 135 15.24 -9.38 -13.50
C VAL F 135 15.67 -10.74 -13.99
N LEU F 136 15.90 -11.63 -13.01
CA LEU F 136 16.15 -13.05 -13.31
C LEU F 136 15.32 -13.91 -12.45
N LEU F 137 14.64 -14.90 -13.08
CA LEU F 137 13.71 -15.75 -12.37
C LEU F 137 14.15 -17.20 -12.56
N LYS F 138 14.29 -17.93 -11.46
CA LYS F 138 14.56 -19.33 -11.46
C LYS F 138 13.29 -20.04 -10.99
N THR F 139 12.92 -21.11 -11.66
CA THR F 139 11.74 -21.91 -11.32
C THR F 139 11.96 -23.39 -11.55
N ASP F 140 11.40 -24.20 -10.67
CA ASP F 140 11.32 -25.64 -10.85
C ASP F 140 9.88 -26.13 -11.11
N ASP F 141 8.97 -25.24 -11.52
CA ASP F 141 7.62 -25.63 -11.83
C ASP F 141 7.51 -26.54 -13.00
N THR F 142 7.04 -27.76 -12.80
CA THR F 142 7.10 -28.70 -13.93
CA THR F 142 6.93 -28.78 -13.92
C THR F 142 6.28 -28.25 -15.17
N GLU F 143 5.11 -27.64 -14.99
CA GLU F 143 4.37 -27.15 -16.12
C GLU F 143 5.23 -26.14 -16.97
N THR F 144 5.95 -25.28 -16.28
CA THR F 144 6.78 -24.24 -16.94
C THR F 144 7.93 -24.88 -17.72
N ILE F 145 8.56 -25.82 -17.09
CA ILE F 145 9.70 -26.53 -17.68
C ILE F 145 9.20 -27.31 -18.87
N LEU F 146 8.08 -28.00 -18.75
CA LEU F 146 7.58 -28.80 -19.89
C LEU F 146 7.31 -27.93 -21.15
N LYS F 147 6.69 -26.78 -20.95
CA LYS F 147 6.38 -25.87 -22.01
C LYS F 147 7.66 -25.35 -22.61
N ALA F 148 8.57 -24.89 -21.73
CA ALA F 148 9.89 -24.37 -22.17
C ALA F 148 10.65 -25.41 -23.03
N LYS F 149 10.70 -26.64 -22.53
CA LYS F 149 11.43 -27.70 -23.28
C LYS F 149 10.78 -28.03 -24.61
N SER F 150 9.45 -28.04 -24.61
CA SER F 150 8.74 -28.35 -25.88
C SER F 150 8.98 -27.29 -26.93
N TYR F 151 8.91 -25.99 -26.56
CA TYR F 151 9.14 -25.00 -27.64
C TYR F 151 10.65 -24.82 -27.97
N TYR F 152 11.52 -25.23 -27.07
CA TYR F 152 12.97 -25.21 -27.29
C TYR F 152 13.22 -26.16 -28.47
N GLN F 153 12.59 -27.32 -28.43
CA GLN F 153 12.71 -28.21 -29.60
C GLN F 153 12.20 -27.64 -30.87
N LYS F 154 11.09 -26.88 -30.84
CA LYS F 154 10.51 -26.30 -31.99
C LYS F 154 11.47 -25.30 -32.51
N MET F 155 12.02 -24.47 -31.61
CA MET F 155 13.04 -23.49 -32.05
C MET F 155 14.24 -24.03 -32.76
N LEU F 156 14.74 -25.14 -32.27
CA LEU F 156 15.95 -25.74 -32.90
C LEU F 156 15.76 -26.05 -34.36
N GLU F 157 14.50 -26.28 -34.75
CA GLU F 157 14.03 -26.38 -36.19
C GLU F 157 14.62 -25.48 -37.19
N SER F 158 14.69 -24.22 -36.79
CA SER F 158 14.96 -23.09 -37.65
C SER F 158 16.33 -22.54 -37.42
N CYS F 159 17.08 -23.15 -36.53
CA CYS F 159 18.39 -22.65 -36.20
CA CYS F 159 18.43 -22.78 -36.14
C CYS F 159 19.39 -23.20 -37.23
N VAL F 160 20.48 -22.46 -37.45
CA VAL F 160 21.56 -22.79 -38.46
C VAL F 160 22.99 -22.86 -37.90
N GLY F 161 23.89 -23.61 -38.57
CA GLY F 161 25.21 -23.96 -38.00
C GLY F 161 26.06 -22.74 -37.87
N PHE F 162 26.95 -22.73 -36.88
CA PHE F 162 27.80 -21.54 -36.77
C PHE F 162 28.72 -21.33 -38.01
N PHE G 5 -14.45 -6.39 -15.27
CA PHE G 5 -15.06 -7.27 -14.22
C PHE G 5 -16.43 -7.76 -14.71
N LYS G 6 -16.77 -9.03 -14.44
CA LYS G 6 -18.03 -9.60 -14.88
C LYS G 6 -18.75 -10.16 -13.67
N ASN G 7 -20.00 -9.73 -13.45
CA ASN G 7 -20.94 -10.53 -12.69
C ASN G 7 -21.80 -11.40 -13.61
N SER G 8 -22.06 -12.66 -13.20
CA SER G 8 -22.89 -13.63 -13.94
C SER G 8 -23.93 -14.14 -13.01
N LEU G 9 -25.12 -13.57 -13.09
CA LEU G 9 -26.29 -14.08 -12.32
C LEU G 9 -27.02 -15.24 -12.94
N PHE G 10 -27.42 -16.19 -12.10
CA PHE G 10 -28.32 -17.24 -12.57
C PHE G 10 -29.53 -17.14 -11.69
N VAL G 11 -30.73 -17.17 -12.32
CA VAL G 11 -31.92 -17.18 -11.54
C VAL G 11 -32.57 -18.50 -11.64
N LEU G 12 -32.78 -19.20 -10.51
CA LEU G 12 -33.28 -20.57 -10.50
C LEU G 12 -34.78 -20.53 -10.16
N PRO G 13 -35.61 -21.42 -10.68
CA PRO G 13 -35.27 -22.67 -11.34
C PRO G 13 -35.04 -22.54 -12.83
N TYR G 14 -35.29 -21.35 -13.41
CA TYR G 14 -35.23 -21.05 -14.83
C TYR G 14 -33.87 -21.38 -15.43
N GLU G 15 -32.82 -21.06 -14.68
CA GLU G 15 -31.45 -21.30 -15.17
C GLU G 15 -30.73 -22.27 -14.27
N GLN G 16 -31.46 -23.21 -13.69
CA GLN G 16 -30.87 -24.13 -12.71
C GLN G 16 -29.77 -24.99 -13.31
N ARG G 17 -29.97 -25.39 -14.58
CA ARG G 17 -29.01 -26.27 -15.24
C ARG G 17 -27.72 -25.53 -15.45
N ASP G 18 -27.81 -24.31 -16.02
CA ASP G 18 -26.62 -23.50 -16.29
C ASP G 18 -25.93 -23.11 -14.95
N ALA G 19 -26.70 -22.91 -13.88
CA ALA G 19 -26.16 -22.51 -12.56
C ALA G 19 -25.33 -23.66 -11.98
N LEU G 20 -25.89 -24.86 -12.05
CA LEU G 20 -25.19 -26.03 -11.54
C LEU G 20 -23.94 -26.24 -12.34
N ASN G 21 -24.07 -26.18 -13.67
CA ASN G 21 -22.91 -26.31 -14.58
C ASN G 21 -21.84 -25.25 -14.30
N SER G 22 -22.22 -24.03 -14.01
CA SER G 22 -21.24 -22.98 -13.69
C SER G 22 -20.47 -23.35 -12.42
N LEU G 23 -21.20 -23.75 -11.37
CA LEU G 23 -20.55 -24.08 -10.03
C LEU G 23 -19.61 -25.31 -10.07
N ILE G 24 -20.12 -26.32 -10.76
CA ILE G 24 -19.31 -27.49 -10.98
C ILE G 24 -18.06 -27.16 -11.81
N SER G 25 -18.20 -26.41 -12.91
CA SER G 25 -17.09 -26.02 -13.81
C SER G 25 -16.07 -25.16 -13.08
N GLY G 26 -16.60 -24.15 -12.37
CA GLY G 26 -15.75 -23.35 -11.48
C GLY G 26 -14.91 -24.16 -10.53
N ILE G 27 -15.53 -25.07 -9.78
CA ILE G 27 -14.82 -25.93 -8.83
C ILE G 27 -13.81 -26.80 -9.60
N SER G 28 -14.32 -27.52 -10.61
CA SER G 28 -13.52 -28.50 -11.34
C SER G 28 -12.30 -27.94 -11.98
N SER G 29 -12.38 -26.71 -12.46
CA SER G 29 -11.22 -26.19 -13.18
C SER G 29 -10.29 -25.35 -12.30
N ALA G 30 -10.46 -25.37 -10.96
CA ALA G 30 -9.57 -24.64 -10.05
C ALA G 30 -8.15 -25.18 -10.22
N ARG G 31 -7.18 -24.30 -10.04
CA ARG G 31 -5.74 -24.72 -10.11
C ARG G 31 -4.93 -24.56 -8.84
N GLU G 32 -5.47 -23.90 -7.82
CA GLU G 32 -4.79 -23.62 -6.58
C GLU G 32 -5.64 -24.00 -5.39
N SER G 33 -6.78 -23.36 -5.23
CA SER G 33 -7.54 -23.49 -3.98
C SER G 33 -9.05 -23.34 -4.20
N VAL G 34 -9.80 -23.96 -3.34
CA VAL G 34 -11.25 -23.82 -3.27
C VAL G 34 -11.53 -23.61 -1.78
N LYS G 35 -12.18 -22.47 -1.44
CA LYS G 35 -12.59 -22.16 -0.09
C LYS G 35 -14.08 -21.98 -0.09
N ILE G 36 -14.78 -22.78 0.69
CA ILE G 36 -16.25 -22.93 0.64
C ILE G 36 -16.71 -22.72 2.05
N ALA G 37 -17.82 -21.97 2.19
CA ALA G 37 -18.59 -21.94 3.44
C ALA G 37 -20.02 -22.23 3.01
N ILE G 38 -20.65 -23.19 3.66
CA ILE G 38 -21.88 -23.76 3.12
C ILE G 38 -22.75 -24.23 4.24
N TYR G 39 -24.01 -23.80 4.19
CA TYR G 39 -24.95 -24.20 5.31
C TYR G 39 -25.32 -25.73 5.21
N SER G 40 -25.85 -26.14 4.04
CA SER G 40 -26.32 -27.53 3.70
C SER G 40 -25.66 -27.94 2.43
N PHE G 41 -25.05 -29.13 2.45
CA PHE G 41 -24.30 -29.63 1.32
C PHE G 41 -24.46 -31.15 1.29
N THR G 42 -25.46 -31.56 0.48
CA THR G 42 -25.83 -32.97 0.17
C THR G 42 -25.69 -33.38 -1.31
N HIS G 43 -25.48 -32.43 -2.21
CA HIS G 43 -25.50 -32.72 -3.63
C HIS G 43 -24.28 -33.47 -4.19
N ARG G 44 -24.52 -34.69 -4.69
CA ARG G 44 -23.48 -35.57 -5.18
C ARG G 44 -22.64 -35.07 -6.28
N ASP G 45 -23.23 -34.41 -7.30
CA ASP G 45 -22.44 -33.93 -8.44
C ASP G 45 -21.44 -32.85 -7.99
N ILE G 46 -21.83 -32.09 -6.96
CA ILE G 46 -20.94 -31.03 -6.44
C ILE G 46 -19.80 -31.70 -5.65
N ALA G 47 -20.12 -32.63 -4.75
CA ALA G 47 -19.10 -33.43 -4.07
C ALA G 47 -18.11 -34.13 -5.04
N ARG G 48 -18.60 -34.69 -6.12
CA ARG G 48 -17.74 -35.36 -7.09
C ARG G 48 -16.74 -34.35 -7.73
N ALA G 49 -17.20 -33.12 -7.88
CA ALA G 49 -16.42 -32.08 -8.47
C ALA G 49 -15.31 -31.71 -7.49
N ILE G 50 -15.63 -31.59 -6.21
CA ILE G 50 -14.63 -31.31 -5.16
C ILE G 50 -13.58 -32.41 -5.17
N LYS G 51 -14.11 -33.62 -5.21
CA LYS G 51 -13.28 -34.85 -5.12
C LYS G 51 -12.29 -34.90 -6.26
N SER G 52 -12.81 -34.59 -7.44
CA SER G 52 -12.08 -34.49 -8.67
C SER G 52 -10.93 -33.45 -8.62
N VAL G 53 -11.24 -32.26 -8.19
CA VAL G 53 -10.21 -31.25 -8.12
C VAL G 53 -9.14 -31.48 -6.99
N ALA G 54 -9.57 -31.91 -5.80
CA ALA G 54 -8.70 -32.31 -4.71
C ALA G 54 -7.74 -33.44 -5.16
N SER G 55 -8.20 -34.26 -6.12
CA SER G 55 -7.40 -35.41 -6.57
C SER G 55 -6.31 -34.92 -7.50
N ARG G 56 -6.53 -33.76 -8.10
CA ARG G 56 -5.48 -33.12 -8.90
C ARG G 56 -4.46 -32.35 -8.07
N GLY G 57 -4.58 -32.26 -6.75
CA GLY G 57 -3.63 -31.54 -5.92
C GLY G 57 -4.05 -30.19 -5.35
N ILE G 58 -5.28 -29.79 -5.66
CA ILE G 58 -5.86 -28.50 -5.23
C ILE G 58 -6.30 -28.57 -3.78
N LYS G 59 -5.97 -27.55 -2.97
CA LYS G 59 -6.29 -27.53 -1.58
C LYS G 59 -7.73 -27.07 -1.46
N VAL G 60 -8.56 -27.86 -0.76
CA VAL G 60 -10.02 -27.56 -0.60
C VAL G 60 -10.24 -27.36 0.89
N GLN G 61 -10.96 -26.30 1.24
CA GLN G 61 -11.43 -26.10 2.57
C GLN G 61 -12.88 -25.85 2.56
N ILE G 62 -13.60 -26.40 3.55
CA ILE G 62 -15.03 -26.39 3.59
C ILE G 62 -15.44 -26.16 4.98
N ILE G 63 -16.11 -25.04 5.20
CA ILE G 63 -16.77 -24.72 6.47
C ILE G 63 -18.22 -25.04 6.35
N TYR G 64 -18.70 -25.89 7.27
CA TYR G 64 -20.11 -26.37 7.26
C TYR G 64 -20.81 -25.78 8.51
N ASP G 65 -22.11 -25.45 8.37
CA ASP G 65 -22.87 -25.11 9.54
C ASP G 65 -22.85 -26.26 10.55
N TYR G 66 -22.70 -25.94 11.80
CA TYR G 66 -22.55 -26.96 12.86
C TYR G 66 -23.82 -27.78 13.05
N GLU G 67 -24.91 -27.16 13.42
CA GLU G 67 -26.15 -28.01 13.64
C GLU G 67 -26.61 -28.83 12.43
N SER G 68 -26.54 -28.33 11.19
CA SER G 68 -27.00 -29.13 10.07
C SER G 68 -26.04 -30.27 9.68
N ASN G 69 -24.78 -30.20 10.14
CA ASN G 69 -23.76 -31.15 9.69
C ASN G 69 -22.98 -31.94 10.70
N HIS G 70 -23.12 -31.64 11.99
CA HIS G 70 -22.32 -32.37 12.98
C HIS G 70 -22.69 -33.85 13.06
N ASN G 71 -23.94 -34.18 12.72
CA ASN G 71 -24.48 -35.54 12.89
C ASN G 71 -25.52 -35.78 11.81
N ASN G 72 -25.08 -35.88 10.57
CA ASN G 72 -26.01 -35.84 9.48
C ASN G 72 -25.54 -36.72 8.41
N LYS G 73 -26.28 -37.81 8.24
CA LYS G 73 -25.95 -38.87 7.32
C LYS G 73 -25.99 -38.38 5.90
N GLN G 74 -26.86 -37.41 5.66
CA GLN G 74 -27.04 -36.86 4.31
C GLN G 74 -25.95 -35.82 3.94
N SER G 75 -25.25 -35.27 4.93
CA SER G 75 -24.14 -34.34 4.64
C SER G 75 -22.92 -34.98 3.97
N THR G 76 -22.24 -34.23 3.09
CA THR G 76 -21.02 -34.70 2.44
C THR G 76 -19.80 -34.66 3.37
N ILE G 77 -19.98 -34.09 4.57
CA ILE G 77 -18.90 -33.81 5.51
C ILE G 77 -18.13 -35.09 5.88
N GLY G 78 -18.88 -36.16 6.22
CA GLY G 78 -18.28 -37.48 6.56
C GLY G 78 -17.35 -37.97 5.50
N TYR G 79 -17.83 -38.02 4.27
CA TYR G 79 -16.99 -38.58 3.18
C TYR G 79 -16.02 -37.63 2.52
N LEU G 80 -16.06 -36.34 2.86
CA LEU G 80 -15.00 -35.41 2.44
C LEU G 80 -13.93 -35.20 3.49
N ASP G 81 -14.23 -35.52 4.75
CA ASP G 81 -13.31 -35.33 5.82
C ASP G 81 -11.99 -36.07 5.57
N LYS G 82 -12.07 -37.26 5.02
CA LYS G 82 -10.82 -37.98 4.85
C LYS G 82 -10.18 -37.76 3.52
N TYR G 83 -10.73 -36.90 2.69
CA TYR G 83 -10.31 -36.90 1.31
C TYR G 83 -8.99 -36.16 1.25
N PRO G 84 -8.05 -36.64 0.40
CA PRO G 84 -6.74 -35.88 0.35
C PRO G 84 -6.91 -34.42 -0.07
N ASN G 85 -6.06 -33.55 0.47
CA ASN G 85 -6.07 -32.11 0.19
C ASN G 85 -7.34 -31.35 0.69
N THR G 86 -8.13 -31.97 1.57
CA THR G 86 -9.48 -31.45 1.84
C THR G 86 -9.63 -31.31 3.33
N LYS G 87 -9.95 -30.11 3.80
CA LYS G 87 -10.08 -29.86 5.26
C LYS G 87 -11.51 -29.40 5.47
N VAL G 88 -12.23 -30.08 6.34
CA VAL G 88 -13.63 -29.75 6.67
C VAL G 88 -13.68 -29.37 8.11
N CYS G 89 -14.55 -28.45 8.41
CA CYS G 89 -14.80 -28.07 9.78
C CYS G 89 -16.24 -27.62 9.91
N LEU G 90 -16.62 -27.39 11.16
CA LEU G 90 -17.96 -27.00 11.56
C LEU G 90 -17.99 -25.64 12.28
N LEU G 91 -19.01 -24.80 12.01
CA LEU G 91 -19.03 -23.44 12.59
C LEU G 91 -20.45 -23.15 12.99
N LYS G 92 -20.64 -22.86 14.28
CA LYS G 92 -21.89 -22.29 14.73
C LYS G 92 -21.87 -20.80 14.53
N GLY G 93 -23.06 -20.20 14.46
CA GLY G 93 -23.19 -18.77 14.64
C GLY G 93 -23.00 -18.29 16.05
N LEU G 94 -23.19 -16.97 16.24
CA LEU G 94 -22.94 -16.32 17.56
C LEU G 94 -24.05 -16.68 18.54
N LYS G 95 -23.69 -16.60 19.83
CA LYS G 95 -24.67 -16.77 20.89
C LYS G 95 -25.59 -15.54 20.87
N ALA G 96 -26.90 -15.71 20.72
CA ALA G 96 -27.83 -14.57 20.78
C ALA G 96 -27.81 -14.02 22.19
N LYS G 97 -27.84 -12.70 22.31
CA LYS G 97 -27.68 -12.02 23.59
C LYS G 97 -28.90 -12.28 24.47
N ASN G 98 -30.06 -11.92 23.95
CA ASN G 98 -31.34 -12.23 24.60
C ASN G 98 -31.81 -13.58 24.07
N GLY G 99 -31.29 -14.63 24.69
CA GLY G 99 -31.68 -16.00 24.36
C GLY G 99 -30.66 -17.00 24.88
N ASN G 100 -31.05 -18.26 24.87
CA ASN G 100 -30.13 -19.35 25.16
C ASN G 100 -30.08 -20.22 23.91
N TYR G 101 -29.57 -19.62 22.83
CA TYR G 101 -29.35 -20.31 21.55
C TYR G 101 -28.24 -19.63 20.75
N TYR G 102 -27.81 -20.32 19.70
CA TYR G 102 -26.79 -19.85 18.75
C TYR G 102 -27.39 -19.69 17.36
N GLY G 103 -26.85 -18.72 16.61
CA GLY G 103 -27.10 -18.55 15.17
C GLY G 103 -26.53 -19.68 14.32
N ILE G 104 -26.59 -19.48 13.02
CA ILE G 104 -26.18 -20.49 12.10
C ILE G 104 -25.13 -19.86 11.19
N MET G 105 -24.37 -20.73 10.59
CA MET G 105 -23.52 -20.36 9.46
C MET G 105 -24.33 -20.63 8.23
N ASN G 106 -24.95 -19.58 7.70
CA ASN G 106 -25.82 -19.73 6.58
C ASN G 106 -25.26 -19.27 5.28
N GLN G 107 -23.98 -18.91 5.20
CA GLN G 107 -23.47 -18.53 3.87
C GLN G 107 -23.62 -19.70 2.91
N LYS G 108 -23.53 -19.41 1.61
CA LYS G 108 -23.37 -20.35 0.54
C LYS G 108 -22.40 -19.73 -0.46
N VAL G 109 -21.09 -19.93 -0.19
CA VAL G 109 -20.05 -19.17 -0.80
C VAL G 109 -18.95 -20.12 -1.22
N ALA G 110 -18.45 -19.94 -2.47
CA ALA G 110 -17.24 -20.67 -2.87
C ALA G 110 -16.25 -19.68 -3.49
N ILE G 111 -14.99 -19.72 -3.04
CA ILE G 111 -13.91 -18.84 -3.55
C ILE G 111 -12.93 -19.71 -4.25
N ILE G 112 -12.72 -19.47 -5.54
CA ILE G 112 -11.92 -20.34 -6.38
C ILE G 112 -10.63 -19.58 -6.76
N ASP G 113 -9.49 -20.14 -6.36
CA ASP G 113 -8.18 -19.57 -6.70
C ASP G 113 -8.09 -18.11 -6.39
N ASP G 114 -8.75 -17.64 -5.35
CA ASP G 114 -8.78 -16.22 -5.15
C ASP G 114 -8.95 -15.42 -6.53
N LYS G 115 -9.69 -15.98 -7.52
CA LYS G 115 -10.02 -15.41 -8.86
C LYS G 115 -11.57 -15.35 -9.19
N ILE G 116 -12.34 -16.22 -8.57
CA ILE G 116 -13.77 -16.32 -8.78
C ILE G 116 -14.44 -16.45 -7.41
N VAL G 117 -15.58 -15.78 -7.25
CA VAL G 117 -16.44 -16.10 -6.08
C VAL G 117 -17.86 -16.38 -6.49
N PHE G 118 -18.45 -17.37 -5.85
CA PHE G 118 -19.87 -17.69 -6.01
C PHE G 118 -20.57 -17.41 -4.74
N LEU G 119 -21.73 -16.75 -4.84
CA LEU G 119 -22.51 -16.48 -3.67
C LEU G 119 -23.97 -16.42 -4.07
N GLY G 120 -24.87 -16.43 -3.12
CA GLY G 120 -26.28 -16.41 -3.48
C GLY G 120 -27.12 -17.09 -2.43
N SER G 121 -28.28 -17.57 -2.84
CA SER G 121 -29.18 -18.12 -1.85
C SER G 121 -29.19 -19.64 -1.80
N ALA G 122 -28.50 -20.31 -2.74
CA ALA G 122 -28.74 -21.73 -2.98
C ALA G 122 -27.84 -22.57 -2.09
N ASN G 123 -28.46 -23.30 -1.15
CA ASN G 123 -27.75 -24.44 -0.56
C ASN G 123 -27.34 -25.49 -1.63
N TRP G 124 -26.33 -26.31 -1.29
CA TRP G 124 -25.77 -27.23 -2.25
C TRP G 124 -26.48 -28.56 -2.13
N SER G 125 -27.72 -28.52 -2.62
CA SER G 125 -28.67 -29.65 -2.50
C SER G 125 -29.38 -29.83 -3.83
N LYS G 126 -29.87 -31.05 -4.05
CA LYS G 126 -30.73 -31.32 -5.17
C LYS G 126 -32.00 -30.45 -5.08
N ASN G 127 -32.53 -30.22 -3.88
CA ASN G 127 -33.68 -29.27 -3.68
C ASN G 127 -33.45 -27.94 -4.33
N ALA G 128 -32.28 -27.40 -4.02
CA ALA G 128 -31.99 -26.13 -4.45
C ALA G 128 -31.81 -26.07 -5.98
N PHE G 129 -31.25 -27.13 -6.57
CA PHE G 129 -30.88 -27.06 -7.93
C PHE G 129 -31.94 -27.71 -8.79
N GLU G 130 -32.99 -28.21 -8.13
CA GLU G 130 -34.12 -28.86 -8.85
C GLU G 130 -35.49 -28.22 -8.61
N ASN G 131 -35.79 -27.84 -7.37
CA ASN G 131 -37.17 -27.44 -6.97
C ASN G 131 -37.40 -26.02 -6.50
N ASN G 132 -36.35 -25.24 -6.34
CA ASN G 132 -36.45 -23.97 -5.60
C ASN G 132 -36.29 -22.81 -6.51
N TYR G 133 -36.83 -21.65 -6.03
CA TYR G 133 -36.41 -20.41 -6.57
C TYR G 133 -35.15 -20.03 -5.72
N GLU G 134 -34.13 -19.68 -6.47
CA GLU G 134 -32.83 -19.24 -5.90
C GLU G 134 -32.16 -18.20 -6.78
N VAL G 135 -31.09 -17.57 -6.28
CA VAL G 135 -30.22 -16.88 -7.17
C VAL G 135 -28.82 -17.38 -6.85
N LEU G 136 -27.99 -17.49 -7.90
CA LEU G 136 -26.58 -17.74 -7.72
C LEU G 136 -25.86 -16.71 -8.52
N LEU G 137 -24.87 -16.06 -7.92
CA LEU G 137 -24.13 -15.06 -8.61
C LEU G 137 -22.65 -15.53 -8.66
N LYS G 138 -22.07 -15.41 -9.84
CA LYS G 138 -20.63 -15.69 -10.05
C LYS G 138 -20.03 -14.37 -10.39
N THR G 139 -18.93 -14.02 -9.71
CA THR G 139 -18.22 -12.80 -10.03
C THR G 139 -16.71 -13.05 -10.06
N ASP G 140 -16.05 -12.31 -10.93
CA ASP G 140 -14.61 -12.16 -10.89
C ASP G 140 -14.14 -10.82 -10.43
N ASP G 141 -14.99 -10.03 -9.79
CA ASP G 141 -14.60 -8.73 -9.23
C ASP G 141 -13.53 -8.89 -8.13
N THR G 142 -12.34 -8.33 -8.36
CA THR G 142 -11.21 -8.57 -7.45
C THR G 142 -11.45 -8.02 -6.05
N GLU G 143 -12.13 -6.87 -5.94
CA GLU G 143 -12.43 -6.29 -4.63
C GLU G 143 -13.32 -7.21 -3.81
N THR G 144 -14.33 -7.77 -4.47
CA THR G 144 -15.21 -8.70 -3.85
C THR G 144 -14.48 -9.95 -3.37
N ILE G 145 -13.62 -10.41 -4.24
CA ILE G 145 -12.84 -11.61 -3.94
C ILE G 145 -11.91 -11.33 -2.75
N LEU G 146 -11.19 -10.20 -2.78
CA LEU G 146 -10.26 -9.84 -1.69
C LEU G 146 -10.98 -9.84 -0.34
N LYS G 147 -12.19 -9.24 -0.33
CA LYS G 147 -12.95 -9.16 0.85
C LYS G 147 -13.45 -10.50 1.36
N ALA G 148 -13.97 -11.29 0.46
CA ALA G 148 -14.42 -12.64 0.83
C ALA G 148 -13.26 -13.47 1.45
N LYS G 149 -12.12 -13.40 0.79
CA LYS G 149 -10.93 -14.16 1.25
C LYS G 149 -10.48 -13.71 2.62
N SER G 150 -10.47 -12.42 2.86
CA SER G 150 -10.00 -11.94 4.17
C SER G 150 -10.97 -12.42 5.27
N TYR G 151 -12.29 -12.25 5.05
CA TYR G 151 -13.21 -12.74 6.11
C TYR G 151 -13.28 -14.30 6.28
N TYR G 152 -13.04 -15.04 5.19
CA TYR G 152 -12.94 -16.49 5.28
C TYR G 152 -11.87 -16.95 6.29
N GLN G 153 -10.72 -16.30 6.25
CA GLN G 153 -9.62 -16.67 7.18
C GLN G 153 -10.07 -16.36 8.62
N LYS G 154 -10.85 -15.28 8.80
CA LYS G 154 -11.41 -14.92 10.07
C LYS G 154 -12.27 -16.05 10.56
N MET G 155 -13.23 -16.45 9.70
CA MET G 155 -14.19 -17.45 10.06
C MET G 155 -13.49 -18.75 10.40
N LEU G 156 -12.40 -19.08 9.74
CA LEU G 156 -11.67 -20.29 10.04
C LEU G 156 -11.19 -20.36 11.51
N GLU G 157 -11.00 -19.21 12.16
CA GLU G 157 -10.69 -19.10 13.61
C GLU G 157 -11.60 -19.85 14.52
N SER G 158 -12.87 -19.74 14.16
CA SER G 158 -13.97 -20.14 15.00
C SER G 158 -14.42 -21.57 14.74
N CYS G 159 -13.98 -22.11 13.60
CA CYS G 159 -14.50 -23.42 13.17
CA CYS G 159 -14.39 -23.43 13.13
C CYS G 159 -13.81 -24.57 13.91
N VAL G 160 -14.56 -25.66 14.00
CA VAL G 160 -14.12 -26.78 14.83
C VAL G 160 -14.03 -28.02 13.96
N GLY G 161 -13.02 -28.86 14.20
CA GLY G 161 -12.90 -30.13 13.46
C GLY G 161 -14.09 -31.09 13.53
N PHE G 162 -14.29 -31.84 12.45
CA PHE G 162 -15.38 -32.83 12.40
C PHE G 162 -14.91 -34.10 13.15
N SER H 3 -0.75 -23.67 -0.50
CA SER H 3 -1.19 -24.13 -1.86
C SER H 3 -0.25 -23.63 -2.95
N GLU H 4 -0.53 -24.10 -4.16
CA GLU H 4 0.36 -23.81 -5.26
C GLU H 4 0.04 -22.41 -5.85
N PHE H 5 0.99 -21.90 -6.60
CA PHE H 5 0.83 -20.72 -7.45
C PHE H 5 0.63 -21.18 -8.85
N LYS H 6 0.40 -20.26 -9.78
CA LYS H 6 0.25 -20.59 -11.15
C LYS H 6 1.20 -19.72 -11.95
N ASN H 7 2.06 -20.38 -12.69
CA ASN H 7 2.89 -19.72 -13.73
C ASN H 7 2.28 -19.92 -15.10
N SER H 8 2.21 -18.87 -15.87
CA SER H 8 1.75 -18.96 -17.21
C SER H 8 2.85 -18.47 -18.12
N LEU H 9 3.52 -19.42 -18.71
CA LEU H 9 4.65 -19.13 -19.59
C LEU H 9 4.14 -19.01 -20.98
N PHE H 10 4.47 -17.95 -21.69
CA PHE H 10 4.18 -17.79 -23.10
C PHE H 10 5.49 -17.77 -23.85
N VAL H 11 5.62 -18.61 -24.87
CA VAL H 11 6.79 -18.61 -25.73
C VAL H 11 6.42 -18.00 -27.10
N LEU H 12 7.13 -16.91 -27.43
CA LEU H 12 6.92 -16.17 -28.64
C LEU H 12 7.92 -16.56 -29.69
N PRO H 13 7.56 -16.55 -30.99
CA PRO H 13 6.34 -16.02 -31.55
C PRO H 13 5.12 -16.91 -31.53
N TYR H 14 5.32 -18.16 -31.18
CA TYR H 14 4.25 -19.19 -31.28
C TYR H 14 2.95 -18.77 -30.53
N GLU H 15 3.12 -18.15 -29.37
CA GLU H 15 2.01 -17.77 -28.50
C GLU H 15 2.01 -16.23 -28.31
N GLN H 16 2.41 -15.49 -29.33
CA GLN H 16 2.48 -14.04 -29.24
C GLN H 16 1.14 -13.42 -29.02
N ARG H 17 0.07 -13.93 -29.64
CA ARG H 17 -1.19 -13.24 -29.58
C ARG H 17 -1.76 -13.49 -28.16
N ASP H 18 -1.66 -14.70 -27.65
CA ASP H 18 -2.03 -15.01 -26.25
C ASP H 18 -1.22 -14.18 -25.27
N ALA H 19 0.07 -14.04 -25.57
CA ALA H 19 0.96 -13.27 -24.63
C ALA H 19 0.53 -11.79 -24.54
N LEU H 20 0.33 -11.18 -25.71
CA LEU H 20 -0.16 -9.83 -25.73
C LEU H 20 -1.47 -9.67 -25.05
N ASN H 21 -2.40 -10.60 -25.30
CA ASN H 21 -3.71 -10.53 -24.69
C ASN H 21 -3.65 -10.71 -23.20
N SER H 22 -2.71 -11.49 -22.71
CA SER H 22 -2.58 -11.71 -21.24
C SER H 22 -2.12 -10.40 -20.53
N LEU H 23 -1.12 -9.77 -21.16
CA LEU H 23 -0.54 -8.51 -20.65
C LEU H 23 -1.59 -7.38 -20.69
N ILE H 24 -2.22 -7.20 -21.84
CA ILE H 24 -3.25 -6.12 -22.02
C ILE H 24 -4.43 -6.29 -21.03
N SER H 25 -4.90 -7.53 -20.90
CA SER H 25 -5.88 -7.89 -19.88
C SER H 25 -5.45 -7.66 -18.46
N GLY H 26 -4.21 -8.04 -18.11
CA GLY H 26 -3.67 -7.77 -16.81
C GLY H 26 -3.68 -6.29 -16.46
N ILE H 27 -3.16 -5.45 -17.36
CA ILE H 27 -3.21 -4.00 -17.19
C ILE H 27 -4.63 -3.44 -17.11
N SER H 28 -5.48 -3.89 -18.02
CA SER H 28 -6.83 -3.34 -18.22
C SER H 28 -7.75 -3.65 -17.06
N SER H 29 -7.57 -4.80 -16.43
CA SER H 29 -8.44 -5.16 -15.34
C SER H 29 -7.86 -4.81 -13.95
N ALA H 30 -6.79 -4.01 -13.89
CA ALA H 30 -6.21 -3.55 -12.68
C ALA H 30 -7.24 -2.82 -11.84
N ARG H 31 -7.14 -2.95 -10.52
CA ARG H 31 -8.13 -2.19 -9.68
C ARG H 31 -7.57 -1.16 -8.73
N GLU H 32 -6.25 -1.11 -8.49
CA GLU H 32 -5.69 0.02 -7.78
C GLU H 32 -4.41 0.55 -8.38
N SER H 33 -3.46 -0.33 -8.76
CA SER H 33 -2.10 0.11 -9.11
C SER H 33 -1.48 -0.73 -10.22
N VAL H 34 -0.75 -0.04 -11.09
CA VAL H 34 0.04 -0.69 -12.15
C VAL H 34 1.45 -0.08 -12.03
N LYS H 35 2.46 -0.94 -11.89
CA LYS H 35 3.83 -0.53 -11.71
C LYS H 35 4.60 -1.19 -12.78
N ILE H 36 5.18 -0.39 -13.69
CA ILE H 36 5.92 -0.90 -14.86
C ILE H 36 7.31 -0.44 -14.88
N ALA H 37 8.23 -1.31 -15.25
CA ALA H 37 9.59 -0.93 -15.55
C ALA H 37 9.80 -1.50 -16.99
N ILE H 38 10.17 -0.69 -17.95
CA ILE H 38 10.22 -1.13 -19.34
C ILE H 38 11.38 -0.47 -20.03
N TYR H 39 12.19 -1.26 -20.69
CA TYR H 39 13.28 -0.77 -21.50
C TYR H 39 12.82 0.08 -22.72
N SER H 40 12.08 -0.52 -23.62
CA SER H 40 11.54 0.14 -24.83
C SER H 40 10.08 -0.16 -24.85
N PHE H 41 9.27 0.86 -25.12
CA PHE H 41 7.80 0.74 -25.07
C PHE H 41 7.30 1.66 -26.15
N THR H 42 6.98 1.07 -27.30
CA THR H 42 6.50 1.77 -28.44
C THR H 42 5.10 1.25 -28.90
N HIS H 43 4.58 0.18 -28.30
CA HIS H 43 3.37 -0.51 -28.73
C HIS H 43 2.17 0.31 -28.37
N ARG H 44 1.55 0.94 -29.35
CA ARG H 44 0.34 1.77 -29.10
C ARG H 44 -0.86 1.08 -28.48
N ASP H 45 -1.09 -0.18 -28.82
CA ASP H 45 -2.11 -0.95 -28.14
C ASP H 45 -1.92 -1.05 -26.62
N ILE H 46 -0.69 -1.32 -26.18
CA ILE H 46 -0.42 -1.53 -24.80
C ILE H 46 -0.65 -0.13 -24.11
N ALA H 47 -0.24 0.91 -24.79
CA ALA H 47 -0.40 2.27 -24.21
C ALA H 47 -1.90 2.56 -24.08
N ARG H 48 -2.70 2.08 -25.04
CA ARG H 48 -4.16 2.33 -24.93
C ARG H 48 -4.72 1.63 -23.73
N ALA H 49 -4.24 0.44 -23.44
CA ALA H 49 -4.66 -0.28 -22.22
C ALA H 49 -4.36 0.47 -20.93
N ILE H 50 -3.14 1.04 -20.88
CA ILE H 50 -2.73 1.88 -19.79
C ILE H 50 -3.66 3.10 -19.68
N LYS H 51 -3.92 3.83 -20.74
CA LYS H 51 -4.88 4.94 -20.65
C LYS H 51 -6.27 4.56 -20.17
N SER H 52 -6.70 3.38 -20.64
CA SER H 52 -8.01 2.87 -20.29
C SER H 52 -8.14 2.68 -18.75
N VAL H 53 -7.16 2.11 -18.15
CA VAL H 53 -7.17 1.86 -16.70
C VAL H 53 -6.87 3.16 -15.89
N ALA H 54 -5.97 4.02 -16.38
CA ALA H 54 -5.66 5.27 -15.67
C ALA H 54 -6.89 6.18 -15.55
N SER H 55 -7.62 6.21 -16.62
CA SER H 55 -8.85 7.03 -16.68
C SER H 55 -10.09 6.44 -15.98
N ARG H 56 -10.00 5.23 -15.44
CA ARG H 56 -10.96 4.74 -14.41
C ARG H 56 -10.48 5.07 -13.01
N GLY H 57 -9.34 5.78 -12.87
CA GLY H 57 -8.77 6.08 -11.57
C GLY H 57 -7.58 5.30 -11.04
N ILE H 58 -7.12 4.31 -11.78
CA ILE H 58 -5.94 3.50 -11.32
C ILE H 58 -4.64 4.29 -11.43
N LYS H 59 -3.77 4.18 -10.44
CA LYS H 59 -2.51 4.91 -10.39
C LYS H 59 -1.47 4.06 -11.18
N VAL H 60 -0.95 4.65 -12.26
CA VAL H 60 0.03 3.96 -13.10
C VAL H 60 1.35 4.65 -12.94
N GLN H 61 2.41 3.88 -12.81
CA GLN H 61 3.75 4.34 -12.71
C GLN H 61 4.54 3.56 -13.74
N ILE H 62 5.23 4.29 -14.56
CA ILE H 62 6.13 3.73 -15.60
C ILE H 62 7.56 4.23 -15.49
N ILE H 63 8.49 3.33 -15.20
CA ILE H 63 9.92 3.62 -15.34
C ILE H 63 10.45 3.20 -16.71
N TYR H 64 10.96 4.11 -17.52
CA TYR H 64 11.54 3.85 -18.81
C TYR H 64 13.09 3.88 -18.70
N ASP H 65 13.81 3.07 -19.47
CA ASP H 65 15.24 3.31 -19.71
C ASP H 65 15.51 4.79 -20.20
N TYR H 66 16.50 5.41 -19.54
CA TYR H 66 16.90 6.77 -19.83
C TYR H 66 17.38 6.96 -21.29
N GLU H 67 18.40 6.27 -21.73
CA GLU H 67 18.90 6.55 -23.06
C GLU H 67 17.89 6.23 -24.16
N SER H 68 17.10 5.17 -23.96
CA SER H 68 16.15 4.72 -24.95
C SER H 68 14.95 5.68 -25.09
N ASN H 69 14.67 6.46 -24.04
CA ASN H 69 13.44 7.18 -23.94
C ASN H 69 13.51 8.66 -23.71
N HIS H 70 14.68 9.19 -23.35
CA HIS H 70 14.74 10.61 -22.97
C HIS H 70 14.40 11.55 -24.17
N ASN H 71 14.69 11.14 -25.39
CA ASN H 71 14.45 11.91 -26.62
C ASN H 71 14.14 10.96 -27.79
N ASN H 72 12.95 10.37 -27.72
CA ASN H 72 12.60 9.39 -28.72
C ASN H 72 11.13 9.56 -29.05
N LYS H 73 10.84 10.00 -30.28
CA LYS H 73 9.49 10.31 -30.68
C LYS H 73 8.62 9.05 -30.82
N GLN H 74 9.22 7.86 -31.01
CA GLN H 74 8.45 6.63 -31.08
C GLN H 74 8.07 6.12 -29.68
N SER H 75 8.76 6.62 -28.64
CA SER H 75 8.41 6.17 -27.29
C SER H 75 7.07 6.67 -26.89
N THR H 76 6.38 5.88 -26.05
CA THR H 76 5.15 6.20 -25.48
C THR H 76 5.27 7.18 -24.33
N ILE H 77 6.47 7.47 -23.87
CA ILE H 77 6.64 8.30 -22.68
C ILE H 77 6.02 9.71 -22.88
N GLY H 78 6.26 10.30 -24.06
CA GLY H 78 5.73 11.64 -24.37
C GLY H 78 4.27 11.78 -24.06
N TYR H 79 3.45 10.93 -24.65
N TYR H 79 3.53 10.79 -24.59
CA TYR H 79 2.04 11.06 -24.43
CA TYR H 79 2.07 10.64 -24.73
C TYR H 79 1.60 10.64 -23.03
C TYR H 79 1.34 10.09 -23.48
N LEU H 80 2.10 9.49 -22.55
CA LEU H 80 1.63 9.06 -21.26
C LEU H 80 2.01 9.99 -20.11
N ASP H 81 3.05 10.82 -20.30
CA ASP H 81 3.57 11.73 -19.27
C ASP H 81 2.47 12.67 -18.78
N LYS H 82 1.68 13.16 -19.69
CA LYS H 82 0.68 14.15 -19.24
C LYS H 82 -0.70 13.57 -19.06
N TYR H 83 -0.81 12.23 -19.03
CA TYR H 83 -2.07 11.60 -18.89
C TYR H 83 -2.45 11.53 -17.43
N PRO H 84 -3.74 11.69 -17.12
CA PRO H 84 -4.17 11.60 -15.74
C PRO H 84 -3.80 10.24 -15.10
N ASN H 85 -3.49 10.34 -13.83
CA ASN H 85 -3.18 9.21 -12.97
C ASN H 85 -1.93 8.47 -13.42
N THR H 86 -1.14 9.05 -14.32
CA THR H 86 0.04 8.37 -14.85
C THR H 86 1.33 9.15 -14.57
N LYS H 87 2.25 8.48 -13.91
CA LYS H 87 3.57 9.00 -13.56
C LYS H 87 4.58 8.25 -14.41
N VAL H 88 5.29 8.99 -15.20
CA VAL H 88 6.44 8.41 -15.91
C VAL H 88 7.75 9.00 -15.41
N CYS H 89 8.80 8.22 -15.51
CA CYS H 89 10.15 8.66 -15.22
C CYS H 89 11.19 7.83 -15.99
N LEU H 90 12.43 8.30 -15.94
CA LEU H 90 13.56 7.73 -16.65
C LEU H 90 14.62 7.17 -15.65
N LEU H 91 15.35 6.12 -16.03
CA LEU H 91 16.28 5.49 -15.21
C LEU H 91 17.46 4.98 -15.99
N LYS H 92 18.63 5.50 -15.67
CA LYS H 92 19.91 5.03 -16.18
C LYS H 92 20.45 3.97 -15.28
N GLY H 93 21.20 3.03 -15.85
CA GLY H 93 21.91 2.10 -15.09
C GLY H 93 23.10 2.67 -14.31
N LEU H 94 23.87 1.78 -13.74
CA LEU H 94 24.99 2.20 -12.83
C LEU H 94 26.22 2.51 -13.64
N LYS H 95 27.18 3.24 -13.05
CA LYS H 95 28.47 3.46 -13.76
C LYS H 95 29.31 2.18 -13.82
N ALA H 96 29.86 1.89 -14.99
CA ALA H 96 30.67 0.76 -15.19
C ALA H 96 31.99 0.88 -14.40
N LYS H 97 32.51 -0.24 -14.01
CA LYS H 97 33.68 -0.30 -13.13
C LYS H 97 34.92 0.19 -13.85
N ASN H 98 35.13 -0.28 -15.10
CA ASN H 98 36.31 0.06 -15.90
C ASN H 98 35.90 0.73 -17.19
N GLY H 99 35.11 1.78 -17.05
CA GLY H 99 34.68 2.48 -18.19
C GLY H 99 33.91 3.70 -17.86
N ASN H 100 33.94 4.59 -18.84
CA ASN H 100 33.37 5.88 -18.72
C ASN H 100 31.96 5.82 -19.31
N TYR H 101 31.13 4.90 -18.80
CA TYR H 101 29.72 4.80 -19.26
C TYR H 101 28.80 4.23 -18.16
N TYR H 102 27.48 4.34 -18.41
CA TYR H 102 26.47 3.84 -17.50
C TYR H 102 25.70 2.64 -18.17
N GLY H 103 25.14 1.83 -17.32
CA GLY H 103 24.30 0.72 -17.69
C GLY H 103 22.91 1.23 -18.11
N ILE H 104 22.02 0.24 -18.35
CA ILE H 104 20.63 0.48 -18.79
C ILE H 104 19.61 -0.07 -17.87
N MET H 105 18.37 0.41 -17.99
CA MET H 105 17.23 -0.09 -17.25
C MET H 105 16.57 -1.09 -18.23
N ASN H 106 17.00 -2.37 -18.10
CA ASN H 106 16.61 -3.41 -19.11
C ASN H 106 15.44 -4.17 -18.71
N GLN H 107 14.86 -3.92 -17.56
CA GLN H 107 13.70 -4.74 -17.11
C GLN H 107 12.49 -4.56 -18.03
N LYS H 108 11.69 -5.62 -18.17
CA LYS H 108 10.37 -5.62 -18.82
C LYS H 108 9.41 -6.23 -17.85
N VAL H 109 8.82 -5.41 -16.97
CA VAL H 109 8.11 -5.88 -15.77
C VAL H 109 6.83 -5.10 -15.60
N ALA H 110 5.72 -5.79 -15.35
CA ALA H 110 4.43 -5.10 -14.93
C ALA H 110 3.95 -5.79 -13.67
N ILE H 111 3.68 -4.99 -12.66
CA ILE H 111 3.14 -5.49 -11.37
C ILE H 111 1.71 -4.93 -11.25
N ILE H 112 0.74 -5.78 -11.09
CA ILE H 112 -0.68 -5.34 -11.11
C ILE H 112 -1.24 -5.59 -9.73
N ASP H 113 -1.67 -4.53 -9.08
CA ASP H 113 -2.18 -4.60 -7.71
C ASP H 113 -1.04 -5.33 -6.91
N ASP H 114 -1.37 -6.23 -6.01
CA ASP H 114 -0.34 -7.06 -5.36
C ASP H 114 -0.59 -8.46 -5.78
N LYS H 115 -1.06 -8.67 -7.00
CA LYS H 115 -1.77 -9.86 -7.38
C LYS H 115 -1.14 -10.60 -8.58
N ILE H 116 -0.53 -9.85 -9.49
CA ILE H 116 0.04 -10.45 -10.72
C ILE H 116 1.35 -9.76 -11.00
N VAL H 117 2.31 -10.52 -11.49
CA VAL H 117 3.49 -9.91 -12.05
C VAL H 117 3.86 -10.59 -13.36
N PHE H 118 4.23 -9.75 -14.34
CA PHE H 118 4.66 -10.16 -15.67
C PHE H 118 6.10 -9.84 -15.82
N LEU H 119 6.87 -10.79 -16.33
CA LEU H 119 8.31 -10.56 -16.58
C LEU H 119 8.77 -11.44 -17.70
N GLY H 120 9.97 -11.21 -18.20
CA GLY H 120 10.41 -11.95 -19.41
C GLY H 120 11.40 -11.19 -20.20
N SER H 121 11.55 -11.54 -21.48
CA SER H 121 12.46 -10.89 -22.41
C SER H 121 11.85 -9.85 -23.29
N ALA H 122 10.54 -9.67 -23.32
CA ALA H 122 9.90 -8.96 -24.41
C ALA H 122 9.79 -7.42 -24.06
N ASN H 123 10.39 -6.61 -24.91
CA ASN H 123 10.15 -5.21 -24.95
C ASN H 123 8.74 -4.95 -25.43
N TRP H 124 8.15 -3.79 -25.14
CA TRP H 124 6.79 -3.56 -25.42
C TRP H 124 6.71 -2.83 -26.76
N SER H 125 6.87 -3.66 -27.78
CA SER H 125 7.01 -3.22 -29.14
C SER H 125 6.21 -4.19 -30.06
N LYS H 126 5.77 -3.68 -31.19
CA LYS H 126 5.19 -4.55 -32.22
C LYS H 126 6.21 -5.60 -32.63
N ASN H 127 7.49 -5.26 -32.75
CA ASN H 127 8.50 -6.31 -33.05
C ASN H 127 8.52 -7.45 -32.08
N ALA H 128 8.47 -7.14 -30.78
CA ALA H 128 8.48 -8.21 -29.76
C ALA H 128 7.29 -9.15 -29.94
N PHE H 129 6.13 -8.59 -30.20
CA PHE H 129 4.89 -9.36 -30.20
C PHE H 129 4.49 -9.93 -31.56
N GLU H 130 5.27 -9.59 -32.59
CA GLU H 130 4.96 -10.03 -33.97
C GLU H 130 6.08 -10.80 -34.62
N ASN H 131 7.32 -10.38 -34.45
CA ASN H 131 8.47 -10.93 -35.18
C ASN H 131 9.60 -11.68 -34.40
N ASN H 132 9.61 -11.62 -33.05
CA ASN H 132 10.72 -12.10 -32.33
C ASN H 132 10.47 -13.40 -31.63
N TYR H 133 11.53 -14.12 -31.31
CA TYR H 133 11.49 -15.15 -30.22
C TYR H 133 11.58 -14.40 -28.90
N GLU H 134 10.73 -14.75 -27.88
CA GLU H 134 10.75 -14.05 -26.59
C GLU H 134 10.15 -15.03 -25.68
N VAL H 135 10.21 -14.74 -24.38
CA VAL H 135 9.36 -15.42 -23.41
C VAL H 135 8.67 -14.34 -22.58
N LEU H 136 7.45 -14.65 -22.12
CA LEU H 136 6.75 -13.77 -21.18
C LEU H 136 6.14 -14.68 -20.16
N LEU H 137 6.40 -14.40 -18.90
CA LEU H 137 5.91 -15.21 -17.79
C LEU H 137 4.96 -14.33 -16.96
N LYS H 138 3.76 -14.84 -16.78
CA LYS H 138 2.77 -14.27 -15.83
C LYS H 138 2.82 -15.15 -14.56
N THR H 139 2.94 -14.57 -13.38
CA THR H 139 2.76 -15.38 -12.15
C THR H 139 1.87 -14.68 -11.17
N ASP H 140 1.13 -15.48 -10.40
CA ASP H 140 0.49 -14.96 -9.17
C ASP H 140 1.25 -15.32 -7.87
N ASP H 141 2.43 -15.84 -7.98
CA ASP H 141 3.22 -16.23 -6.80
C ASP H 141 3.45 -15.05 -5.88
N THR H 142 2.95 -15.16 -4.64
CA THR H 142 2.98 -14.05 -3.72
C THR H 142 4.34 -13.50 -3.47
N GLU H 143 5.35 -14.35 -3.14
CA GLU H 143 6.66 -13.82 -2.80
C GLU H 143 7.32 -13.16 -4.02
N THR H 144 7.02 -13.65 -5.23
CA THR H 144 7.60 -13.03 -6.44
C THR H 144 7.07 -11.58 -6.64
N ILE H 145 5.78 -11.46 -6.52
CA ILE H 145 5.14 -10.14 -6.67
C ILE H 145 5.63 -9.17 -5.61
N LEU H 146 5.60 -9.63 -4.34
CA LEU H 146 6.01 -8.67 -3.26
C LEU H 146 7.46 -8.29 -3.31
N LYS H 147 8.32 -9.21 -3.75
CA LYS H 147 9.72 -8.87 -3.88
C LYS H 147 9.91 -7.83 -5.02
N ALA H 148 9.28 -8.09 -6.17
CA ALA H 148 9.38 -7.19 -7.31
C ALA H 148 8.94 -5.79 -6.84
N LYS H 149 7.85 -5.75 -6.08
CA LYS H 149 7.25 -4.48 -5.68
C LYS H 149 8.18 -3.73 -4.74
N SER H 150 8.79 -4.45 -3.81
CA SER H 150 9.76 -3.75 -2.93
C SER H 150 10.95 -3.11 -3.58
N TYR H 151 11.53 -3.85 -4.56
CA TYR H 151 12.58 -3.34 -5.35
C TYR H 151 12.09 -2.29 -6.34
N TYR H 152 10.84 -2.37 -6.81
CA TYR H 152 10.36 -1.34 -7.74
C TYR H 152 10.28 0.04 -6.98
N GLN H 153 9.97 0.01 -5.69
CA GLN H 153 9.93 1.26 -4.88
C GLN H 153 11.31 1.86 -4.75
N LYS H 154 12.35 1.01 -4.65
CA LYS H 154 13.71 1.49 -4.65
C LYS H 154 14.06 2.10 -5.99
N MET H 155 13.63 1.47 -7.11
CA MET H 155 13.94 2.06 -8.42
C MET H 155 13.27 3.42 -8.65
N LEU H 156 12.09 3.50 -8.13
CA LEU H 156 11.29 4.71 -8.23
C LEU H 156 12.03 5.84 -7.60
N GLU H 157 12.68 5.56 -6.48
CA GLU H 157 13.42 6.63 -5.75
C GLU H 157 14.67 7.09 -6.44
N SER H 158 15.15 6.34 -7.42
CA SER H 158 16.32 6.73 -8.18
C SER H 158 15.96 7.28 -9.55
N CYS H 159 14.73 7.10 -9.99
CA CYS H 159 14.36 7.54 -11.35
CA CYS H 159 14.33 7.56 -11.34
C CYS H 159 14.18 9.03 -11.37
N VAL H 160 14.31 9.59 -12.56
CA VAL H 160 14.28 11.05 -12.76
C VAL H 160 13.18 11.46 -13.76
N GLY H 161 12.76 12.72 -13.66
CA GLY H 161 11.60 13.19 -14.40
C GLY H 161 11.82 13.19 -15.92
N PHE H 162 10.74 13.01 -16.69
CA PHE H 162 10.80 13.17 -18.11
C PHE H 162 10.74 14.66 -18.37
N GLU I 4 -44.00 -21.19 -21.42
CA GLU I 4 -44.34 -21.62 -22.81
C GLU I 4 -44.61 -20.39 -23.71
N PHE I 5 -44.58 -20.56 -25.04
CA PHE I 5 -44.79 -19.42 -25.97
C PHE I 5 -45.09 -19.84 -27.42
N LYS I 6 -45.45 -18.90 -28.27
CA LYS I 6 -45.44 -19.18 -29.71
C LYS I 6 -44.38 -18.31 -30.38
N ASN I 7 -43.40 -18.99 -31.01
CA ASN I 7 -42.44 -18.30 -31.88
C ASN I 7 -42.98 -18.42 -33.27
N SER I 8 -43.05 -17.31 -34.00
CA SER I 8 -43.38 -17.33 -35.45
C SER I 8 -42.11 -16.82 -36.20
N LEU I 9 -41.43 -17.71 -36.88
CA LEU I 9 -40.22 -17.37 -37.61
C LEU I 9 -40.57 -17.21 -39.06
N PHE I 10 -40.24 -16.06 -39.63
CA PHE I 10 -40.47 -15.76 -41.02
C PHE I 10 -39.03 -15.77 -41.60
N VAL I 11 -38.88 -16.57 -42.63
CA VAL I 11 -37.63 -16.54 -43.44
C VAL I 11 -37.91 -15.89 -44.75
N LEU I 12 -37.20 -14.76 -44.95
CA LEU I 12 -37.30 -13.92 -46.11
C LEU I 12 -36.20 -14.39 -47.07
N PRO I 13 -36.46 -14.35 -48.39
CA PRO I 13 -37.63 -13.70 -49.01
C PRO I 13 -38.90 -14.55 -49.21
N TYR I 14 -38.74 -15.83 -48.88
CA TYR I 14 -39.75 -16.86 -49.11
C TYR I 14 -41.03 -16.47 -48.44
N GLU I 15 -40.91 -15.91 -47.22
CA GLU I 15 -42.04 -15.49 -46.46
C GLU I 15 -42.10 -13.99 -46.21
N GLN I 16 -41.67 -13.22 -47.19
CA GLN I 16 -41.64 -11.76 -47.06
C GLN I 16 -42.99 -11.08 -46.95
N ARG I 17 -43.99 -11.51 -47.71
CA ARG I 17 -45.32 -10.92 -47.60
C ARG I 17 -45.92 -11.24 -46.25
N ASP I 18 -45.82 -12.46 -45.79
CA ASP I 18 -46.34 -12.86 -44.45
C ASP I 18 -45.63 -12.10 -43.30
N ALA I 19 -44.30 -11.94 -43.41
CA ALA I 19 -43.51 -11.24 -42.44
C ALA I 19 -43.93 -9.77 -42.37
N LEU I 20 -44.01 -9.07 -43.51
CA LEU I 20 -44.46 -7.66 -43.48
C LEU I 20 -45.86 -7.50 -42.91
N ASN I 21 -46.73 -8.38 -43.31
CA ASN I 21 -48.11 -8.32 -42.83
C ASN I 21 -48.17 -8.53 -41.34
N SER I 22 -47.39 -9.49 -40.83
CA SER I 22 -47.35 -9.76 -39.39
C SER I 22 -46.89 -8.53 -38.61
N LEU I 23 -45.80 -7.93 -39.02
CA LEU I 23 -45.28 -6.69 -38.40
C LEU I 23 -46.31 -5.54 -38.45
N ILE I 24 -46.86 -5.30 -39.64
CA ILE I 24 -47.81 -4.21 -39.87
C ILE I 24 -49.07 -4.47 -39.02
N SER I 25 -49.48 -5.72 -38.91
CA SER I 25 -50.66 -6.05 -38.12
C SER I 25 -50.40 -5.88 -36.64
N GLY I 26 -49.22 -6.30 -36.23
CA GLY I 26 -48.79 -6.20 -34.87
C GLY I 26 -48.80 -4.78 -34.42
N ILE I 27 -48.20 -3.88 -35.22
CA ILE I 27 -48.18 -2.42 -34.90
C ILE I 27 -49.62 -1.87 -34.89
N SER I 28 -50.38 -2.20 -35.93
CA SER I 28 -51.64 -1.58 -36.18
C SER I 28 -52.62 -1.92 -35.13
N SER I 29 -52.49 -3.10 -34.50
CA SER I 29 -53.45 -3.56 -33.52
C SER I 29 -52.99 -3.35 -32.06
N ALA I 30 -51.98 -2.54 -31.85
CA ALA I 30 -51.57 -2.21 -30.47
C ALA I 30 -52.73 -1.45 -29.79
N ARG I 31 -52.83 -1.67 -28.51
CA ARG I 31 -53.85 -1.02 -27.68
C ARG I 31 -53.27 -0.07 -26.62
N GLU I 32 -51.96 -0.15 -26.32
CA GLU I 32 -51.32 0.65 -25.26
C GLU I 32 -50.08 1.40 -25.77
N SER I 33 -49.11 0.63 -26.27
CA SER I 33 -47.80 1.18 -26.51
CA SER I 33 -47.78 1.15 -26.49
C SER I 33 -47.09 0.44 -27.66
N VAL I 34 -46.27 1.18 -28.38
CA VAL I 34 -45.41 0.56 -29.41
C VAL I 34 -44.03 1.12 -29.16
N LYS I 35 -43.08 0.25 -28.84
CA LYS I 35 -41.71 0.66 -28.59
CA LYS I 35 -41.73 0.65 -28.59
C LYS I 35 -40.81 0.04 -29.62
N ILE I 36 -40.14 0.89 -30.40
CA ILE I 36 -39.30 0.44 -31.56
C ILE I 36 -37.88 0.91 -31.43
N ALA I 37 -36.91 0.04 -31.68
CA ALA I 37 -35.53 0.43 -31.93
C ALA I 37 -35.08 -0.07 -33.31
N ILE I 38 -34.66 0.81 -34.18
CA ILE I 38 -34.44 0.44 -35.65
C ILE I 38 -33.29 1.16 -36.24
N TYR I 39 -32.39 0.44 -36.82
CA TYR I 39 -31.24 0.90 -37.57
C TYR I 39 -31.63 1.77 -38.75
N SER I 40 -32.33 1.15 -39.68
CA SER I 40 -32.76 1.90 -40.93
C SER I 40 -34.25 1.65 -41.11
N PHE I 41 -35.00 2.72 -41.39
CA PHE I 41 -36.47 2.67 -41.41
C PHE I 41 -36.91 3.68 -42.48
N THR I 42 -37.15 3.15 -43.69
CA THR I 42 -37.56 3.92 -44.88
C THR I 42 -38.90 3.48 -45.48
N HIS I 43 -39.44 2.38 -44.98
CA HIS I 43 -40.64 1.72 -45.52
C HIS I 43 -41.89 2.51 -45.16
N ARG I 44 -42.47 3.17 -46.16
CA ARG I 44 -43.56 4.12 -45.92
C ARG I 44 -44.84 3.45 -45.49
N ASP I 45 -45.05 2.17 -45.79
CA ASP I 45 -46.21 1.49 -45.32
C ASP I 45 -46.15 1.22 -43.83
N ILE I 46 -44.96 0.92 -43.31
CA ILE I 46 -44.83 0.59 -41.91
C ILE I 46 -44.99 1.93 -41.17
N ALA I 47 -44.45 2.99 -41.74
CA ALA I 47 -44.66 4.34 -41.10
C ALA I 47 -46.10 4.76 -41.09
N ARG I 48 -46.84 4.53 -42.17
CA ARG I 48 -48.33 4.73 -42.14
C ARG I 48 -49.04 3.95 -41.07
N ALA I 49 -48.61 2.70 -40.82
CA ALA I 49 -49.15 1.84 -39.77
C ALA I 49 -48.90 2.46 -38.39
N ILE I 50 -47.68 2.90 -38.15
CA ILE I 50 -47.39 3.66 -36.94
C ILE I 50 -48.27 4.92 -36.73
N LYS I 51 -48.33 5.76 -37.74
CA LYS I 51 -49.29 6.91 -37.76
C LYS I 51 -50.72 6.54 -37.40
N SER I 52 -51.21 5.44 -37.99
CA SER I 52 -52.55 5.00 -37.76
C SER I 52 -52.75 4.60 -36.31
N VAL I 53 -51.78 3.94 -35.68
CA VAL I 53 -51.99 3.57 -34.31
C VAL I 53 -51.79 4.80 -33.35
N ALA I 54 -50.78 5.62 -33.59
CA ALA I 54 -50.62 6.91 -32.85
C ALA I 54 -51.94 7.77 -32.93
N SER I 55 -52.64 7.71 -34.08
CA SER I 55 -53.93 8.44 -34.25
C SER I 55 -55.00 7.99 -33.34
N ARG I 56 -54.86 6.81 -32.76
CA ARG I 56 -55.88 6.25 -31.92
C ARG I 56 -55.52 6.40 -30.46
N GLY I 57 -54.47 7.13 -30.14
CA GLY I 57 -54.10 7.37 -28.78
C GLY I 57 -52.98 6.51 -28.27
N ILE I 58 -52.47 5.59 -29.10
CA ILE I 58 -51.39 4.74 -28.62
C ILE I 58 -50.10 5.56 -28.60
N LYS I 59 -49.32 5.41 -27.55
CA LYS I 59 -48.01 6.02 -27.38
C LYS I 59 -46.99 5.20 -28.17
N VAL I 60 -46.29 5.86 -29.04
CA VAL I 60 -45.22 5.25 -29.82
C VAL I 60 -43.91 5.93 -29.44
N GLN I 61 -42.88 5.10 -29.27
CA GLN I 61 -41.51 5.54 -29.10
C GLN I 61 -40.65 4.85 -30.16
N ILE I 62 -39.72 5.59 -30.76
CA ILE I 62 -38.83 5.09 -31.79
C ILE I 62 -37.43 5.60 -31.58
N ILE I 63 -36.49 4.68 -31.31
CA ILE I 63 -35.11 4.94 -31.29
C ILE I 63 -34.45 4.61 -32.61
N TYR I 64 -33.96 5.59 -33.34
CA TYR I 64 -33.27 5.36 -34.56
C TYR I 64 -31.78 5.39 -34.35
N ASP I 65 -31.05 4.70 -35.24
CA ASP I 65 -29.60 4.82 -35.33
C ASP I 65 -29.23 6.32 -35.66
N TYR I 66 -28.21 6.84 -34.94
CA TYR I 66 -27.91 8.28 -35.06
C TYR I 66 -27.40 8.58 -36.47
N GLU I 67 -26.36 7.91 -36.89
CA GLU I 67 -25.76 8.23 -38.18
C GLU I 67 -26.62 7.99 -39.40
N SER I 68 -27.50 6.99 -39.34
CA SER I 68 -28.29 6.58 -40.50
C SER I 68 -29.50 7.54 -40.72
N ASN I 69 -29.87 8.29 -39.66
CA ASN I 69 -31.11 8.98 -39.56
C ASN I 69 -31.06 10.51 -39.12
N HIS I 70 -29.97 10.96 -38.48
CA HIS I 70 -29.76 12.39 -38.03
C HIS I 70 -30.05 13.44 -39.13
N ASN I 71 -29.68 13.12 -40.36
CA ASN I 71 -29.96 13.99 -41.51
C ASN I 71 -30.09 13.12 -42.71
N ASN I 72 -31.28 12.56 -42.96
CA ASN I 72 -31.51 11.63 -44.07
C ASN I 72 -32.96 11.70 -44.63
N LYS I 73 -33.11 12.17 -45.88
CA LYS I 73 -34.44 12.49 -46.42
C LYS I 73 -35.31 11.26 -46.59
N GLN I 74 -34.69 10.10 -46.74
CA GLN I 74 -35.44 8.89 -46.95
C GLN I 74 -35.88 8.26 -45.66
N SER I 75 -35.36 8.73 -44.55
CA SER I 75 -35.72 8.19 -43.24
C SER I 75 -37.08 8.69 -42.98
N THR I 76 -37.84 7.84 -42.31
CA THR I 76 -39.13 8.19 -41.80
C THR I 76 -39.09 9.09 -40.57
N ILE I 77 -37.92 9.33 -39.99
CA ILE I 77 -37.87 10.09 -38.74
C ILE I 77 -38.58 11.48 -38.89
N GLY I 78 -38.37 12.15 -40.03
CA GLY I 78 -39.00 13.48 -40.29
C GLY I 78 -40.52 13.38 -40.32
N TYR I 79 -40.97 12.40 -41.09
CA TYR I 79 -42.37 12.07 -41.34
C TYR I 79 -43.07 11.72 -40.03
N LEU I 80 -42.36 11.15 -39.03
CA LEU I 80 -42.95 10.84 -37.74
C LEU I 80 -42.60 11.77 -36.58
N ASP I 81 -41.58 12.61 -36.68
CA ASP I 81 -41.17 13.35 -35.46
C ASP I 81 -42.29 14.22 -34.89
N LYS I 82 -43.05 14.88 -35.76
CA LYS I 82 -44.01 15.84 -35.22
C LYS I 82 -45.42 15.26 -35.20
N TYR I 83 -45.51 13.93 -35.02
CA TYR I 83 -46.77 13.25 -35.02
C TYR I 83 -47.30 13.10 -33.63
N PRO I 84 -48.63 13.22 -33.42
CA PRO I 84 -49.16 13.11 -32.06
C PRO I 84 -48.85 11.76 -31.45
N ASN I 85 -48.56 11.76 -30.15
CA ASN I 85 -48.27 10.54 -29.36
C ASN I 85 -47.00 9.83 -29.78
N THR I 86 -46.15 10.45 -30.57
CA THR I 86 -44.91 9.79 -31.09
C THR I 86 -43.68 10.52 -30.68
N LYS I 87 -42.76 9.84 -30.00
CA LYS I 87 -41.49 10.41 -29.61
C LYS I 87 -40.43 9.71 -30.48
N VAL I 88 -39.62 10.48 -31.17
CA VAL I 88 -38.51 9.89 -31.94
C VAL I 88 -37.21 10.38 -31.31
N CYS I 89 -36.24 9.50 -31.20
CA CYS I 89 -34.90 9.90 -30.83
C CYS I 89 -33.82 9.13 -31.55
N LEU I 90 -32.57 9.56 -31.39
CA LEU I 90 -31.44 9.01 -32.10
C LEU I 90 -30.45 8.42 -31.13
N LEU I 91 -29.75 7.37 -31.57
CA LEU I 91 -28.80 6.72 -30.71
C LEU I 91 -27.54 6.26 -31.42
N LYS I 92 -26.36 6.70 -30.98
CA LYS I 92 -25.09 6.10 -31.43
C LYS I 92 -24.60 5.05 -30.48
N GLY I 93 -23.83 4.14 -31.05
CA GLY I 93 -23.18 3.10 -30.30
C GLY I 93 -22.01 3.68 -29.53
N LEU I 94 -21.24 2.79 -28.91
CA LEU I 94 -20.18 3.17 -28.01
C LEU I 94 -18.92 3.49 -28.77
N LYS I 95 -17.92 4.04 -28.08
CA LYS I 95 -16.64 4.37 -28.68
C LYS I 95 -15.76 3.14 -28.89
N ALA I 96 -15.12 3.05 -30.03
CA ALA I 96 -14.27 1.90 -30.35
C ALA I 96 -12.97 1.92 -29.54
N LYS I 97 -12.50 0.74 -29.11
CA LYS I 97 -11.33 0.62 -28.21
C LYS I 97 -10.01 1.08 -28.88
N ASN I 98 -9.81 0.73 -30.16
CA ASN I 98 -8.62 1.18 -30.94
C ASN I 98 -9.09 1.92 -32.18
N GLY I 99 -9.97 2.89 -31.94
CA GLY I 99 -10.70 3.51 -33.01
C GLY I 99 -10.90 4.99 -32.85
N ASN I 100 -11.05 5.62 -34.00
CA ASN I 100 -11.45 6.97 -34.11
C ASN I 100 -12.91 6.93 -34.61
N TYR I 101 -13.74 6.06 -34.01
CA TYR I 101 -15.12 5.88 -34.48
C TYR I 101 -16.03 5.31 -33.39
N TYR I 102 -17.33 5.46 -33.64
CA TYR I 102 -18.39 5.09 -32.71
C TYR I 102 -19.19 3.95 -33.34
N GLY I 103 -19.71 3.11 -32.47
CA GLY I 103 -20.64 2.07 -32.92
C GLY I 103 -21.95 2.55 -33.39
N ILE I 104 -22.77 1.56 -33.79
CA ILE I 104 -24.13 1.85 -34.30
C ILE I 104 -25.23 1.25 -33.46
N MET I 105 -26.46 1.82 -33.63
CA MET I 105 -27.64 1.28 -32.98
C MET I 105 -28.23 0.36 -34.09
N ASN I 106 -27.93 -0.91 -33.97
CA ASN I 106 -28.28 -1.90 -35.07
C ASN I 106 -29.42 -2.72 -34.77
N GLN I 107 -30.04 -2.56 -33.64
CA GLN I 107 -31.28 -3.31 -33.39
C GLN I 107 -32.40 -3.09 -34.40
N LYS I 108 -33.21 -4.15 -34.61
CA LYS I 108 -34.45 -4.02 -35.32
C LYS I 108 -35.53 -4.68 -34.49
N VAL I 109 -36.12 -3.92 -33.56
CA VAL I 109 -36.98 -4.45 -32.58
C VAL I 109 -38.30 -3.68 -32.46
N ALA I 110 -39.40 -4.38 -32.34
CA ALA I 110 -40.68 -3.72 -32.05
C ALA I 110 -41.37 -4.47 -30.92
N ILE I 111 -41.83 -3.72 -29.93
CA ILE I 111 -42.43 -4.27 -28.74
C ILE I 111 -43.84 -3.70 -28.63
N ILE I 112 -44.84 -4.56 -28.56
CA ILE I 112 -46.22 -4.17 -28.76
C ILE I 112 -46.92 -4.51 -27.49
N ASP I 113 -47.41 -3.48 -26.78
CA ASP I 113 -48.11 -3.64 -25.50
C ASP I 113 -47.21 -4.48 -24.61
N ASP I 114 -47.72 -5.44 -23.87
CA ASP I 114 -46.84 -6.46 -23.25
C ASP I 114 -46.96 -7.84 -23.83
N LYS I 115 -47.27 -7.85 -25.12
CA LYS I 115 -47.87 -9.00 -25.76
C LYS I 115 -47.02 -9.64 -26.86
N ILE I 116 -46.22 -8.85 -27.59
CA ILE I 116 -45.57 -9.34 -28.81
C ILE I 116 -44.23 -8.63 -28.83
N VAL I 117 -43.17 -9.36 -29.20
CA VAL I 117 -41.93 -8.69 -29.61
C VAL I 117 -41.52 -9.22 -30.98
N PHE I 118 -41.06 -8.32 -31.85
CA PHE I 118 -40.53 -8.70 -33.16
C PHE I 118 -39.03 -8.40 -33.14
N LEU I 119 -38.20 -9.33 -33.59
CA LEU I 119 -36.74 -9.07 -33.71
C LEU I 119 -36.16 -9.92 -34.83
N GLY I 120 -34.92 -9.65 -35.20
CA GLY I 120 -34.27 -10.38 -36.34
C GLY I 120 -33.37 -9.45 -37.11
N SER I 121 -33.23 -9.71 -38.39
CA SER I 121 -32.17 -9.10 -39.19
C SER I 121 -32.67 -7.95 -40.03
N ALA I 122 -33.98 -7.85 -40.17
CA ALA I 122 -34.54 -6.99 -41.24
C ALA I 122 -34.60 -5.54 -40.79
N ASN I 123 -33.96 -4.71 -41.58
CA ASN I 123 -34.20 -3.28 -41.51
C ASN I 123 -35.58 -3.02 -42.07
N TRP I 124 -36.17 -1.91 -41.72
CA TRP I 124 -37.53 -1.59 -42.13
C TRP I 124 -37.50 -0.79 -43.43
N SER I 125 -37.31 -1.56 -44.53
CA SER I 125 -37.09 -0.99 -45.88
C SER I 125 -37.86 -1.87 -46.88
N LYS I 126 -38.17 -1.33 -48.06
CA LYS I 126 -38.68 -2.16 -49.13
C LYS I 126 -37.62 -3.22 -49.46
N ASN I 127 -36.33 -2.90 -49.41
CA ASN I 127 -35.35 -3.92 -49.82
C ASN I 127 -35.44 -5.11 -48.95
N ALA I 128 -35.50 -4.89 -47.64
CA ALA I 128 -35.56 -5.98 -46.71
C ALA I 128 -36.80 -6.88 -46.96
N PHE I 129 -37.95 -6.27 -47.21
CA PHE I 129 -39.19 -7.00 -47.39
C PHE I 129 -39.49 -7.46 -48.83
N GLU I 130 -38.60 -7.10 -49.79
CA GLU I 130 -38.81 -7.47 -51.24
C GLU I 130 -37.66 -8.29 -51.82
N ASN I 131 -36.42 -8.00 -51.44
CA ASN I 131 -35.25 -8.45 -52.18
C ASN I 131 -34.23 -9.22 -51.39
N ASN I 132 -34.23 -9.09 -50.07
CA ASN I 132 -33.15 -9.70 -49.27
C ASN I 132 -33.50 -11.01 -48.63
N TYR I 133 -32.46 -11.79 -48.30
CA TYR I 133 -32.59 -12.85 -47.31
C TYR I 133 -32.57 -12.19 -45.92
N GLU I 134 -33.57 -12.53 -45.10
CA GLU I 134 -33.66 -11.97 -43.74
C GLU I 134 -34.32 -13.02 -42.87
N VAL I 135 -34.28 -12.81 -41.57
CA VAL I 135 -35.21 -13.49 -40.68
C VAL I 135 -35.93 -12.47 -39.83
N LEU I 136 -37.19 -12.78 -39.55
CA LEU I 136 -37.99 -11.93 -38.64
C LEU I 136 -38.62 -12.87 -37.64
N LEU I 137 -38.38 -12.67 -36.38
CA LEU I 137 -39.07 -13.51 -35.39
C LEU I 137 -40.13 -12.74 -34.64
N LYS I 138 -41.36 -13.25 -34.59
CA LYS I 138 -42.39 -12.73 -33.65
C LYS I 138 -42.52 -13.69 -32.51
N THR I 139 -42.55 -13.21 -31.29
CA THR I 139 -42.82 -14.08 -30.16
C THR I 139 -43.74 -13.43 -29.14
N ASP I 140 -44.56 -14.25 -28.49
CA ASP I 140 -45.41 -13.79 -27.38
C ASP I 140 -44.76 -14.25 -26.08
N ASP I 141 -43.51 -14.73 -26.10
CA ASP I 141 -42.84 -15.23 -24.89
C ASP I 141 -42.77 -14.08 -23.90
N THR I 142 -43.42 -14.18 -22.74
CA THR I 142 -43.33 -13.05 -21.79
C THR I 142 -41.92 -12.79 -21.17
N GLU I 143 -41.05 -13.79 -20.94
CA GLU I 143 -39.68 -13.49 -20.43
C GLU I 143 -38.91 -12.66 -21.43
N THR I 144 -39.07 -12.98 -22.71
CA THR I 144 -38.44 -12.19 -23.81
C THR I 144 -38.99 -10.73 -23.82
N ILE I 145 -40.30 -10.62 -23.75
CA ILE I 145 -41.00 -9.31 -23.85
C ILE I 145 -40.59 -8.43 -22.68
N LEU I 146 -40.64 -8.98 -21.47
CA LEU I 146 -40.32 -8.22 -20.25
C LEU I 146 -38.87 -7.77 -20.25
N LYS I 147 -37.96 -8.60 -20.74
CA LYS I 147 -36.54 -8.20 -20.79
C LYS I 147 -36.27 -7.09 -21.85
N ALA I 148 -36.95 -7.22 -23.01
CA ALA I 148 -36.76 -6.30 -24.05
C ALA I 148 -37.27 -4.96 -23.52
N LYS I 149 -38.42 -4.99 -22.83
CA LYS I 149 -39.03 -3.75 -22.30
C LYS I 149 -38.09 -3.09 -21.31
N SER I 150 -37.49 -3.93 -20.44
CA SER I 150 -36.53 -3.47 -19.42
C SER I 150 -35.36 -2.76 -20.02
N TYR I 151 -34.81 -3.35 -21.04
CA TYR I 151 -33.64 -2.75 -21.69
C TYR I 151 -34.01 -1.57 -22.60
N TYR I 152 -35.23 -1.58 -23.15
CA TYR I 152 -35.68 -0.44 -23.96
C TYR I 152 -35.72 0.85 -23.06
N GLN I 153 -36.24 0.70 -21.85
CA GLN I 153 -36.28 1.86 -20.91
C GLN I 153 -34.86 2.41 -20.65
N LYS I 154 -33.93 1.49 -20.60
CA LYS I 154 -32.53 1.80 -20.34
C LYS I 154 -31.99 2.55 -21.49
N MET I 155 -32.23 2.06 -22.70
CA MET I 155 -31.72 2.73 -23.91
C MET I 155 -32.31 4.16 -24.06
N LEU I 156 -33.56 4.37 -23.65
CA LEU I 156 -34.17 5.71 -23.92
C LEU I 156 -33.38 6.82 -23.19
N GLU I 157 -32.85 6.46 -22.05
CA GLU I 157 -32.01 7.42 -21.22
C GLU I 157 -30.69 7.87 -21.87
N SER I 158 -30.19 7.15 -22.88
CA SER I 158 -29.02 7.59 -23.67
C SER I 158 -29.33 8.18 -25.05
N CYS I 159 -30.59 8.06 -25.51
CA CYS I 159 -30.90 8.56 -26.82
CA CYS I 159 -30.95 8.59 -26.80
C CYS I 159 -31.00 10.09 -26.69
N VAL I 160 -30.80 10.72 -27.82
CA VAL I 160 -30.71 12.19 -27.97
C VAL I 160 -31.71 12.65 -28.99
N GLY I 161 -32.08 13.93 -28.92
CA GLY I 161 -33.22 14.42 -29.68
C GLY I 161 -33.06 14.50 -31.20
N PHE I 162 -34.17 14.41 -31.93
CA PHE I 162 -34.11 14.68 -33.37
C PHE I 162 -34.17 16.17 -33.59
N GLU J 4 -39.35 -28.85 -22.25
CA GLU J 4 -39.21 -27.45 -21.80
C GLU J 4 -38.35 -26.78 -22.90
N PHE J 5 -38.76 -25.57 -23.24
CA PHE J 5 -38.20 -24.84 -24.37
C PHE J 5 -38.01 -23.44 -23.84
N LYS J 6 -36.97 -22.78 -24.34
CA LYS J 6 -36.56 -21.50 -23.75
C LYS J 6 -36.12 -20.59 -24.91
N ASN J 7 -36.57 -19.33 -24.91
CA ASN J 7 -35.92 -18.25 -25.65
C ASN J 7 -34.96 -17.61 -24.70
N SER J 8 -33.77 -17.30 -25.15
CA SER J 8 -32.83 -16.49 -24.31
C SER J 8 -32.44 -15.23 -25.10
N LEU J 9 -32.85 -14.06 -24.61
CA LEU J 9 -32.54 -12.78 -25.25
C LEU J 9 -31.36 -12.18 -24.62
N PHE J 10 -30.42 -11.72 -25.47
CA PHE J 10 -29.30 -10.92 -24.99
C PHE J 10 -29.42 -9.55 -25.61
N VAL J 11 -29.35 -8.48 -24.79
CA VAL J 11 -29.35 -7.15 -25.27
C VAL J 11 -27.91 -6.58 -25.20
N LEU J 12 -27.38 -6.20 -26.36
CA LEU J 12 -26.07 -5.55 -26.47
C LEU J 12 -26.20 -4.04 -26.52
N PRO J 13 -25.24 -3.27 -26.06
CA PRO J 13 -23.90 -3.75 -25.50
C PRO J 13 -23.87 -4.31 -24.03
N TYR J 14 -24.94 -4.05 -23.29
CA TYR J 14 -25.05 -4.45 -21.88
C TYR J 14 -24.68 -5.94 -21.66
N GLU J 15 -25.16 -6.85 -22.52
CA GLU J 15 -24.93 -8.28 -22.33
C GLU J 15 -23.99 -8.80 -23.42
N GLN J 16 -23.06 -7.99 -23.88
CA GLN J 16 -22.28 -8.37 -25.07
C GLN J 16 -21.34 -9.51 -24.79
N ARG J 17 -20.80 -9.58 -23.58
CA ARG J 17 -19.96 -10.72 -23.24
C ARG J 17 -20.77 -11.96 -23.16
N ASP J 18 -21.93 -11.91 -22.51
CA ASP J 18 -22.76 -13.08 -22.44
C ASP J 18 -23.22 -13.58 -23.79
N ALA J 19 -23.55 -12.64 -24.67
CA ALA J 19 -24.05 -12.98 -25.99
C ALA J 19 -22.89 -13.64 -26.79
N LEU J 20 -21.67 -13.12 -26.67
CA LEU J 20 -20.56 -13.69 -27.41
C LEU J 20 -20.31 -15.12 -26.90
N ASN J 21 -20.36 -15.31 -25.59
CA ASN J 21 -20.03 -16.59 -24.96
CA ASN J 21 -20.01 -16.61 -25.01
C ASN J 21 -21.11 -17.63 -25.30
N SER J 22 -22.37 -17.19 -25.32
CA SER J 22 -23.48 -18.06 -25.74
C SER J 22 -23.27 -18.64 -27.14
N LEU J 23 -22.92 -17.74 -28.09
CA LEU J 23 -22.68 -18.12 -29.50
C LEU J 23 -21.43 -19.01 -29.67
N ILE J 24 -20.35 -18.61 -29.02
CA ILE J 24 -19.15 -19.41 -29.00
C ILE J 24 -19.31 -20.81 -28.39
N SER J 25 -20.04 -20.96 -27.27
CA SER J 25 -20.32 -22.23 -26.59
CA SER J 25 -20.24 -22.27 -26.64
C SER J 25 -21.21 -23.08 -27.45
N GLY J 26 -22.17 -22.40 -28.07
CA GLY J 26 -23.11 -23.06 -28.92
C GLY J 26 -22.38 -23.71 -30.07
N ILE J 27 -21.54 -22.93 -30.75
CA ILE J 27 -20.70 -23.42 -31.87
C ILE J 27 -19.72 -24.50 -31.37
N SER J 28 -18.93 -24.14 -30.35
CA SER J 28 -17.88 -25.02 -29.77
C SER J 28 -18.33 -26.33 -29.22
N SER J 29 -19.57 -26.46 -28.83
CA SER J 29 -20.03 -27.74 -28.26
C SER J 29 -20.97 -28.52 -29.18
N ALA J 30 -21.08 -28.16 -30.45
CA ALA J 30 -21.93 -28.85 -31.41
C ALA J 30 -21.40 -30.28 -31.57
N ARG J 31 -22.31 -31.18 -31.83
CA ARG J 31 -21.96 -32.63 -31.97
C ARG J 31 -22.25 -33.19 -33.32
N GLU J 32 -22.92 -32.45 -34.17
CA GLU J 32 -23.34 -32.97 -35.45
C GLU J 32 -22.98 -31.96 -36.53
N SER J 33 -23.48 -30.73 -36.40
CA SER J 33 -23.34 -29.76 -37.46
C SER J 33 -23.53 -28.33 -37.00
N VAL J 34 -22.96 -27.43 -37.78
CA VAL J 34 -23.10 -26.00 -37.52
C VAL J 34 -23.45 -25.38 -38.86
N LYS J 35 -24.61 -24.75 -38.97
CA LYS J 35 -25.09 -24.21 -40.24
C LYS J 35 -25.25 -22.69 -40.03
N ILE J 36 -24.51 -21.91 -40.77
CA ILE J 36 -24.46 -20.47 -40.51
C ILE J 36 -24.85 -19.72 -41.78
N ALA J 37 -25.64 -18.67 -41.62
CA ALA J 37 -25.94 -17.73 -42.69
C ALA J 37 -25.58 -16.36 -42.09
N ILE J 38 -24.64 -15.68 -42.71
CA ILE J 38 -24.06 -14.50 -42.09
C ILE J 38 -23.77 -13.45 -43.15
N TYR J 39 -24.16 -12.21 -42.84
CA TYR J 39 -23.96 -11.12 -43.79
C TYR J 39 -22.46 -10.72 -43.79
N SER J 40 -21.94 -10.38 -42.59
CA SER J 40 -20.57 -9.92 -42.37
C SER J 40 -19.99 -10.72 -41.23
N PHE J 41 -18.80 -11.30 -41.44
CA PHE J 41 -18.20 -12.20 -40.50
C PHE J 41 -16.66 -12.05 -40.56
N THR J 42 -16.20 -11.15 -39.71
CA THR J 42 -14.79 -10.74 -39.59
C THR J 42 -14.22 -11.15 -38.23
N HIS J 43 -15.03 -11.63 -37.27
CA HIS J 43 -14.62 -11.86 -35.86
C HIS J 43 -13.77 -13.13 -35.75
N ARG J 44 -12.46 -12.93 -35.57
CA ARG J 44 -11.50 -14.03 -35.55
C ARG J 44 -11.69 -15.03 -34.41
N ASP J 45 -12.11 -14.58 -33.23
CA ASP J 45 -12.53 -15.49 -32.16
C ASP J 45 -13.80 -16.34 -32.46
N ILE J 46 -14.74 -15.83 -33.27
CA ILE J 46 -15.82 -16.69 -33.68
C ILE J 46 -15.29 -17.74 -34.71
N ALA J 47 -14.47 -17.27 -35.65
CA ALA J 47 -13.83 -18.13 -36.58
C ALA J 47 -12.95 -19.20 -35.88
N ARG J 48 -12.24 -18.84 -34.83
CA ARG J 48 -11.47 -19.85 -34.07
C ARG J 48 -12.35 -20.91 -33.46
N ALA J 49 -13.48 -20.52 -32.89
CA ALA J 49 -14.41 -21.51 -32.37
C ALA J 49 -14.87 -22.46 -33.48
N ILE J 50 -15.17 -21.91 -34.66
CA ILE J 50 -15.58 -22.75 -35.80
C ILE J 50 -14.41 -23.72 -36.07
N LYS J 51 -13.20 -23.18 -36.18
CA LYS J 51 -11.99 -24.05 -36.46
C LYS J 51 -11.86 -25.18 -35.44
N SER J 52 -12.02 -24.82 -34.18
CA SER J 52 -11.95 -25.79 -33.07
C SER J 52 -12.97 -26.94 -33.19
N VAL J 53 -14.23 -26.61 -33.50
CA VAL J 53 -15.25 -27.65 -33.66
C VAL J 53 -15.09 -28.43 -34.99
N ALA J 54 -14.67 -27.76 -36.06
CA ALA J 54 -14.47 -28.47 -37.32
C ALA J 54 -13.30 -29.46 -37.14
N SER J 55 -12.39 -29.12 -36.26
CA SER J 55 -11.23 -29.99 -35.92
C SER J 55 -11.54 -31.18 -35.06
N ARG J 56 -12.68 -31.12 -34.32
CA ARG J 56 -13.23 -32.33 -33.70
C ARG J 56 -14.04 -33.18 -34.67
N GLY J 57 -14.15 -32.75 -35.94
CA GLY J 57 -14.89 -33.48 -36.97
C GLY J 57 -16.34 -33.05 -37.30
N ILE J 58 -16.84 -31.98 -36.67
CA ILE J 58 -18.14 -31.45 -36.96
C ILE J 58 -18.18 -30.78 -38.36
N LYS J 59 -19.30 -30.93 -39.03
CA LYS J 59 -19.51 -30.37 -40.36
C LYS J 59 -20.07 -28.94 -40.25
N VAL J 60 -19.33 -27.98 -40.76
CA VAL J 60 -19.71 -26.59 -40.73
C VAL J 60 -20.04 -26.18 -42.14
N GLN J 61 -21.19 -25.56 -42.31
CA GLN J 61 -21.55 -24.84 -43.51
C GLN J 61 -21.73 -23.37 -43.24
N ILE J 62 -21.23 -22.55 -44.14
CA ILE J 62 -21.38 -21.14 -44.00
C ILE J 62 -21.81 -20.48 -45.28
N ILE J 63 -22.93 -19.75 -45.24
CA ILE J 63 -23.39 -18.99 -46.34
C ILE J 63 -23.09 -17.51 -46.01
N TYR J 64 -22.34 -16.83 -46.88
CA TYR J 64 -21.92 -15.47 -46.70
C TYR J 64 -22.62 -14.64 -47.78
N ASP J 65 -22.91 -13.42 -47.43
CA ASP J 65 -23.42 -12.47 -48.38
C ASP J 65 -22.41 -12.36 -49.52
N TYR J 66 -22.91 -12.32 -50.73
CA TYR J 66 -21.99 -12.28 -51.88
C TYR J 66 -21.23 -10.95 -51.99
N GLU J 67 -21.93 -9.83 -51.95
CA GLU J 67 -21.25 -8.52 -52.18
C GLU J 67 -20.21 -8.21 -51.13
N SER J 68 -20.51 -8.59 -49.89
CA SER J 68 -19.68 -8.40 -48.72
C SER J 68 -18.48 -9.27 -48.64
N ASN J 69 -18.54 -10.45 -49.24
CA ASN J 69 -17.53 -11.46 -48.99
C ASN J 69 -16.82 -12.01 -50.22
N HIS J 70 -17.18 -11.55 -51.41
CA HIS J 70 -16.57 -12.29 -52.54
C HIS J 70 -15.13 -11.87 -52.76
N ASN J 71 -14.77 -10.65 -52.33
CA ASN J 71 -13.44 -10.05 -52.50
C ASN J 71 -13.21 -9.18 -51.28
N ASN J 72 -12.97 -9.79 -50.13
CA ASN J 72 -12.87 -9.03 -48.92
C ASN J 72 -11.81 -9.66 -48.05
N LYS J 73 -10.73 -8.92 -47.89
CA LYS J 73 -9.59 -9.41 -47.14
C LYS J 73 -9.92 -9.53 -45.65
N GLN J 74 -10.90 -8.74 -45.14
CA GLN J 74 -11.36 -8.80 -43.73
C GLN J 74 -12.32 -9.98 -43.46
N SER J 75 -12.90 -10.59 -44.48
CA SER J 75 -13.85 -11.68 -44.30
C SER J 75 -13.14 -12.96 -43.97
N THR J 76 -13.67 -13.71 -43.00
CA THR J 76 -13.20 -15.05 -42.65
C THR J 76 -13.32 -16.13 -43.78
N ILE J 77 -13.93 -15.78 -44.92
CA ILE J 77 -14.37 -16.78 -45.90
C ILE J 77 -13.13 -17.47 -46.55
N GLY J 78 -12.11 -16.68 -46.89
CA GLY J 78 -10.84 -17.23 -47.46
C GLY J 78 -10.15 -18.23 -46.52
N TYR J 79 -9.92 -17.73 -45.31
CA TYR J 79 -9.40 -18.41 -44.08
C TYR J 79 -10.16 -19.72 -43.81
N LEU J 80 -11.49 -19.70 -43.86
CA LEU J 80 -12.30 -20.88 -43.64
C LEU J 80 -12.56 -21.85 -44.83
N ASP J 81 -12.46 -21.36 -46.06
CA ASP J 81 -12.83 -22.13 -47.28
C ASP J 81 -12.09 -23.45 -47.39
N LYS J 82 -10.82 -23.38 -47.06
CA LYS J 82 -9.99 -24.57 -47.18
C LYS J 82 -9.90 -25.37 -45.90
N TYR J 83 -10.68 -25.05 -44.88
CA TYR J 83 -10.52 -25.74 -43.61
C TYR J 83 -11.27 -27.00 -43.63
N PRO J 84 -10.74 -28.07 -43.00
CA PRO J 84 -11.44 -29.32 -42.94
C PRO J 84 -12.84 -29.23 -42.38
N ASN J 85 -13.68 -30.00 -43.02
CA ASN J 85 -15.08 -30.19 -42.67
C ASN J 85 -15.87 -28.86 -42.82
N THR J 86 -15.36 -27.90 -43.56
CA THR J 86 -15.98 -26.55 -43.52
C THR J 86 -16.30 -26.24 -44.96
N LYS J 87 -17.59 -26.00 -45.28
CA LYS J 87 -18.01 -25.58 -46.62
C LYS J 87 -18.55 -24.16 -46.63
N VAL J 88 -18.00 -23.32 -47.47
CA VAL J 88 -18.43 -21.92 -47.56
C VAL J 88 -18.99 -21.66 -48.94
N CYS J 89 -19.96 -20.76 -49.02
CA CYS J 89 -20.45 -20.28 -50.30
C CYS J 89 -20.99 -18.84 -50.14
N LEU J 90 -21.36 -18.28 -51.27
CA LEU J 90 -21.85 -16.95 -51.44
C LEU J 90 -23.21 -16.88 -51.95
N LEU J 91 -23.98 -15.94 -51.43
CA LEU J 91 -25.39 -15.82 -51.83
C LEU J 91 -25.77 -14.40 -51.96
N LYS J 92 -26.30 -14.11 -53.14
CA LYS J 92 -26.85 -12.80 -53.32
C LYS J 92 -28.33 -12.87 -53.11
N GLY J 93 -28.94 -11.72 -52.77
CA GLY J 93 -30.36 -11.59 -52.75
C GLY J 93 -31.01 -11.58 -54.14
N LEU J 94 -32.31 -11.33 -54.18
CA LEU J 94 -33.12 -11.37 -55.40
C LEU J 94 -32.95 -10.12 -56.20
N LYS J 95 -33.19 -10.25 -57.52
CA LYS J 95 -33.23 -9.07 -58.37
C LYS J 95 -34.38 -8.17 -57.98
N ALA J 96 -34.15 -6.87 -57.81
CA ALA J 96 -35.16 -5.95 -57.35
C ALA J 96 -36.09 -5.68 -58.56
N LYS J 97 -37.37 -5.40 -58.31
CA LYS J 97 -38.31 -4.99 -59.38
C LYS J 97 -38.13 -3.54 -59.81
N ASN J 98 -37.95 -2.69 -58.80
CA ASN J 98 -37.77 -1.24 -58.97
C ASN J 98 -36.46 -0.75 -59.64
N GLY J 99 -35.53 -1.64 -60.01
CA GLY J 99 -34.18 -1.18 -60.25
C GLY J 99 -33.25 -2.32 -60.55
N ASN J 100 -32.13 -1.98 -61.16
CA ASN J 100 -31.22 -2.96 -61.69
C ASN J 100 -30.15 -3.33 -60.64
N TYR J 101 -30.60 -3.77 -59.45
CA TYR J 101 -29.71 -4.21 -58.41
C TYR J 101 -30.27 -5.45 -57.73
N TYR J 102 -29.35 -6.20 -57.11
CA TYR J 102 -29.68 -7.39 -56.33
C TYR J 102 -29.72 -7.08 -54.85
N GLY J 103 -30.61 -7.77 -54.10
CA GLY J 103 -30.65 -7.66 -52.67
C GLY J 103 -29.46 -8.34 -52.06
N ILE J 104 -29.47 -8.35 -50.74
CA ILE J 104 -28.36 -8.93 -49.99
C ILE J 104 -28.81 -10.08 -49.19
N MET J 105 -27.86 -10.92 -48.80
CA MET J 105 -28.12 -11.95 -47.81
C MET J 105 -27.78 -11.34 -46.44
N ASN J 106 -28.82 -10.83 -45.76
CA ASN J 106 -28.67 -10.11 -44.52
C ASN J 106 -28.87 -10.92 -43.22
N GLN J 107 -29.11 -12.22 -43.32
CA GLN J 107 -29.34 -13.01 -42.10
C GLN J 107 -28.08 -13.03 -41.23
N LYS J 108 -28.23 -13.29 -39.92
CA LYS J 108 -27.16 -13.54 -38.99
C LYS J 108 -27.69 -14.67 -38.18
N VAL J 109 -27.42 -15.88 -38.66
CA VAL J 109 -28.12 -17.04 -38.15
C VAL J 109 -27.11 -18.14 -37.95
N ALA J 110 -27.20 -18.81 -36.78
CA ALA J 110 -26.48 -20.06 -36.58
C ALA J 110 -27.43 -21.14 -36.11
N ILE J 111 -27.33 -22.33 -36.74
CA ILE J 111 -28.19 -23.47 -36.41
C ILE J 111 -27.26 -24.58 -35.93
N ILE J 112 -27.45 -25.04 -34.70
CA ILE J 112 -26.51 -26.03 -34.09
C ILE J 112 -27.25 -27.34 -34.00
N ASP J 113 -26.74 -28.38 -34.66
CA ASP J 113 -27.33 -29.73 -34.53
C ASP J 113 -28.82 -29.61 -34.84
N ASP J 114 -29.72 -30.26 -34.09
CA ASP J 114 -31.12 -29.94 -34.22
C ASP J 114 -31.58 -29.22 -32.96
N LYS J 115 -30.65 -28.54 -32.29
CA LYS J 115 -30.72 -28.24 -30.84
C LYS J 115 -30.90 -26.77 -30.53
N ILE J 116 -30.24 -25.91 -31.34
CA ILE J 116 -30.24 -24.48 -31.05
C ILE J 116 -30.37 -23.64 -32.31
N VAL J 117 -31.11 -22.51 -32.27
CA VAL J 117 -30.99 -21.52 -33.37
C VAL J 117 -30.63 -20.23 -32.71
N PHE J 118 -29.66 -19.52 -33.28
CA PHE J 118 -29.26 -18.16 -32.88
C PHE J 118 -29.68 -17.24 -34.03
N LEU J 119 -30.34 -16.12 -33.68
CA LEU J 119 -30.72 -15.14 -34.67
C LEU J 119 -30.69 -13.77 -33.99
N GLY J 120 -30.88 -12.71 -34.78
CA GLY J 120 -30.70 -11.40 -34.18
C GLY J 120 -30.20 -10.38 -35.16
N SER J 121 -29.78 -9.25 -34.60
CA SER J 121 -29.28 -8.14 -35.46
C SER J 121 -27.78 -8.10 -35.64
N ALA J 122 -27.03 -8.90 -34.92
CA ALA J 122 -25.54 -8.76 -34.81
C ALA J 122 -24.77 -9.43 -35.91
N ASN J 123 -24.14 -8.66 -36.78
CA ASN J 123 -23.15 -9.24 -37.62
C ASN J 123 -22.01 -9.86 -36.76
N TRP J 124 -21.17 -10.73 -37.35
CA TRP J 124 -20.17 -11.45 -36.55
C TRP J 124 -18.83 -10.71 -36.65
N SER J 125 -18.77 -9.63 -35.87
CA SER J 125 -17.67 -8.70 -35.94
C SER J 125 -17.39 -8.18 -34.55
N LYS J 126 -16.18 -7.68 -34.39
CA LYS J 126 -15.84 -7.00 -33.16
C LYS J 126 -16.75 -5.75 -32.90
N ASN J 127 -17.07 -4.96 -33.94
CA ASN J 127 -17.96 -3.82 -33.77
CA ASN J 127 -17.93 -3.78 -33.78
C ASN J 127 -19.27 -4.24 -33.15
N ALA J 128 -19.84 -5.33 -33.66
CA ALA J 128 -21.11 -5.82 -33.11
C ALA J 128 -21.03 -6.16 -31.62
N PHE J 129 -19.99 -6.91 -31.23
CA PHE J 129 -19.87 -7.49 -29.90
C PHE J 129 -19.19 -6.55 -28.91
N GLU J 130 -18.62 -5.48 -29.39
CA GLU J 130 -17.97 -4.45 -28.53
C GLU J 130 -18.66 -3.17 -28.54
N ASN J 131 -19.07 -2.66 -29.72
CA ASN J 131 -19.50 -1.25 -29.81
C ASN J 131 -21.00 -0.95 -30.06
N ASN J 132 -21.73 -1.95 -30.48
CA ASN J 132 -23.07 -1.71 -30.93
C ASN J 132 -24.16 -2.02 -29.96
N TYR J 133 -25.30 -1.37 -30.19
CA TYR J 133 -26.55 -1.90 -29.69
C TYR J 133 -27.01 -3.00 -30.65
N GLU J 134 -27.38 -4.14 -30.12
CA GLU J 134 -27.77 -5.31 -30.91
C GLU J 134 -28.69 -6.12 -30.08
N VAL J 135 -29.32 -7.12 -30.70
CA VAL J 135 -30.04 -8.15 -29.97
C VAL J 135 -29.64 -9.46 -30.54
N LEU J 136 -29.48 -10.45 -29.66
CA LEU J 136 -29.12 -11.80 -30.10
C LEU J 136 -30.10 -12.74 -29.35
N LEU J 137 -30.83 -13.57 -30.08
CA LEU J 137 -31.75 -14.47 -29.47
C LEU J 137 -31.30 -15.92 -29.72
N LYS J 138 -31.24 -16.66 -28.64
CA LYS J 138 -30.96 -18.12 -28.66
C LYS J 138 -32.27 -18.87 -28.38
N THR J 139 -32.66 -19.85 -29.20
CA THR J 139 -33.83 -20.63 -28.85
C THR J 139 -33.52 -22.09 -29.07
N ASP J 140 -34.05 -22.90 -28.17
CA ASP J 140 -34.09 -24.36 -28.38
C ASP J 140 -35.48 -24.86 -28.84
N ASP J 141 -36.35 -23.94 -29.28
CA ASP J 141 -37.66 -24.22 -29.72
C ASP J 141 -37.61 -25.11 -31.01
N THR J 142 -37.99 -26.40 -30.89
CA THR J 142 -37.89 -27.35 -32.00
C THR J 142 -38.66 -26.87 -33.26
N GLU J 143 -39.76 -26.16 -33.10
CA GLU J 143 -40.50 -25.66 -34.26
C GLU J 143 -39.70 -24.60 -35.05
N THR J 144 -39.11 -23.67 -34.30
CA THR J 144 -38.30 -22.62 -34.90
C THR J 144 -37.09 -23.27 -35.63
N ILE J 145 -36.43 -24.21 -34.97
CA ILE J 145 -35.30 -24.97 -35.52
C ILE J 145 -35.62 -25.69 -36.80
N LEU J 146 -36.71 -26.46 -36.81
CA LEU J 146 -37.13 -27.19 -37.99
C LEU J 146 -37.39 -26.25 -39.17
N LYS J 147 -38.05 -25.11 -38.92
CA LYS J 147 -38.28 -24.18 -39.99
C LYS J 147 -36.93 -23.57 -40.49
N ALA J 148 -36.07 -23.20 -39.54
CA ALA J 148 -34.79 -22.61 -39.88
C ALA J 148 -33.97 -23.59 -40.73
N LYS J 149 -33.99 -24.86 -40.33
CA LYS J 149 -33.23 -25.91 -41.03
C LYS J 149 -33.74 -26.16 -42.40
N SER J 150 -35.05 -26.23 -42.54
CA SER J 150 -35.71 -26.37 -43.84
C SER J 150 -35.37 -25.24 -44.82
N TYR J 151 -35.46 -24.00 -44.34
CA TYR J 151 -35.14 -22.89 -45.27
C TYR J 151 -33.64 -22.74 -45.59
N TYR J 152 -32.82 -23.19 -44.68
CA TYR J 152 -31.34 -23.12 -44.83
C TYR J 152 -30.96 -24.00 -46.05
N GLN J 153 -31.56 -25.18 -46.11
CA GLN J 153 -31.30 -26.13 -47.23
C GLN J 153 -31.80 -25.51 -48.52
N LYS J 154 -32.91 -24.77 -48.46
CA LYS J 154 -33.39 -24.11 -49.62
C LYS J 154 -32.40 -23.12 -50.04
N MET J 155 -31.99 -22.22 -49.10
CA MET J 155 -31.02 -21.21 -49.49
C MET J 155 -29.74 -21.73 -50.14
N LEU J 156 -29.26 -22.83 -49.64
CA LEU J 156 -28.07 -23.49 -50.21
C LEU J 156 -28.15 -23.78 -51.69
N GLU J 157 -29.34 -23.98 -52.17
CA GLU J 157 -29.61 -24.16 -53.60
C GLU J 157 -29.16 -23.05 -54.49
N SER J 158 -29.21 -21.83 -53.94
CA SER J 158 -29.00 -20.62 -54.75
C SER J 158 -27.56 -20.15 -54.50
N CYS J 159 -26.84 -20.74 -53.57
CA CYS J 159 -25.49 -20.23 -53.27
CA CYS J 159 -25.49 -20.30 -53.25
C CYS J 159 -24.49 -20.75 -54.30
N VAL J 160 -23.36 -20.06 -54.35
CA VAL J 160 -22.24 -20.37 -55.30
C VAL J 160 -20.91 -20.48 -54.57
N GLY J 161 -20.02 -21.32 -55.09
CA GLY J 161 -18.70 -21.57 -54.47
C GLY J 161 -17.84 -20.33 -54.33
N PHE J 162 -16.94 -20.34 -53.36
CA PHE J 162 -16.01 -19.21 -53.23
C PHE J 162 -14.88 -19.35 -54.23
N GLU K 4 30.80 -4.44 2.83
CA GLU K 4 29.91 -4.56 4.04
C GLU K 4 29.47 -6.02 4.30
N PHE K 5 28.88 -6.30 5.48
CA PHE K 5 28.45 -7.66 5.81
C PHE K 5 27.30 -8.20 4.90
N LYS K 6 27.29 -9.51 4.75
CA LYS K 6 26.21 -10.22 4.17
C LYS K 6 25.38 -10.95 5.22
N ASN K 7 24.09 -10.58 5.31
CA ASN K 7 23.08 -11.39 5.98
C ASN K 7 22.29 -12.23 4.98
N SER K 8 22.07 -13.48 5.30
CA SER K 8 21.18 -14.40 4.56
C SER K 8 20.10 -14.91 5.48
N LEU K 9 18.86 -14.51 5.20
CA LEU K 9 17.70 -14.92 5.95
C LEU K 9 16.99 -15.98 5.20
N PHE K 10 16.63 -17.06 5.89
CA PHE K 10 15.71 -18.09 5.35
C PHE K 10 14.44 -18.10 6.19
N VAL K 11 13.28 -18.05 5.53
CA VAL K 11 12.02 -18.14 6.21
C VAL K 11 11.46 -19.55 5.89
N LEU K 12 11.24 -20.31 6.96
CA LEU K 12 10.65 -21.59 6.98
C LEU K 12 9.16 -21.48 7.21
N PRO K 13 8.36 -22.36 6.60
CA PRO K 13 8.77 -23.54 5.89
C PRO K 13 9.16 -23.34 4.48
N TYR K 14 8.89 -22.15 3.92
CA TYR K 14 8.99 -21.93 2.50
C TYR K 14 10.41 -22.20 1.95
N GLU K 15 11.37 -21.76 2.73
CA GLU K 15 12.78 -22.05 2.44
C GLU K 15 13.45 -23.11 3.34
N GLN K 16 12.71 -24.11 3.82
CA GLN K 16 13.27 -25.14 4.72
C GLN K 16 14.41 -25.93 4.10
N ARG K 17 14.36 -26.17 2.79
CA ARG K 17 15.40 -26.96 2.16
C ARG K 17 16.67 -26.15 2.04
N ASP K 18 16.55 -24.97 1.48
CA ASP K 18 17.70 -24.05 1.45
C ASP K 18 18.33 -23.79 2.82
N ALA K 19 17.49 -23.65 3.85
CA ALA K 19 17.99 -23.34 5.20
C ALA K 19 18.76 -24.52 5.78
N LEU K 20 18.20 -25.72 5.63
CA LEU K 20 18.90 -26.91 6.08
C LEU K 20 20.22 -27.07 5.32
N ASN K 21 20.21 -26.87 4.01
CA ASN K 21 21.45 -27.02 3.19
C ASN K 21 22.54 -26.02 3.58
N SER K 22 22.11 -24.80 3.87
CA SER K 22 22.99 -23.75 4.32
C SER K 22 23.70 -24.11 5.57
N LEU K 23 22.91 -24.58 6.56
CA LEU K 23 23.44 -25.00 7.88
C LEU K 23 24.37 -26.17 7.78
N ILE K 24 23.96 -27.17 6.99
CA ILE K 24 24.72 -28.42 6.76
C ILE K 24 26.04 -28.13 6.02
N SER K 25 25.98 -27.29 5.00
CA SER K 25 27.22 -26.91 4.30
C SER K 25 28.20 -26.04 5.14
N GLY K 26 27.67 -25.10 5.89
CA GLY K 26 28.46 -24.31 6.82
C GLY K 26 29.14 -25.24 7.79
N ILE K 27 28.42 -26.18 8.40
CA ILE K 27 29.06 -27.15 9.34
C ILE K 27 30.09 -28.02 8.59
N SER K 28 29.69 -28.56 7.45
CA SER K 28 30.49 -29.55 6.73
C SER K 28 31.80 -29.04 6.24
N SER K 29 31.85 -27.78 5.86
CA SER K 29 33.07 -27.24 5.24
C SER K 29 33.85 -26.32 6.21
N ALA K 30 33.59 -26.40 7.53
CA ALA K 30 34.41 -25.72 8.49
C ALA K 30 35.84 -26.21 8.38
N ARG K 31 36.77 -25.32 8.67
CA ARG K 31 38.21 -25.65 8.60
C ARG K 31 38.87 -25.67 9.92
N GLU K 32 38.28 -25.13 10.97
CA GLU K 32 38.94 -25.12 12.27
C GLU K 32 38.05 -25.59 13.36
N SER K 33 36.90 -24.90 13.50
CA SER K 33 36.09 -25.08 14.70
C SER K 33 34.60 -24.90 14.37
N VAL K 34 33.77 -25.62 15.09
CA VAL K 34 32.35 -25.46 15.02
C VAL K 34 31.89 -25.37 16.49
N LYS K 35 31.32 -24.23 16.85
CA LYS K 35 30.81 -23.98 18.20
C LYS K 35 29.28 -23.81 18.16
N ILE K 36 28.58 -24.63 18.91
CA ILE K 36 27.15 -24.73 18.88
C ILE K 36 26.57 -24.61 20.25
N ALA K 37 25.44 -23.86 20.32
CA ALA K 37 24.65 -23.84 21.55
C ALA K 37 23.24 -24.12 21.04
N ILE K 38 22.66 -25.18 21.59
CA ILE K 38 21.42 -25.71 20.98
C ILE K 38 20.53 -26.24 22.05
N TYR K 39 19.24 -25.90 21.92
CA TYR K 39 18.25 -26.31 22.93
C TYR K 39 17.91 -27.76 22.73
N SER K 40 17.42 -28.08 21.54
CA SER K 40 16.98 -29.44 21.14
C SER K 40 17.68 -29.77 19.88
N PHE K 41 18.29 -30.95 19.83
CA PHE K 41 19.04 -31.34 18.67
C PHE K 41 18.88 -32.86 18.47
N THR K 42 17.87 -33.22 17.69
CA THR K 42 17.60 -34.63 17.37
C THR K 42 17.81 -34.98 15.87
N HIS K 43 18.07 -33.97 15.02
CA HIS K 43 18.16 -34.11 13.59
C HIS K 43 19.37 -34.91 13.14
N ARG K 44 19.13 -36.09 12.59
CA ARG K 44 20.20 -37.02 12.29
C ARG K 44 21.07 -36.59 11.11
N ASP K 45 20.52 -35.89 10.13
CA ASP K 45 21.35 -35.39 9.01
C ASP K 45 22.27 -34.22 9.44
N ILE K 46 21.85 -33.39 10.40
CA ILE K 46 22.75 -32.40 10.94
C ILE K 46 23.82 -33.07 11.84
N ALA K 47 23.45 -34.08 12.63
CA ALA K 47 24.45 -34.78 13.45
C ALA K 47 25.50 -35.46 12.54
N ARG K 48 25.05 -36.00 11.42
CA ARG K 48 25.98 -36.61 10.46
C ARG K 48 26.97 -35.66 9.86
N ALA K 49 26.52 -34.47 9.49
CA ALA K 49 27.41 -33.40 9.09
C ALA K 49 28.48 -33.01 10.16
N ILE K 50 28.09 -32.99 11.44
CA ILE K 50 29.06 -32.79 12.55
C ILE K 50 30.05 -33.95 12.61
N LYS K 51 29.57 -35.20 12.51
CA LYS K 51 30.45 -36.39 12.44
C LYS K 51 31.44 -36.31 11.30
N SER K 52 30.93 -36.03 10.12
CA SER K 52 31.82 -35.84 8.97
C SER K 52 32.92 -34.77 9.18
N VAL K 53 32.57 -33.61 9.73
CA VAL K 53 33.58 -32.57 9.89
C VAL K 53 34.60 -32.94 11.02
N ALA K 54 34.11 -33.58 12.07
CA ALA K 54 34.92 -33.91 13.21
C ALA K 54 35.91 -34.97 12.75
N SER K 55 35.45 -35.82 11.82
CA SER K 55 36.27 -36.86 11.18
C SER K 55 37.42 -36.29 10.41
N ARG K 56 37.33 -35.04 9.93
CA ARG K 56 38.51 -34.31 9.35
C ARG K 56 39.43 -33.59 10.35
N GLY K 57 39.23 -33.74 11.67
CA GLY K 57 40.08 -33.12 12.65
C GLY K 57 39.58 -31.80 13.15
N ILE K 58 38.38 -31.37 12.69
CA ILE K 58 37.75 -30.12 13.15
C ILE K 58 37.27 -30.27 14.60
N LYS K 59 37.51 -29.28 15.39
CA LYS K 59 37.13 -29.32 16.80
C LYS K 59 35.67 -28.84 16.94
N VAL K 60 34.80 -29.68 17.47
CA VAL K 60 33.39 -29.33 17.65
C VAL K 60 33.06 -29.22 19.13
N GLN K 61 32.33 -28.17 19.53
CA GLN K 61 31.86 -28.06 20.90
C GLN K 61 30.37 -27.84 20.81
N ILE K 62 29.63 -28.50 21.68
CA ILE K 62 28.20 -28.38 21.71
C ILE K 62 27.72 -28.18 23.11
N ILE K 63 27.06 -27.07 23.34
CA ILE K 63 26.39 -26.79 24.57
C ILE K 63 24.95 -27.13 24.36
N TYR K 64 24.41 -28.03 25.18
CA TYR K 64 23.01 -28.48 25.06
C TYR K 64 22.23 -28.00 26.26
N ASP K 65 20.94 -27.73 26.10
CA ASP K 65 20.08 -27.43 27.24
C ASP K 65 20.05 -28.65 28.19
N TYR K 66 20.14 -28.38 29.49
CA TYR K 66 20.22 -29.44 30.51
C TYR K 66 18.95 -30.33 30.56
N GLU K 67 17.82 -29.72 30.79
CA GLU K 67 16.55 -30.49 31.02
C GLU K 67 16.21 -31.28 29.75
N SER K 68 16.35 -30.62 28.59
CA SER K 68 15.99 -31.25 27.32
C SER K 68 16.93 -32.44 26.95
N ASN K 69 18.16 -32.46 27.42
CA ASN K 69 19.14 -33.41 26.88
C ASN K 69 19.85 -34.31 27.92
N HIS K 70 19.66 -34.08 29.22
CA HIS K 70 20.56 -34.82 30.20
C HIS K 70 20.27 -36.36 30.28
N ASN K 71 19.04 -36.74 29.96
CA ASN K 71 18.63 -38.16 29.82
C ASN K 71 17.56 -38.34 28.72
N ASN K 72 17.95 -38.27 27.44
CA ASN K 72 16.99 -38.14 26.32
C ASN K 72 17.55 -38.97 25.20
N LYS K 73 16.93 -40.14 25.01
CA LYS K 73 17.46 -41.10 24.06
C LYS K 73 17.40 -40.54 22.63
N GLN K 74 16.49 -39.58 22.39
CA GLN K 74 16.35 -38.91 21.07
C GLN K 74 17.43 -37.86 20.84
N SER K 75 17.99 -37.34 21.90
CA SER K 75 19.03 -36.30 21.76
C SER K 75 20.29 -36.89 21.17
N THR K 76 20.99 -36.08 20.34
CA THR K 76 22.23 -36.48 19.72
C THR K 76 23.42 -36.51 20.71
N ILE K 77 23.21 -36.04 21.94
CA ILE K 77 24.30 -35.81 22.90
C ILE K 77 25.04 -37.13 23.23
N GLY K 78 24.27 -38.23 23.32
CA GLY K 78 24.87 -39.58 23.55
C GLY K 78 25.78 -40.00 22.41
N TYR K 79 25.19 -40.06 21.23
CA TYR K 79 25.79 -40.32 19.91
C TYR K 79 27.07 -39.46 19.69
N LEU K 80 27.04 -38.17 20.05
CA LEU K 80 28.18 -37.29 19.80
C LEU K 80 29.25 -37.19 20.90
N ASP K 81 28.91 -37.54 22.14
CA ASP K 81 29.76 -37.32 23.31
C ASP K 81 31.09 -38.00 23.22
N LYS K 82 31.09 -39.23 22.72
CA LYS K 82 32.35 -39.95 22.63
C LYS K 82 33.02 -39.75 21.29
N TYR K 83 32.49 -38.89 20.44
CA TYR K 83 33.00 -38.78 19.11
C TYR K 83 34.30 -38.01 19.08
N PRO K 84 35.20 -38.36 18.15
CA PRO K 84 36.48 -37.64 18.26
C PRO K 84 36.36 -36.16 17.93
N ASN K 85 37.16 -35.34 18.61
CA ASN K 85 37.22 -33.92 18.39
C ASN K 85 35.94 -33.19 18.83
N THR K 86 35.10 -33.85 19.64
CA THR K 86 33.80 -33.39 19.93
C THR K 86 33.63 -33.32 21.44
N LYS K 87 33.36 -32.12 21.95
CA LYS K 87 33.06 -31.92 23.36
C LYS K 87 31.61 -31.47 23.50
N VAL K 88 30.88 -32.10 24.42
CA VAL K 88 29.53 -31.71 24.71
C VAL K 88 29.39 -31.35 26.16
N CYS K 89 28.43 -30.51 26.47
CA CYS K 89 28.14 -30.19 27.83
C CYS K 89 26.69 -29.77 27.92
N LEU K 90 26.23 -29.64 29.15
CA LEU K 90 24.85 -29.36 29.44
C LEU K 90 24.78 -28.09 30.24
N LEU K 91 23.84 -27.22 29.90
CA LEU K 91 23.70 -25.93 30.57
C LEU K 91 22.23 -25.66 30.96
N LYS K 92 21.95 -25.34 32.23
CA LYS K 92 20.60 -24.97 32.67
C LYS K 92 20.53 -23.47 32.76
N GLY K 93 19.32 -22.89 32.61
CA GLY K 93 19.16 -21.48 32.87
C GLY K 93 19.22 -21.11 34.32
N LEU K 94 18.80 -19.88 34.61
CA LEU K 94 18.90 -19.32 35.97
C LEU K 94 17.59 -19.60 36.72
N LYS K 95 17.66 -19.70 38.05
CA LYS K 95 16.47 -19.85 38.87
C LYS K 95 15.56 -18.60 38.77
N ALA K 96 14.27 -18.84 38.50
CA ALA K 96 13.26 -17.79 38.50
C ALA K 96 13.13 -17.18 39.90
N LYS K 97 12.89 -15.88 39.91
CA LYS K 97 12.74 -15.10 41.14
C LYS K 97 11.25 -15.10 41.56
N ASN K 98 10.35 -15.11 40.58
CA ASN K 98 8.89 -15.19 40.78
C ASN K 98 8.32 -16.62 40.64
N GLY K 99 9.17 -17.64 40.66
CA GLY K 99 8.72 -19.04 40.68
C GLY K 99 9.79 -19.93 41.31
N ASN K 100 9.51 -21.24 41.41
CA ASN K 100 10.49 -22.23 41.93
C ASN K 100 10.83 -23.29 40.83
N TYR K 101 11.40 -22.79 39.73
CA TYR K 101 12.00 -23.61 38.64
C TYR K 101 13.24 -22.84 38.08
N TYR K 102 14.03 -23.55 37.26
CA TYR K 102 15.15 -22.95 36.47
C TYR K 102 14.74 -22.61 35.01
N GLY K 103 15.44 -21.65 34.43
CA GLY K 103 15.28 -21.32 33.01
C GLY K 103 15.98 -22.39 32.20
N ILE K 104 16.10 -22.11 30.90
CA ILE K 104 16.54 -23.04 29.95
C ILE K 104 17.62 -22.37 29.13
N MET K 105 18.41 -23.21 28.49
CA MET K 105 19.36 -22.80 27.44
C MET K 105 18.66 -22.88 26.06
N ASN K 106 18.03 -21.80 25.67
CA ASN K 106 17.16 -21.86 24.48
C ASN K 106 17.82 -21.39 23.19
N GLN K 107 19.10 -21.04 23.24
CA GLN K 107 19.79 -20.59 21.97
C GLN K 107 19.85 -21.65 20.87
N LYS K 108 19.88 -21.23 19.59
CA LYS K 108 20.09 -22.11 18.45
C LYS K 108 21.10 -21.42 17.59
N VAL K 109 22.38 -21.67 17.92
CA VAL K 109 23.50 -20.91 17.41
C VAL K 109 24.56 -21.88 16.93
N ALA K 110 25.14 -21.59 15.77
CA ALA K 110 26.37 -22.17 15.30
C ALA K 110 27.35 -21.11 14.85
N ILE K 111 28.58 -21.23 15.30
CA ILE K 111 29.66 -20.31 14.94
C ILE K 111 30.72 -21.23 14.28
N ILE K 112 31.00 -20.93 13.01
CA ILE K 112 31.84 -21.70 12.17
C ILE K 112 33.15 -20.92 12.05
N ASP K 113 34.24 -21.52 12.41
CA ASP K 113 35.55 -20.81 12.29
C ASP K 113 35.43 -19.41 12.86
N ASP K 114 35.97 -18.39 12.22
CA ASP K 114 35.75 -17.01 12.64
C ASP K 114 35.04 -16.35 11.45
N LYS K 115 34.19 -17.13 10.74
CA LYS K 115 33.70 -16.77 9.40
C LYS K 115 32.16 -16.55 9.32
N ILE K 116 31.40 -17.39 10.02
CA ILE K 116 29.92 -17.45 9.89
C ILE K 116 29.28 -17.60 11.25
N VAL K 117 28.14 -16.94 11.48
CA VAL K 117 27.30 -17.32 12.59
C VAL K 117 25.91 -17.58 12.09
N PHE K 118 25.35 -18.76 12.50
CA PHE K 118 23.91 -19.01 12.31
C PHE K 118 23.12 -18.73 13.61
N LEU K 119 21.96 -18.08 13.49
CA LEU K 119 21.09 -18.02 14.64
C LEU K 119 19.66 -17.94 14.10
N GLY K 120 18.70 -17.97 14.99
CA GLY K 120 17.34 -17.96 14.62
C GLY K 120 16.49 -18.69 15.63
N SER K 121 15.34 -19.13 15.15
CA SER K 121 14.33 -19.73 15.98
C SER K 121 14.27 -21.24 15.93
N ALA K 122 14.96 -21.85 14.98
CA ALA K 122 14.85 -23.25 14.70
C ALA K 122 15.70 -24.17 15.60
N ASN K 123 15.06 -25.00 16.41
CA ASN K 123 15.75 -26.12 16.95
C ASN K 123 16.24 -27.08 15.85
N TRP K 124 17.24 -27.93 16.16
CA TRP K 124 17.83 -28.77 15.17
C TRP K 124 17.08 -30.10 15.20
N SER K 125 15.89 -30.04 14.63
CA SER K 125 14.92 -31.17 14.61
C SER K 125 14.34 -31.28 13.22
N LYS K 126 13.97 -32.52 12.81
CA LYS K 126 13.11 -32.69 11.64
C LYS K 126 11.84 -31.82 11.78
N ASN K 127 11.28 -31.67 12.97
CA ASN K 127 10.12 -30.74 13.16
C ASN K 127 10.37 -29.36 12.59
N ALA K 128 11.41 -28.77 13.07
CA ALA K 128 11.77 -27.45 12.65
C ALA K 128 11.93 -27.32 11.16
N PHE K 129 12.58 -28.30 10.55
CA PHE K 129 13.03 -28.24 9.14
C PHE K 129 12.10 -28.86 8.13
N GLU K 130 10.99 -29.40 8.64
CA GLU K 130 9.95 -30.02 7.80
C GLU K 130 8.59 -29.37 8.00
N ASN K 131 8.21 -29.13 9.27
CA ASN K 131 6.85 -28.73 9.64
C ASN K 131 6.56 -27.32 10.14
N ASN K 132 7.58 -26.55 10.52
CA ASN K 132 7.36 -25.39 11.30
C ASN K 132 7.58 -24.19 10.51
N TYR K 133 6.98 -23.07 11.00
CA TYR K 133 7.44 -21.75 10.67
C TYR K 133 8.66 -21.41 11.52
N GLU K 134 9.72 -20.95 10.88
CA GLU K 134 10.96 -20.58 11.61
C GLU K 134 11.65 -19.48 10.87
N VAL K 135 12.65 -18.87 11.51
CA VAL K 135 13.60 -18.08 10.77
C VAL K 135 15.03 -18.61 11.10
N LEU K 136 15.85 -18.65 10.05
CA LEU K 136 17.33 -18.92 10.24
C LEU K 136 18.12 -17.80 9.54
N LEU K 137 18.98 -17.12 10.29
CA LEU K 137 19.80 -16.10 9.75
C LEU K 137 21.28 -16.59 9.74
N LYS K 138 21.88 -16.52 8.57
CA LYS K 138 23.38 -16.65 8.40
C LYS K 138 24.00 -15.29 8.21
N THR K 139 25.06 -14.94 8.95
CA THR K 139 25.78 -13.68 8.73
C THR K 139 27.30 -13.91 8.73
N ASP K 140 28.03 -13.05 8.01
CA ASP K 140 29.48 -13.03 8.08
C ASP K 140 29.99 -11.70 8.68
N ASP K 141 29.14 -10.99 9.38
CA ASP K 141 29.47 -9.74 10.01
C ASP K 141 30.45 -9.99 11.14
N THR K 142 31.64 -9.38 11.07
CA THR K 142 32.73 -9.68 11.98
C THR K 142 32.39 -9.20 13.38
N GLU K 143 31.66 -8.10 13.49
CA GLU K 143 31.23 -7.64 14.81
C GLU K 143 30.32 -8.71 15.43
N THR K 144 29.48 -9.35 14.61
CA THR K 144 28.50 -10.30 15.16
C THR K 144 29.25 -11.58 15.61
N ILE K 145 30.13 -12.00 14.73
CA ILE K 145 30.99 -13.17 14.98
C ILE K 145 31.83 -12.96 16.28
N LEU K 146 32.41 -11.78 16.45
CA LEU K 146 33.26 -11.51 17.61
C LEU K 146 32.52 -11.57 18.92
N LYS K 147 31.35 -10.93 18.96
CA LYS K 147 30.55 -10.92 20.14
C LYS K 147 29.98 -12.34 20.44
N ALA K 148 29.56 -13.06 19.42
CA ALA K 148 29.00 -14.42 19.56
C ALA K 148 30.11 -15.30 20.17
N LYS K 149 31.29 -15.19 19.65
CA LYS K 149 32.42 -15.99 20.19
C LYS K 149 32.85 -15.67 21.60
N SER K 150 32.82 -14.39 21.94
CA SER K 150 33.18 -13.98 23.26
C SER K 150 32.17 -14.54 24.24
N TYR K 151 30.86 -14.42 23.91
CA TYR K 151 29.90 -14.95 24.85
C TYR K 151 29.86 -16.48 24.91
N TYR K 152 30.24 -17.10 23.83
CA TYR K 152 30.29 -18.57 23.78
C TYR K 152 31.33 -19.10 24.81
N GLN K 153 32.47 -18.41 24.89
CA GLN K 153 33.57 -18.89 25.81
C GLN K 153 33.08 -18.61 27.21
N LYS K 154 32.31 -17.53 27.42
CA LYS K 154 31.68 -17.27 28.66
C LYS K 154 30.75 -18.36 29.10
N MET K 155 29.85 -18.79 28.21
CA MET K 155 28.88 -19.81 28.54
CA MET K 155 28.89 -19.81 28.55
C MET K 155 29.62 -21.13 28.84
N LEU K 156 30.68 -21.38 28.12
CA LEU K 156 31.51 -22.57 28.36
C LEU K 156 32.03 -22.59 29.79
N GLU K 157 32.19 -21.44 30.46
CA GLU K 157 32.55 -21.42 31.90
C GLU K 157 31.53 -22.06 32.82
N SER K 158 30.25 -21.92 32.42
CA SER K 158 29.11 -22.35 33.21
C SER K 158 28.60 -23.71 32.95
N CYS K 159 29.04 -24.35 31.90
CA CYS K 159 28.32 -25.55 31.47
C CYS K 159 28.99 -26.80 32.06
N VAL K 160 28.20 -27.88 32.16
CA VAL K 160 28.58 -29.10 32.89
C VAL K 160 28.79 -30.29 31.91
N GLY K 161 29.89 -31.04 31.99
CA GLY K 161 30.11 -32.22 31.12
C GLY K 161 28.98 -33.25 31.16
N PHE K 162 28.79 -33.97 30.05
CA PHE K 162 27.64 -34.87 29.94
C PHE K 162 27.61 -35.99 31.02
N GLU L 4 27.68 0.74 6.82
CA GLU L 4 26.33 1.20 6.33
C GLU L 4 25.18 0.73 7.24
N PHE L 5 25.15 -0.57 7.49
CA PHE L 5 24.11 -1.17 8.32
C PHE L 5 24.74 -1.74 9.56
N LYS L 6 23.91 -2.11 10.52
CA LYS L 6 24.35 -2.57 11.81
C LYS L 6 23.58 -3.85 12.16
N ASN L 7 24.26 -4.94 12.46
CA ASN L 7 23.66 -6.04 13.26
C ASN L 7 23.96 -5.80 14.75
N SER L 8 22.97 -5.84 15.61
CA SER L 8 23.18 -5.62 17.06
C SER L 8 22.76 -6.92 17.73
N LEU L 9 23.76 -7.76 18.08
CA LEU L 9 23.48 -8.97 18.86
C LEU L 9 23.42 -8.75 20.33
N PHE L 10 22.40 -9.31 20.93
CA PHE L 10 22.25 -9.35 22.37
C PHE L 10 22.31 -10.85 22.78
N VAL L 11 23.17 -11.13 23.79
CA VAL L 11 23.25 -12.50 24.30
C VAL L 11 22.75 -12.55 25.73
N LEU L 12 21.67 -13.28 25.91
CA LEU L 12 21.00 -13.40 27.23
C LEU L 12 21.51 -14.64 27.98
N PRO L 13 21.54 -14.59 29.33
CA PRO L 13 21.00 -13.62 30.19
C PRO L 13 21.83 -12.40 30.49
N TYR L 14 23.09 -12.42 30.01
CA TYR L 14 24.08 -11.37 30.28
C TYR L 14 23.55 -10.00 29.86
N GLU L 15 22.92 -9.96 28.68
CA GLU L 15 22.41 -8.70 28.15
C GLU L 15 20.89 -8.67 28.14
N GLN L 16 20.26 -9.39 29.07
CA GLN L 16 18.78 -9.38 29.07
C GLN L 16 18.08 -8.00 29.18
N ARG L 17 18.62 -7.09 29.96
CA ARG L 17 18.00 -5.81 30.10
C ARG L 17 18.16 -4.99 28.87
N ASP L 18 19.35 -4.96 28.28
CA ASP L 18 19.58 -4.26 27.01
C ASP L 18 18.71 -4.77 25.86
N ALA L 19 18.61 -6.12 25.80
CA ALA L 19 17.85 -6.80 24.79
C ALA L 19 16.35 -6.45 24.94
N LEU L 20 15.80 -6.63 26.12
CA LEU L 20 14.41 -6.14 26.37
C LEU L 20 14.21 -4.69 26.02
N ASN L 21 15.09 -3.80 26.49
CA ASN L 21 14.94 -2.37 26.22
C ASN L 21 14.99 -2.06 24.71
N SER L 22 15.88 -2.70 23.96
CA SER L 22 15.99 -2.52 22.52
C SER L 22 14.67 -2.91 21.86
N LEU L 23 14.20 -4.10 22.19
CA LEU L 23 12.94 -4.55 21.64
C LEU L 23 11.78 -3.58 21.97
N ILE L 24 11.58 -3.24 23.25
CA ILE L 24 10.49 -2.33 23.57
C ILE L 24 10.64 -0.96 23.01
N SER L 25 11.86 -0.46 22.91
CA SER L 25 12.14 0.82 22.27
C SER L 25 11.85 0.77 20.79
N GLY L 26 12.15 -0.34 20.12
CA GLY L 26 11.99 -0.38 18.68
C GLY L 26 10.49 -0.40 18.37
N ILE L 27 9.71 -1.14 19.16
CA ILE L 27 8.21 -1.13 19.06
C ILE L 27 7.66 0.26 19.43
N SER L 28 8.06 0.75 20.57
CA SER L 28 7.59 2.06 21.05
C SER L 28 7.87 3.26 20.17
N SER L 29 8.97 3.25 19.43
CA SER L 29 9.32 4.36 18.47
C SER L 29 8.89 4.07 17.02
N ALA L 30 8.05 3.07 16.81
CA ALA L 30 7.56 2.87 15.44
C ALA L 30 6.69 4.08 15.03
N ARG L 31 6.82 4.41 13.75
CA ARG L 31 6.12 5.55 13.16
C ARG L 31 5.03 5.14 12.22
N GLU L 32 5.02 3.89 11.75
CA GLU L 32 4.10 3.46 10.71
C GLU L 32 3.48 2.09 10.99
N SER L 33 4.30 1.04 11.18
CA SER L 33 3.78 -0.33 11.22
C SER L 33 4.63 -1.17 12.15
N VAL L 34 4.00 -2.13 12.80
CA VAL L 34 4.72 -3.11 13.65
C VAL L 34 4.13 -4.44 13.25
N LYS L 35 4.98 -5.32 12.75
CA LYS L 35 4.60 -6.61 12.27
C LYS L 35 5.31 -7.68 13.04
N ILE L 36 4.53 -8.50 13.73
CA ILE L 36 5.04 -9.49 14.63
C ILE L 36 4.60 -10.91 14.32
N ALA L 37 5.56 -11.83 14.40
CA ALA L 37 5.23 -13.26 14.38
C ALA L 37 5.83 -13.89 15.60
N ILE L 38 5.06 -14.49 16.47
CA ILE L 38 5.58 -14.85 17.84
C ILE L 38 4.92 -16.08 18.37
N TYR L 39 5.78 -17.03 18.71
CA TYR L 39 5.37 -18.24 19.37
C TYR L 39 4.64 -18.16 20.69
N SER L 40 5.29 -17.55 21.69
CA SER L 40 4.76 -17.38 23.03
C SER L 40 4.98 -15.91 23.38
N PHE L 41 3.91 -15.21 23.81
CA PHE L 41 3.93 -13.82 24.07
C PHE L 41 3.04 -13.56 25.28
N THR L 42 3.69 -13.59 26.44
CA THR L 42 3.01 -13.44 27.74
C THR L 42 3.45 -12.21 28.52
N HIS L 43 4.49 -11.51 28.01
CA HIS L 43 5.17 -10.46 28.70
C HIS L 43 4.36 -9.19 28.64
N ARG L 44 3.87 -8.84 29.82
CA ARG L 44 2.94 -7.76 29.98
C ARG L 44 3.52 -6.44 29.63
N ASP L 45 4.81 -6.18 29.97
CA ASP L 45 5.38 -4.90 29.56
C ASP L 45 5.50 -4.73 28.01
N ILE L 46 5.82 -5.81 27.27
CA ILE L 46 5.98 -5.70 25.83
C ILE L 46 4.53 -5.45 25.31
N ALA L 47 3.52 -6.10 25.86
CA ALA L 47 2.12 -5.82 25.41
C ALA L 47 1.66 -4.36 25.65
N ARG L 48 2.11 -3.77 26.76
CA ARG L 48 1.81 -2.33 27.02
C ARG L 48 2.39 -1.42 26.00
N ALA L 49 3.61 -1.71 25.65
CA ALA L 49 4.33 -0.98 24.64
C ALA L 49 3.63 -1.03 23.29
N ILE L 50 3.12 -2.23 22.91
CA ILE L 50 2.29 -2.39 21.68
C ILE L 50 1.04 -1.53 21.75
N LYS L 51 0.32 -1.63 22.87
CA LYS L 51 -0.89 -0.83 23.06
C LYS L 51 -0.54 0.65 22.97
N SER L 52 0.60 1.01 23.53
CA SER L 52 1.04 2.38 23.54
C SER L 52 1.30 2.88 22.12
N VAL L 53 1.96 2.10 21.26
CA VAL L 53 2.20 2.51 19.87
C VAL L 53 0.92 2.49 19.01
N ALA L 54 0.09 1.46 19.18
CA ALA L 54 -1.16 1.38 18.45
C ALA L 54 -2.01 2.65 18.79
N SER L 55 -1.94 3.14 20.03
CA SER L 55 -2.61 4.39 20.44
C SER L 55 -2.18 5.66 19.74
N ARG L 56 -1.04 5.61 19.07
CA ARG L 56 -0.51 6.73 18.34
C ARG L 56 -0.95 6.58 16.90
N GLY L 57 -1.69 5.55 16.58
CA GLY L 57 -2.17 5.37 15.18
C GLY L 57 -1.36 4.42 14.33
N ILE L 58 -0.38 3.77 14.95
CA ILE L 58 0.45 2.79 14.27
C ILE L 58 -0.34 1.46 14.05
N LYS L 59 -0.25 0.90 12.85
CA LYS L 59 -0.86 -0.36 12.44
C LYS L 59 -0.08 -1.60 12.85
N VAL L 60 -0.59 -2.28 13.88
CA VAL L 60 0.11 -3.48 14.42
C VAL L 60 -0.54 -4.73 13.98
N GLN L 61 0.26 -5.73 13.63
CA GLN L 61 -0.25 -7.04 13.15
C GLN L 61 0.55 -8.09 13.89
N ILE L 62 -0.15 -9.03 14.53
CA ILE L 62 0.52 -10.05 15.32
C ILE L 62 0.04 -11.44 14.90
N ILE L 63 0.94 -12.26 14.43
CA ILE L 63 0.63 -13.64 14.12
C ILE L 63 1.16 -14.48 15.29
N TYR L 64 0.28 -15.09 16.00
CA TYR L 64 0.65 -15.96 17.10
C TYR L 64 0.60 -17.44 16.70
N ASP L 65 1.35 -18.30 17.40
CA ASP L 65 1.24 -19.72 17.16
C ASP L 65 -0.11 -20.14 17.58
N TYR L 66 -0.74 -20.93 16.73
CA TYR L 66 -2.10 -21.37 17.00
C TYR L 66 -2.24 -22.22 18.29
N GLU L 67 -1.52 -23.30 18.35
CA GLU L 67 -1.61 -24.19 19.52
C GLU L 67 -1.37 -23.50 20.88
N SER L 68 -0.43 -22.56 20.90
CA SER L 68 0.03 -21.90 22.09
C SER L 68 -0.93 -20.81 22.49
N ASN L 69 -1.66 -20.23 21.53
CA ASN L 69 -2.40 -19.01 21.82
C ASN L 69 -3.92 -19.04 21.59
N HIS L 70 -4.41 -20.03 20.84
CA HIS L 70 -5.86 -20.11 20.54
C HIS L 70 -6.73 -20.18 21.80
N ASN L 71 -6.22 -20.74 22.89
CA ASN L 71 -7.05 -20.84 24.11
C ASN L 71 -6.17 -20.85 25.33
N ASN L 72 -5.60 -19.71 25.61
CA ASN L 72 -4.61 -19.62 26.65
C ASN L 72 -4.74 -18.33 27.45
N LYS L 73 -5.13 -18.43 28.73
CA LYS L 73 -5.35 -17.24 29.58
C LYS L 73 -4.11 -16.39 29.74
N GLN L 74 -2.92 -16.99 29.69
CA GLN L 74 -1.66 -16.24 29.86
C GLN L 74 -1.23 -15.53 28.60
N SER L 75 -1.82 -15.87 27.45
CA SER L 75 -1.38 -15.18 26.23
C SER L 75 -1.92 -13.78 26.30
N THR L 76 -1.16 -12.84 25.73
CA THR L 76 -1.59 -11.51 25.46
C THR L 76 -2.60 -11.38 24.35
N ILE L 77 -2.92 -12.45 23.58
CA ILE L 77 -3.73 -12.28 22.38
C ILE L 77 -5.13 -11.68 22.76
N GLY L 78 -5.72 -12.14 23.87
CA GLY L 78 -7.01 -11.55 24.30
C GLY L 78 -6.84 -10.10 24.79
N TYR L 79 -5.78 -9.84 25.57
CA TYR L 79 -5.44 -8.47 26.03
C TYR L 79 -5.23 -7.51 24.86
N LEU L 80 -4.77 -8.00 23.67
CA LEU L 80 -4.58 -7.14 22.44
C LEU L 80 -5.63 -7.18 21.31
N ASP L 81 -6.34 -8.26 21.19
CA ASP L 81 -7.32 -8.54 20.12
C ASP L 81 -8.25 -7.40 19.73
N LYS L 82 -8.88 -6.81 20.70
CA LYS L 82 -9.86 -5.78 20.32
C LYS L 82 -9.28 -4.36 20.26
N TYR L 83 -7.97 -4.22 20.26
CA TYR L 83 -7.39 -2.94 20.50
C TYR L 83 -7.34 -2.19 19.20
N PRO L 84 -7.60 -0.88 19.23
CA PRO L 84 -7.53 -0.16 18.02
C PRO L 84 -6.20 -0.34 17.25
N ASN L 85 -6.32 -0.26 15.95
CA ASN L 85 -5.22 -0.46 15.02
C ASN L 85 -4.44 -1.81 15.15
N THR L 86 -4.95 -2.77 15.92
CA THR L 86 -4.22 -4.02 16.24
C THR L 86 -5.01 -5.16 15.60
N LYS L 87 -4.35 -5.93 14.76
CA LYS L 87 -4.88 -7.14 14.15
C LYS L 87 -4.07 -8.34 14.66
N VAL L 88 -4.74 -9.23 15.36
CA VAL L 88 -4.11 -10.46 15.80
C VAL L 88 -4.74 -11.62 14.98
N CYS L 89 -3.94 -12.66 14.73
CA CYS L 89 -4.37 -13.92 14.13
C CYS L 89 -3.48 -15.08 14.54
N LEU L 90 -3.81 -16.28 14.13
CA LEU L 90 -3.20 -17.50 14.60
C LEU L 90 -2.74 -18.29 13.43
N LEU L 91 -1.62 -18.99 13.60
CA LEU L 91 -1.06 -19.78 12.54
C LEU L 91 -0.56 -21.09 13.07
N LYS L 92 -1.04 -22.21 12.48
CA LYS L 92 -0.47 -23.54 12.70
C LYS L 92 0.52 -23.88 11.66
N GLY L 93 1.50 -24.66 12.11
CA GLY L 93 2.36 -25.28 11.21
C GLY L 93 1.77 -26.36 10.30
N LEU L 94 2.64 -27.05 9.60
CA LEU L 94 2.26 -28.11 8.62
C LEU L 94 2.10 -29.50 9.23
N LYS L 95 1.27 -30.31 8.55
CA LYS L 95 1.13 -31.72 8.97
C LYS L 95 2.40 -32.49 8.80
N ALA L 96 2.80 -33.19 9.85
CA ALA L 96 3.98 -34.05 9.82
C ALA L 96 3.82 -35.13 8.77
N LYS L 97 4.89 -35.43 8.05
CA LYS L 97 4.91 -36.50 7.03
C LYS L 97 4.33 -37.78 7.56
N ASN L 98 4.90 -38.24 8.68
CA ASN L 98 4.78 -39.63 9.14
C ASN L 98 4.18 -39.70 10.54
N GLY L 99 3.54 -38.64 10.97
CA GLY L 99 3.03 -38.56 12.32
C GLY L 99 1.61 -38.03 12.32
N ASN L 100 0.97 -38.08 13.49
CA ASN L 100 -0.34 -37.56 13.62
C ASN L 100 -0.29 -36.22 14.38
N TYR L 101 0.39 -35.20 13.83
CA TYR L 101 0.41 -33.90 14.48
C TYR L 101 0.77 -32.81 13.47
N TYR L 102 0.61 -31.56 13.89
CA TYR L 102 1.00 -30.42 13.11
C TYR L 102 2.22 -29.73 13.79
N GLY L 103 3.03 -29.14 12.92
CA GLY L 103 4.01 -28.14 13.32
C GLY L 103 3.48 -26.93 14.04
N ILE L 104 4.45 -26.08 14.32
CA ILE L 104 4.27 -24.84 15.06
C ILE L 104 4.79 -23.68 14.35
N MET L 105 4.23 -22.52 14.74
CA MET L 105 4.70 -21.20 14.19
C MET L 105 5.67 -20.74 15.32
N ASN L 106 6.92 -21.09 15.11
CA ASN L 106 7.95 -20.89 16.14
C ASN L 106 8.72 -19.62 15.99
N GLN L 107 8.43 -18.79 15.02
CA GLN L 107 9.18 -17.54 14.86
C GLN L 107 9.02 -16.63 16.04
N LYS L 108 10.11 -15.85 16.29
CA LYS L 108 10.09 -14.73 17.21
C LYS L 108 10.63 -13.58 16.45
N VAL L 109 9.73 -12.80 15.81
CA VAL L 109 10.18 -11.83 14.77
C VAL L 109 9.34 -10.55 14.92
N ALA L 110 9.98 -9.37 14.89
CA ALA L 110 9.28 -8.06 14.90
C ALA L 110 9.90 -7.22 13.78
N ILE L 111 9.04 -6.73 12.87
CA ILE L 111 9.48 -5.82 11.78
C ILE L 111 8.89 -4.43 12.06
N ILE L 112 9.77 -3.44 12.22
CA ILE L 112 9.35 -2.08 12.65
C ILE L 112 9.43 -1.20 11.42
N ASP L 113 8.29 -0.62 11.00
CA ASP L 113 8.25 0.42 9.93
C ASP L 113 8.96 -0.04 8.67
N ASP L 114 8.99 -1.32 8.41
CA ASP L 114 9.84 -1.77 7.28
C ASP L 114 11.34 -1.24 7.26
N LYS L 115 11.90 -0.90 8.44
CA LYS L 115 13.28 -0.41 8.61
C LYS L 115 14.19 -1.14 9.66
N ILE L 116 13.60 -1.93 10.57
CA ILE L 116 14.33 -2.68 11.59
C ILE L 116 13.68 -4.05 11.68
N VAL L 117 14.46 -5.10 11.75
CA VAL L 117 13.94 -6.47 12.05
C VAL L 117 14.62 -6.99 13.37
N PHE L 118 13.82 -7.53 14.30
CA PHE L 118 14.29 -8.26 15.51
C PHE L 118 14.00 -9.70 15.28
N LEU L 119 15.03 -10.57 15.42
CA LEU L 119 14.80 -11.99 15.35
C LEU L 119 15.73 -12.67 16.37
N GLY L 120 15.49 -13.93 16.57
CA GLY L 120 16.34 -14.72 17.52
C GLY L 120 15.62 -15.91 18.07
N SER L 121 16.07 -16.31 19.26
CA SER L 121 15.49 -17.45 20.04
C SER L 121 14.48 -17.04 21.11
N ALA L 122 14.35 -15.76 21.47
CA ALA L 122 13.62 -15.43 22.70
C ALA L 122 12.16 -15.32 22.45
N ASN L 123 11.37 -16.11 23.15
CA ASN L 123 9.92 -15.86 23.27
C ASN L 123 9.74 -14.58 24.05
N TRP L 124 8.54 -14.00 23.91
CA TRP L 124 8.23 -12.72 24.54
C TRP L 124 7.58 -13.00 25.91
N SER L 125 8.47 -13.37 26.80
CA SER L 125 8.11 -13.82 28.14
C SER L 125 9.07 -13.32 29.17
N LYS L 126 8.61 -13.25 30.43
CA LYS L 126 9.53 -13.01 31.56
C LYS L 126 10.58 -14.14 31.62
N ASN L 127 10.15 -15.37 31.44
CA ASN L 127 11.09 -16.50 31.38
C ASN L 127 12.23 -16.15 30.43
N ALA L 128 11.93 -15.76 29.16
CA ALA L 128 12.99 -15.59 28.21
C ALA L 128 13.90 -14.44 28.63
N PHE L 129 13.31 -13.36 29.09
CA PHE L 129 14.00 -12.17 29.43
C PHE L 129 14.63 -12.13 30.82
N GLU L 130 14.38 -13.16 31.62
CA GLU L 130 14.90 -13.13 32.99
C GLU L 130 15.73 -14.37 33.33
N ASN L 131 15.40 -15.53 32.80
CA ASN L 131 15.93 -16.80 33.28
C ASN L 131 16.74 -17.53 32.22
N ASN L 132 16.53 -17.24 30.95
CA ASN L 132 17.04 -18.14 29.94
C ASN L 132 18.31 -17.60 29.27
N TYR L 133 19.05 -18.52 28.69
CA TYR L 133 20.09 -18.19 27.68
C TYR L 133 19.32 -18.04 26.34
N GLU L 134 19.53 -16.95 25.66
CA GLU L 134 18.84 -16.68 24.41
C GLU L 134 19.76 -15.92 23.58
N VAL L 135 19.43 -15.71 22.29
CA VAL L 135 19.96 -14.65 21.48
C VAL L 135 18.88 -13.76 20.87
N LEU L 136 19.14 -12.48 20.76
CA LEU L 136 18.19 -11.50 20.11
C LEU L 136 19.08 -10.70 19.18
N LEU L 137 18.76 -10.66 17.89
CA LEU L 137 19.48 -9.84 16.95
C LEU L 137 18.58 -8.71 16.42
N LYS L 138 19.05 -7.48 16.44
CA LYS L 138 18.39 -6.31 15.75
C LYS L 138 19.21 -6.02 14.49
N THR L 139 18.55 -5.85 13.34
CA THR L 139 19.27 -5.40 12.21
C THR L 139 18.47 -4.35 11.42
N ASP L 140 19.20 -3.48 10.75
CA ASP L 140 18.60 -2.50 9.80
C ASP L 140 19.08 -2.83 8.38
N ASP L 141 19.60 -4.04 8.14
CA ASP L 141 20.11 -4.43 6.87
C ASP L 141 18.92 -4.54 5.87
N THR L 142 18.93 -3.71 4.81
CA THR L 142 17.80 -3.57 3.90
C THR L 142 17.39 -4.90 3.21
N GLU L 143 18.33 -5.74 2.81
CA GLU L 143 18.01 -7.01 2.18
C GLU L 143 17.26 -7.98 3.10
N THR L 144 17.68 -8.02 4.38
CA THR L 144 17.04 -8.81 5.45
C THR L 144 15.62 -8.28 5.73
N ILE L 145 15.49 -6.98 5.87
CA ILE L 145 14.20 -6.36 6.13
C ILE L 145 13.22 -6.67 4.98
N LEU L 146 13.69 -6.54 3.75
CA LEU L 146 12.79 -6.65 2.59
C LEU L 146 12.25 -8.08 2.52
N LYS L 147 13.14 -9.03 2.74
CA LYS L 147 12.77 -10.41 2.67
C LYS L 147 11.83 -10.84 3.81
N ALA L 148 12.14 -10.39 5.05
CA ALA L 148 11.25 -10.66 6.17
C ALA L 148 9.86 -10.12 5.82
N LYS L 149 9.84 -8.84 5.42
CA LYS L 149 8.54 -8.09 5.13
C LYS L 149 7.63 -8.87 4.13
N SER L 150 8.22 -9.30 3.00
CA SER L 150 7.50 -9.99 1.93
CA SER L 150 7.50 -9.98 1.93
C SER L 150 6.96 -11.34 2.40
N TYR L 151 7.76 -12.12 3.12
CA TYR L 151 7.26 -13.35 3.71
C TYR L 151 6.24 -13.16 4.88
N TYR L 152 6.30 -12.05 5.56
CA TYR L 152 5.32 -11.79 6.62
C TYR L 152 3.94 -11.73 5.94
N GLN L 153 3.86 -10.98 4.83
CA GLN L 153 2.61 -10.86 4.06
CA GLN L 153 2.58 -10.85 4.09
C GLN L 153 2.12 -12.18 3.54
N LYS L 154 3.06 -13.04 3.14
CA LYS L 154 2.72 -14.39 2.72
C LYS L 154 2.12 -15.19 3.80
N MET L 155 2.75 -15.14 5.00
CA MET L 155 2.23 -15.87 6.15
C MET L 155 0.82 -15.31 6.51
N LEU L 156 0.63 -14.01 6.43
CA LEU L 156 -0.68 -13.43 6.81
C LEU L 156 -1.85 -14.09 6.04
N GLU L 157 -1.61 -14.54 4.80
CA GLU L 157 -2.68 -15.20 4.00
C GLU L 157 -3.20 -16.53 4.53
N SER L 158 -2.38 -17.22 5.33
CA SER L 158 -2.71 -18.50 5.87
C SER L 158 -3.20 -18.41 7.30
N CYS L 159 -3.02 -17.26 7.94
CA CYS L 159 -3.40 -17.16 9.36
CA CYS L 159 -3.44 -17.09 9.33
C CYS L 159 -4.93 -17.07 9.45
N VAL L 160 -5.40 -17.47 10.61
CA VAL L 160 -6.86 -17.59 10.90
C VAL L 160 -7.18 -16.67 12.07
N GLY L 161 -8.43 -16.20 12.17
CA GLY L 161 -8.74 -15.20 13.20
C GLY L 161 -8.71 -15.77 14.63
N PHE L 162 -8.69 -14.89 15.62
CA PHE L 162 -8.63 -15.38 17.01
C PHE L 162 -9.96 -15.85 17.58
C ACT M . 8.28 32.78 0.14
O ACT M . 9.17 31.91 -0.20
OXT ACT M . 8.11 33.80 -0.53
CH3 ACT M . 7.39 32.61 1.33
C1 GOL N . 14.37 36.37 -9.44
O1 GOL N . 14.21 35.78 -10.68
C2 GOL N . 13.25 37.29 -9.21
O2 GOL N . 12.38 36.66 -8.26
C3 GOL N . 13.78 38.64 -8.71
O3 GOL N . 12.79 39.39 -8.01
CL CL O . 17.24 34.54 -3.13
C ACT P . 18.71 27.31 3.24
O ACT P . 17.89 28.31 3.37
OXT ACT P . 19.87 27.46 2.79
CH3 ACT P . 18.36 25.88 3.67
C1 GOL Q . 24.54 35.81 -1.57
O1 GOL Q . 24.02 35.09 -0.45
C2 GOL Q . 24.09 37.25 -1.61
O2 GOL Q . 23.93 37.80 -0.38
C3 GOL Q . 25.08 38.22 -2.13
O3 GOL Q . 24.39 39.48 -2.17
C ACT R . 14.05 28.55 40.71
O ACT R . 13.12 28.63 41.49
OXT ACT R . 14.94 27.68 40.78
CH3 ACT R . 14.03 29.59 39.68
C1 GOL S . 12.40 21.71 48.24
O1 GOL S . 12.50 20.51 47.50
C2 GOL S . 11.60 21.74 49.53
O2 GOL S . 12.48 21.65 50.66
C3 GOL S . 10.91 23.09 49.59
O3 GOL S . 9.47 22.94 49.32
CL CL T . 12.98 19.29 43.07
C ACT U . 19.08 18.65 35.60
O ACT U . 19.18 17.47 35.97
OXT ACT U . 18.05 19.38 35.71
CH3 ACT U . 20.36 19.17 35.02
C1 GOL V . 9.37 12.77 42.06
O1 GOL V . 8.15 12.25 41.62
C2 GOL V . 10.34 12.16 41.09
O2 GOL V . 9.83 12.55 39.82
C3 GOL V . 11.76 12.72 41.23
O3 GOL V . 12.60 12.37 40.14
C ACT W . -29.93 -10.61 1.29
O ACT W . -30.87 -10.53 2.15
OXT ACT W . -29.03 -11.57 1.28
CH3 ACT W . -29.89 -9.52 0.29
C1 GOL X . -31.64 -17.87 10.81
O1 GOL X . -32.08 -18.77 11.80
C2 GOL X . -32.88 -17.45 10.06
O2 GOL X . -33.84 -17.01 11.02
C3 GOL X . -32.66 -16.29 9.18
O3 GOL X . -33.90 -15.60 8.88
CL CL Y . -31.18 -19.94 3.24
C ACT Z . 18.19 -14.46 -17.84
O ACT Z . 17.40 -13.44 -17.62
OXT ACT Z . 19.33 -14.36 -18.33
CH3 ACT Z . 17.83 -15.88 -17.47
C1 GOL AA . 23.64 -5.90 -22.17
O1 GOL AA . 23.23 -6.30 -23.41
C2 GOL AA . 23.31 -4.42 -22.29
O2 GOL AA . 23.18 -3.87 -21.05
C3 GOL AA . 24.34 -3.61 -23.04
O3 GOL AA . 23.82 -2.36 -23.45
CL CL BA . 16.52 -7.18 -24.08
C ACT CA . -24.71 -20.34 -3.94
O ACT CA . -24.74 -21.55 -3.66
OXT ACT CA . -25.76 -19.58 -3.94
CH3 ACT CA . -23.38 -19.91 -4.44
C1 GOL DA . -31.20 -27.93 1.89
O1 GOL DA . -30.67 -29.28 1.86
C2 GOL DA . -32.17 -27.76 0.73
O2 GOL DA . -33.18 -28.74 0.87
C3 GOL DA . -32.77 -26.39 0.65
O3 GOL DA . -34.22 -26.35 0.28
C ACT EA . 7.66 -9.03 -20.66
O ACT EA . 8.57 -9.89 -20.98
OXT ACT EA . 7.45 -7.98 -21.35
CH3 ACT EA . 6.76 -9.18 -19.44
C1 GOL FA . 13.55 -4.76 -30.69
O1 GOL FA . 13.16 -6.03 -31.16
C2 GOL FA . 12.35 -4.27 -29.95
O2 GOL FA . 11.81 -5.31 -29.14
C3 GOL FA . 12.77 -3.11 -29.06
O3 GOL FA . 12.10 -1.87 -29.40
C ACT GA . -37.00 -7.14 -37.68
O ACT GA . -36.18 -8.04 -37.99
OXT ACT GA . -37.20 -6.13 -38.35
CH3 ACT GA . -37.96 -7.36 -36.55
C1 GOL HA . -31.50 -2.51 -45.60
O1 GOL HA . -32.82 -2.94 -45.42
C2 GOL HA . -31.62 -2.60 -47.08
O2 GOL HA . -31.40 -1.29 -47.63
C3 GOL HA . -30.71 -3.69 -47.63
O3 GOL HA . -29.71 -2.98 -48.36
CL CL IA . -27.97 -5.37 -40.37
C ACT JA . -26.87 -12.95 -34.32
O ACT JA . -27.58 -11.90 -34.16
OXT ACT JA . -25.70 -12.90 -34.77
CH3 ACT JA . -27.37 -14.33 -33.96
C1 GOL KA . -21.33 -4.95 -36.99
O1 GOL KA . -21.28 -6.15 -37.67
C2 GOL KA . -20.93 -4.05 -38.03
O2 GOL KA . -21.57 -4.37 -39.25
C3 GOL KA . -21.40 -2.70 -37.56
O3 GOL KA . -20.89 -1.71 -38.45
C ACT LA . 18.98 -21.80 14.02
O ACT LA . 18.97 -23.01 14.39
OXT ACT LA . 17.95 -21.08 14.04
CH3 ACT LA . 20.28 -21.25 13.61
C1 GOL MA . 11.44 -28.80 17.50
O1 GOL MA . 11.96 -29.64 18.58
C2 GOL MA . 10.28 -27.96 17.98
O2 GOL MA . 9.11 -28.30 17.22
C3 GOL MA . 10.52 -26.47 17.65
O3 GOL MA . 10.60 -25.48 18.70
CL CL NA . 12.13 -21.87 20.84
C ACT OA . 13.30 -12.41 19.49
O ACT OA . 12.34 -12.38 20.28
OXT ACT OA . 14.25 -13.33 19.51
CH3 ACT OA . 13.30 -11.23 18.50
C1 GOL PA . 10.04 -19.18 27.45
O1 GOL PA . 11.08 -20.07 28.00
C2 GOL PA . 8.77 -19.99 27.42
O2 GOL PA . 8.31 -20.06 28.76
C3 GOL PA . 7.61 -19.45 26.62
O3 GOL PA . 6.69 -18.67 27.39
#